data_6CQQ
#
_entry.id   6CQQ
#
_cell.length_a   76.339
_cell.length_b   203.273
_cell.length_c   100.245
_cell.angle_alpha   90.00
_cell.angle_beta   109.16
_cell.angle_gamma   90.00
#
_symmetry.space_group_name_H-M   'P 1 21 1'
#
loop_
_entity.id
_entity.type
_entity.pdbx_description
1 polymer 'HLA class II histocompatibility antigen, DR alpha chain'
2 polymer 'HLA-DRB1 protein'
3 polymer 'Peptide from Capsid protein p24'
4 polymer 'F24 alpha chain'
5 polymer 'F24 beta chain'
6 non-polymer 2-acetamido-2-deoxy-beta-D-glucopyranose
7 non-polymer 'MAGNESIUM ION'
8 non-polymer 'SULFATE ION'
9 non-polymer 1,2-ETHANEDIOL
10 water water
#
loop_
_entity_poly.entity_id
_entity_poly.type
_entity_poly.pdbx_seq_one_letter_code
_entity_poly.pdbx_strand_id
1 'polypeptide(L)'
;IKEEHVIIQAEFYLNPDQSGEFMFDFDGDEIFHVDMAKKETVWRLEEFGRFASFEAQGALANIAVDKANLEIMTKRSNYT
PITNVPPEVTVLTNSPVELREPNVLICFIDKFTPPVVNVTWLRNGKPVTTGVSETVFLPREDHLFRKFHYLPFLPSTEDV
YDCRVEHWGLDEPLLKHWEFDT
;
A,F
2 'polypeptide(L)'
;GDTRPRFLWQPKRECHFFNGTERVRFLDRYFYNQEESVRFDSDVGEFRAVTELGRPDAEYWNSQKDILEQARAAVDTYCR
HNYGVGESFTVQRRVQPKVTVYPSKTQPLQHHNLLVCSVSGFYPGSIEVRWFLNGQEEKAGMVSTGLIQNGDWTFQTLVM
LETVPRSGEVYTCQVEHPSVTSPLTVEWRA
;
B,G
3 'polypeptide(L)' RFYKTLRAEQASQ C,H
4 'polypeptide(L)'
;ILNVEQSPQSLHVQEGDSTNFTCSFPSSNFYALHWYRWETAKSPEALFVMTLNGDEKKKGRISATLNTKEGYSYLYIKGS
QPEDSATYLCAFKAAGNKLTFGGGTRVLVKPNIQNPDPAVYQLRDSKSSDKSVCLFTDFDSQTNVSQSKDSDVYITDKCV
LDMRSMDFKSNSAVAWSNKSDFACANAFNNSIIPEDTFFPSPESS
;
D,I
5 'polypeptide(L)'
;EPEVTQTPSHQVTQMGQEVILRCVPISNHLYFYWYRQILGQKVEFLVSFYNNEISEKSEIFDDQFSVERPDGSNFTLKIR
STKLEDSAMYFCASSRLAGGMDEQFFGPGTRLTVLEDLKNVFPPEVAVFEPSEAEISHTQKATLVCLATGFYPDHVELSW
WVNGKEVHSGVCTDPQPLKEQPALNDSRYALSSRLRVSATFWQNPRNHFRCQVQFYGLSENDEWTQDRAKPVTQIVSAEA
WGRAD
;
E,J
#
loop_
_chem_comp.id
_chem_comp.type
_chem_comp.name
_chem_comp.formula
EDO non-polymer 1,2-ETHANEDIOL 'C2 H6 O2'
MG non-polymer 'MAGNESIUM ION' 'Mg 2'
NAG D-saccharide, beta linking 2-acetamido-2-deoxy-beta-D-glucopyranose 'C8 H15 N O6'
SO4 non-polymer 'SULFATE ION' 'O4 S -2'
#
# COMPACT_ATOMS: atom_id res chain seq x y z
N GLU A 4 10.37 -18.90 -41.14
CA GLU A 4 11.59 -18.10 -40.90
C GLU A 4 11.34 -16.72 -40.29
N HIS A 5 11.76 -16.54 -39.02
CA HIS A 5 11.57 -15.32 -38.24
C HIS A 5 12.84 -14.89 -37.54
N VAL A 6 12.87 -13.63 -37.03
CA VAL A 6 13.99 -13.06 -36.31
C VAL A 6 13.50 -12.15 -35.17
N ILE A 7 13.89 -12.50 -33.92
CA ILE A 7 13.63 -11.72 -32.71
C ILE A 7 14.97 -11.06 -32.34
N ILE A 8 14.96 -9.74 -32.09
CA ILE A 8 16.16 -9.00 -31.73
C ILE A 8 15.94 -8.18 -30.43
N GLN A 9 16.88 -8.31 -29.45
CA GLN A 9 16.93 -7.54 -28.22
C GLN A 9 17.91 -6.48 -28.61
N ALA A 10 17.41 -5.27 -28.92
CA ALA A 10 18.25 -4.18 -29.42
C ALA A 10 18.41 -3.10 -28.40
N GLU A 11 19.64 -2.98 -27.86
CA GLU A 11 19.99 -1.98 -26.86
C GLU A 11 20.92 -0.94 -27.45
N PHE A 12 21.22 0.09 -26.69
CA PHE A 12 22.18 1.14 -26.98
C PHE A 12 22.30 2.04 -25.81
N TYR A 13 23.43 2.68 -25.70
CA TYR A 13 23.69 3.74 -24.76
C TYR A 13 24.55 4.76 -25.52
N LEU A 14 24.20 6.05 -25.38
CA LEU A 14 24.86 7.13 -26.09
C LEU A 14 25.34 8.22 -25.13
N ASN A 15 26.59 8.65 -25.32
CA ASN A 15 27.23 9.71 -24.53
C ASN A 15 27.61 10.90 -25.44
N PRO A 16 27.65 12.15 -24.90
CA PRO A 16 27.41 12.55 -23.50
C PRO A 16 25.92 12.82 -23.16
N ASP A 17 25.01 12.44 -24.08
CA ASP A 17 23.56 12.62 -23.98
C ASP A 17 22.98 11.86 -22.82
N GLN A 18 23.67 10.77 -22.43
CA GLN A 18 23.32 9.84 -21.36
C GLN A 18 21.95 9.23 -21.58
N SER A 19 21.66 8.93 -22.87
CA SER A 19 20.43 8.32 -23.30
C SER A 19 20.69 6.84 -23.54
N GLY A 20 19.73 6.02 -23.13
CA GLY A 20 19.81 4.56 -23.25
C GLY A 20 18.49 3.96 -23.68
N GLU A 21 18.57 2.89 -24.47
CA GLU A 21 17.36 2.23 -24.94
C GLU A 21 17.44 0.76 -24.91
N PHE A 22 16.28 0.12 -24.74
CA PHE A 22 16.14 -1.31 -24.74
C PHE A 22 14.80 -1.66 -25.35
N MET A 23 14.81 -2.55 -26.36
CA MET A 23 13.59 -3.00 -27.00
C MET A 23 13.70 -4.42 -27.64
N PHE A 24 12.53 -5.01 -27.93
CA PHE A 24 12.39 -6.29 -28.61
C PHE A 24 11.73 -6.05 -29.98
N ASP A 25 12.35 -6.58 -31.02
CA ASP A 25 11.93 -6.44 -32.40
C ASP A 25 11.64 -7.82 -32.99
N PHE A 26 10.42 -8.02 -33.50
CA PHE A 26 10.06 -9.25 -34.20
C PHE A 26 9.86 -8.88 -35.66
N ASP A 27 10.71 -9.43 -36.54
CA ASP A 27 10.71 -9.23 -37.99
C ASP A 27 10.52 -7.77 -38.40
N GLY A 28 11.29 -6.86 -37.81
CA GLY A 28 11.21 -5.46 -38.14
C GLY A 28 10.21 -4.64 -37.34
N ASP A 29 9.38 -5.27 -36.47
CA ASP A 29 8.41 -4.53 -35.65
C ASP A 29 8.62 -4.69 -34.12
N GLU A 30 8.42 -3.59 -33.37
CA GLU A 30 8.59 -3.49 -31.93
C GLU A 30 7.56 -4.31 -31.17
N ILE A 31 7.99 -5.27 -30.32
CA ILE A 31 7.08 -6.00 -29.46
C ILE A 31 6.83 -5.09 -28.23
N PHE A 32 7.91 -4.53 -27.68
CA PHE A 32 7.91 -3.62 -26.54
C PHE A 32 9.28 -2.94 -26.41
N HIS A 33 9.31 -1.91 -25.58
CA HIS A 33 10.50 -1.17 -25.19
C HIS A 33 10.35 -0.88 -23.69
N VAL A 34 11.44 -0.52 -23.01
CA VAL A 34 11.37 -0.23 -21.58
C VAL A 34 11.57 1.26 -21.38
N ASP A 35 10.60 1.91 -20.71
CA ASP A 35 10.59 3.33 -20.33
C ASP A 35 11.59 3.50 -19.17
N MET A 36 12.73 4.17 -19.44
CA MET A 36 13.72 4.28 -18.37
C MET A 36 13.34 5.27 -17.30
N ALA A 37 12.69 6.40 -17.68
CA ALA A 37 12.21 7.43 -16.77
C ALA A 37 11.25 6.79 -15.75
N LYS A 38 10.16 6.13 -16.24
CA LYS A 38 9.14 5.46 -15.43
C LYS A 38 9.48 4.00 -15.04
N LYS A 39 10.67 3.49 -15.42
CA LYS A 39 11.16 2.12 -15.10
C LYS A 39 10.07 1.05 -15.33
N GLU A 40 9.47 1.03 -16.54
CA GLU A 40 8.37 0.11 -16.85
C GLU A 40 8.35 -0.34 -18.31
N THR A 41 7.65 -1.47 -18.59
CA THR A 41 7.50 -2.05 -19.93
C THR A 41 6.37 -1.31 -20.68
N VAL A 42 6.65 -0.87 -21.93
CA VAL A 42 5.66 -0.21 -22.79
C VAL A 42 5.45 -1.13 -23.97
N TRP A 43 4.32 -1.86 -23.97
CA TRP A 43 3.96 -2.78 -25.07
C TRP A 43 3.54 -1.97 -26.31
N ARG A 44 4.06 -2.32 -27.51
CA ARG A 44 3.75 -1.62 -28.78
C ARG A 44 2.25 -1.62 -29.11
N LEU A 45 1.63 -2.80 -28.97
CA LEU A 45 0.22 -3.05 -29.16
C LEU A 45 -0.31 -3.58 -27.84
N GLU A 46 -1.27 -2.88 -27.22
CA GLU A 46 -1.91 -3.20 -25.94
C GLU A 46 -2.14 -4.71 -25.69
N GLU A 47 -2.69 -5.45 -26.69
CA GLU A 47 -2.97 -6.90 -26.62
C GLU A 47 -1.78 -7.76 -26.18
N PHE A 48 -0.55 -7.38 -26.57
CA PHE A 48 0.69 -8.10 -26.22
C PHE A 48 0.82 -8.23 -24.68
N GLY A 49 0.55 -7.13 -23.97
CA GLY A 49 0.57 -7.04 -22.51
C GLY A 49 -0.36 -8.03 -21.82
N ARG A 50 -1.52 -8.31 -22.46
CA ARG A 50 -2.52 -9.25 -21.98
C ARG A 50 -2.09 -10.72 -22.15
N PHE A 51 -1.20 -11.05 -23.13
CA PHE A 51 -0.75 -12.45 -23.30
C PHE A 51 0.68 -12.75 -22.79
N ALA A 52 1.53 -11.72 -22.65
CA ALA A 52 2.91 -11.89 -22.20
C ALA A 52 3.27 -10.90 -21.10
N SER A 53 4.37 -11.18 -20.41
CA SER A 53 4.87 -10.34 -19.34
C SER A 53 6.37 -10.12 -19.54
N PHE A 54 6.93 -9.13 -18.82
CA PHE A 54 8.34 -8.80 -18.86
C PHE A 54 8.70 -8.07 -17.59
N GLU A 55 9.90 -8.37 -17.06
CA GLU A 55 10.43 -7.70 -15.90
C GLU A 55 11.43 -6.68 -16.37
N ALA A 56 11.06 -5.38 -16.26
CA ALA A 56 11.86 -4.23 -16.65
C ALA A 56 13.24 -4.19 -16.04
N GLN A 57 13.45 -4.84 -14.86
CA GLN A 57 14.79 -4.86 -14.24
C GLN A 57 15.86 -5.44 -15.14
N GLY A 58 15.52 -6.48 -15.90
CA GLY A 58 16.43 -7.11 -16.86
C GLY A 58 17.02 -6.13 -17.86
N ALA A 59 16.19 -5.15 -18.30
CA ALA A 59 16.62 -4.11 -19.23
C ALA A 59 17.51 -3.13 -18.52
N LEU A 60 17.07 -2.64 -17.34
CA LEU A 60 17.70 -1.66 -16.46
C LEU A 60 19.10 -2.12 -16.03
N ALA A 61 19.26 -3.40 -15.72
CA ALA A 61 20.52 -4.02 -15.37
C ALA A 61 21.41 -4.04 -16.61
N ASN A 62 20.84 -4.38 -17.79
CA ASN A 62 21.60 -4.36 -19.04
C ASN A 62 22.04 -2.96 -19.44
N ILE A 63 21.17 -1.94 -19.31
CA ILE A 63 21.49 -0.54 -19.60
C ILE A 63 22.65 -0.02 -18.74
N ALA A 64 22.71 -0.45 -17.46
CA ALA A 64 23.76 -0.09 -16.49
C ALA A 64 25.11 -0.60 -16.97
N VAL A 65 25.14 -1.84 -17.49
CA VAL A 65 26.31 -2.52 -18.04
C VAL A 65 26.70 -1.82 -19.32
N ASP A 66 25.72 -1.52 -20.20
CA ASP A 66 25.88 -0.80 -21.46
C ASP A 66 26.53 0.56 -21.22
N LYS A 67 26.08 1.27 -20.17
CA LYS A 67 26.65 2.56 -19.77
C LYS A 67 28.14 2.39 -19.40
N ALA A 68 28.47 1.32 -18.67
CA ALA A 68 29.83 1.03 -18.20
C ALA A 68 30.74 0.65 -19.35
N ASN A 69 30.27 -0.25 -20.26
CA ASN A 69 30.98 -0.73 -21.45
C ASN A 69 31.26 0.38 -22.41
N LEU A 70 30.30 1.33 -22.63
CA LEU A 70 30.50 2.48 -23.52
C LEU A 70 31.71 3.28 -23.06
N GLU A 71 31.78 3.63 -21.75
CA GLU A 71 32.89 4.35 -21.14
C GLU A 71 34.22 3.59 -21.28
N ILE A 72 34.22 2.23 -21.18
CA ILE A 72 35.43 1.39 -21.35
C ILE A 72 35.89 1.49 -22.79
N MET A 73 34.94 1.29 -23.71
CA MET A 73 35.11 1.34 -25.16
C MET A 73 35.63 2.69 -25.68
N THR A 74 35.03 3.84 -25.23
CA THR A 74 35.45 5.18 -25.67
C THR A 74 36.91 5.48 -25.26
N LYS A 75 37.38 5.00 -24.07
CA LYS A 75 38.78 5.17 -23.61
C LYS A 75 39.72 4.27 -24.44
N ARG A 76 39.25 3.06 -24.76
CA ARG A 76 40.00 2.08 -25.52
C ARG A 76 40.28 2.62 -26.93
N SER A 77 39.30 3.34 -27.53
CA SER A 77 39.39 3.87 -28.88
C SER A 77 40.03 5.25 -28.97
N ASN A 78 40.91 5.59 -28.02
CA ASN A 78 41.66 6.85 -27.98
C ASN A 78 40.71 8.06 -28.17
N TYR A 79 39.45 7.91 -27.67
CA TYR A 79 38.31 8.85 -27.65
C TYR A 79 37.76 9.19 -29.05
N THR A 80 37.66 8.18 -29.93
CA THR A 80 37.10 8.27 -31.28
C THR A 80 35.57 8.51 -31.30
N PRO A 81 35.10 9.64 -31.91
CA PRO A 81 33.66 9.87 -31.97
C PRO A 81 32.99 9.17 -33.17
N ILE A 82 31.64 9.12 -33.12
CA ILE A 82 30.80 8.54 -34.18
C ILE A 82 30.74 9.49 -35.40
N THR A 83 30.57 8.91 -36.59
CA THR A 83 30.39 9.69 -37.81
C THR A 83 28.87 9.78 -38.07
N ASN A 84 28.34 11.03 -38.00
CA ASN A 84 26.92 11.34 -38.20
C ASN A 84 26.48 10.96 -39.60
N VAL A 85 25.45 10.12 -39.70
CA VAL A 85 24.85 9.69 -40.96
C VAL A 85 23.42 10.34 -41.00
N PRO A 86 23.20 11.33 -41.89
CA PRO A 86 21.89 12.01 -41.93
C PRO A 86 20.73 11.10 -42.30
N PRO A 87 19.50 11.43 -41.86
CA PRO A 87 18.36 10.55 -42.19
C PRO A 87 17.73 10.79 -43.55
N GLU A 88 16.85 9.88 -43.96
CA GLU A 88 16.04 10.01 -45.15
C GLU A 88 14.56 10.00 -44.73
N VAL A 89 14.00 11.23 -44.58
CA VAL A 89 12.62 11.52 -44.18
C VAL A 89 11.61 11.27 -45.35
N THR A 90 10.48 10.62 -45.04
CA THR A 90 9.43 10.23 -45.98
C THR A 90 8.08 10.44 -45.30
N VAL A 91 7.16 11.20 -45.93
CA VAL A 91 5.81 11.39 -45.41
C VAL A 91 4.88 10.56 -46.26
N LEU A 92 4.00 9.82 -45.62
CA LEU A 92 3.08 8.89 -46.26
C LEU A 92 1.83 8.76 -45.37
N THR A 93 0.73 8.22 -45.90
CA THR A 93 -0.47 8.07 -45.10
C THR A 93 -0.74 6.60 -44.84
N ASN A 94 -1.51 6.30 -43.79
CA ASN A 94 -1.86 4.93 -43.45
C ASN A 94 -2.73 4.28 -44.54
N SER A 95 -3.70 5.04 -45.05
CA SER A 95 -4.66 4.59 -46.05
C SER A 95 -4.76 5.60 -47.19
N PRO A 96 -5.32 5.24 -48.38
CA PRO A 96 -5.56 6.26 -49.41
C PRO A 96 -6.52 7.33 -48.83
N VAL A 97 -6.22 8.61 -49.08
CA VAL A 97 -6.97 9.73 -48.53
C VAL A 97 -8.30 10.00 -49.25
N GLU A 98 -9.33 10.30 -48.44
CA GLU A 98 -10.71 10.66 -48.77
C GLU A 98 -11.10 11.78 -47.81
N LEU A 99 -11.71 12.85 -48.34
CA LEU A 99 -12.14 14.02 -47.56
C LEU A 99 -13.26 13.71 -46.54
N ARG A 100 -13.15 14.31 -45.32
CA ARG A 100 -14.05 14.15 -44.15
C ARG A 100 -14.09 12.71 -43.55
N GLU A 101 -13.14 11.85 -43.97
CA GLU A 101 -12.92 10.49 -43.45
C GLU A 101 -11.55 10.49 -42.73
N PRO A 102 -11.50 10.39 -41.36
CA PRO A 102 -10.21 10.45 -40.65
C PRO A 102 -9.14 9.46 -41.10
N ASN A 103 -7.90 9.97 -41.19
CA ASN A 103 -6.71 9.24 -41.61
C ASN A 103 -5.54 9.58 -40.69
N VAL A 104 -4.40 8.87 -40.87
CA VAL A 104 -3.16 9.03 -40.10
C VAL A 104 -2.02 9.32 -41.07
N LEU A 105 -1.22 10.33 -40.74
CA LEU A 105 -0.02 10.75 -41.44
C LEU A 105 1.14 10.04 -40.72
N ILE A 106 2.05 9.43 -41.50
CA ILE A 106 3.22 8.71 -41.00
C ILE A 106 4.46 9.42 -41.48
N CYS A 107 5.29 9.90 -40.55
CA CYS A 107 6.57 10.49 -40.90
C CYS A 107 7.63 9.44 -40.62
N PHE A 108 8.32 9.02 -41.67
CA PHE A 108 9.31 7.97 -41.53
C PHE A 108 10.74 8.46 -41.71
N ILE A 109 11.45 8.54 -40.58
CA ILE A 109 12.87 8.90 -40.48
C ILE A 109 13.69 7.60 -40.61
N ASP A 110 14.60 7.52 -41.57
CA ASP A 110 15.34 6.29 -41.79
C ASP A 110 16.83 6.51 -42.11
N LYS A 111 17.63 5.43 -41.98
CA LYS A 111 19.06 5.31 -42.32
C LYS A 111 19.94 6.36 -41.65
N PHE A 112 19.81 6.51 -40.32
CA PHE A 112 20.58 7.50 -39.58
C PHE A 112 21.25 6.99 -38.30
N THR A 113 22.29 7.72 -37.84
CA THR A 113 23.04 7.50 -36.61
C THR A 113 23.79 8.83 -36.34
N PRO A 114 23.97 9.30 -35.08
CA PRO A 114 23.51 8.74 -33.80
C PRO A 114 21.97 8.76 -33.66
N PRO A 115 21.42 7.97 -32.69
CA PRO A 115 19.95 7.97 -32.52
C PRO A 115 19.42 9.20 -31.76
N VAL A 116 19.60 10.40 -32.31
CA VAL A 116 19.10 11.65 -31.74
C VAL A 116 18.47 12.47 -32.84
N VAL A 117 17.19 12.82 -32.70
CA VAL A 117 16.42 13.64 -33.64
C VAL A 117 15.35 14.49 -32.95
N ASN A 118 15.06 15.66 -33.56
CA ASN A 118 14.01 16.58 -33.17
C ASN A 118 13.03 16.56 -34.33
N VAL A 119 11.87 15.92 -34.09
CA VAL A 119 10.83 15.79 -35.10
C VAL A 119 9.65 16.68 -34.69
N THR A 120 9.20 17.59 -35.59
CA THR A 120 8.05 18.48 -35.36
C THR A 120 7.06 18.39 -36.49
N TRP A 121 5.78 18.19 -36.15
CA TRP A 121 4.72 18.17 -37.14
C TRP A 121 4.26 19.61 -37.28
N LEU A 122 3.98 20.05 -38.51
CA LEU A 122 3.48 21.40 -38.76
C LEU A 122 2.24 21.33 -39.64
N ARG A 123 1.15 22.02 -39.21
CA ARG A 123 -0.07 22.23 -40.00
C ARG A 123 -0.03 23.71 -40.29
N ASN A 124 -0.10 24.09 -41.60
CA ASN A 124 -0.02 25.47 -42.09
C ASN A 124 1.15 26.24 -41.39
N GLY A 125 2.34 25.63 -41.44
CA GLY A 125 3.56 26.16 -40.85
C GLY A 125 3.56 26.30 -39.34
N LYS A 126 2.49 25.83 -38.66
CA LYS A 126 2.35 25.92 -37.20
C LYS A 126 2.49 24.53 -36.50
N PRO A 127 3.22 24.43 -35.37
CA PRO A 127 3.42 23.11 -34.72
C PRO A 127 2.16 22.45 -34.16
N VAL A 128 2.05 21.10 -34.29
CA VAL A 128 0.90 20.30 -33.83
C VAL A 128 1.30 19.23 -32.79
N THR A 129 0.73 19.34 -31.57
CA THR A 129 0.97 18.45 -30.41
C THR A 129 -0.21 17.50 -30.16
N THR A 130 -1.39 17.82 -30.71
CA THR A 130 -2.63 17.07 -30.49
C THR A 130 -2.67 15.75 -31.28
N GLY A 131 -2.69 14.64 -30.53
CA GLY A 131 -2.80 13.29 -31.07
C GLY A 131 -1.54 12.62 -31.58
N VAL A 132 -0.45 13.39 -31.66
CA VAL A 132 0.85 12.92 -32.15
C VAL A 132 1.45 11.81 -31.26
N SER A 133 1.78 10.66 -31.87
CA SER A 133 2.43 9.52 -31.21
C SER A 133 3.74 9.21 -31.93
N GLU A 134 4.67 8.53 -31.26
CA GLU A 134 5.97 8.19 -31.86
C GLU A 134 6.50 6.83 -31.42
N THR A 135 7.35 6.19 -32.27
CA THR A 135 8.06 4.95 -31.94
C THR A 135 9.43 5.38 -31.35
N VAL A 136 10.13 4.42 -30.77
CA VAL A 136 11.47 4.59 -30.20
C VAL A 136 12.46 4.38 -31.38
N PHE A 137 13.78 4.46 -31.17
CA PHE A 137 14.73 4.21 -32.24
C PHE A 137 14.82 2.71 -32.60
N LEU A 138 14.19 2.35 -33.70
CA LEU A 138 14.13 1.00 -34.20
C LEU A 138 15.42 0.56 -34.94
N PRO A 139 15.83 -0.72 -34.83
CA PRO A 139 17.09 -1.14 -35.49
C PRO A 139 16.99 -1.56 -36.96
N ARG A 140 18.10 -1.34 -37.68
CA ARG A 140 18.27 -1.69 -39.07
C ARG A 140 19.43 -2.70 -39.14
N GLU A 141 19.42 -3.60 -40.17
CA GLU A 141 20.45 -4.61 -40.40
C GLU A 141 21.83 -3.99 -40.73
N ASP A 142 21.88 -2.67 -41.05
CA ASP A 142 23.09 -1.88 -41.39
C ASP A 142 23.60 -1.09 -40.20
N HIS A 143 22.93 -1.28 -39.04
CA HIS A 143 23.20 -0.77 -37.67
C HIS A 143 22.94 0.74 -37.54
N LEU A 144 22.13 1.25 -38.47
CA LEU A 144 21.60 2.61 -38.47
C LEU A 144 20.20 2.47 -37.82
N PHE A 145 19.48 3.58 -37.65
CA PHE A 145 18.16 3.60 -36.99
C PHE A 145 16.96 3.94 -37.91
N ARG A 146 15.74 3.74 -37.37
CA ARG A 146 14.43 4.01 -37.97
C ARG A 146 13.63 4.70 -36.87
N LYS A 147 12.61 5.45 -37.24
CA LYS A 147 11.74 6.11 -36.28
C LYS A 147 10.51 6.58 -37.00
N PHE A 148 9.34 6.26 -36.42
CA PHE A 148 8.02 6.61 -36.93
C PHE A 148 7.39 7.63 -36.04
N HIS A 149 6.80 8.63 -36.66
CA HIS A 149 6.06 9.71 -36.02
C HIS A 149 4.71 9.70 -36.65
N TYR A 150 3.68 9.71 -35.82
CA TYR A 150 2.31 9.61 -36.27
C TYR A 150 1.49 10.88 -36.00
N LEU A 151 0.54 11.16 -36.91
CA LEU A 151 -0.36 12.30 -36.80
C LEU A 151 -1.75 11.97 -37.30
N PRO A 152 -2.69 11.76 -36.35
CA PRO A 152 -4.08 11.51 -36.77
C PRO A 152 -4.65 12.87 -37.18
N PHE A 153 -5.32 12.88 -38.33
CA PHE A 153 -5.84 14.12 -38.90
C PHE A 153 -7.14 13.91 -39.68
N LEU A 154 -7.86 15.02 -39.92
CA LEU A 154 -9.09 15.07 -40.70
C LEU A 154 -8.74 15.69 -42.05
N PRO A 155 -8.90 14.92 -43.14
CA PRO A 155 -8.54 15.43 -44.47
C PRO A 155 -9.45 16.55 -44.99
N SER A 156 -8.82 17.71 -45.29
CA SER A 156 -9.44 18.92 -45.82
C SER A 156 -8.58 19.47 -46.97
N THR A 157 -9.18 20.24 -47.88
CA THR A 157 -8.42 20.82 -49.00
C THR A 157 -7.72 22.13 -48.61
N GLU A 158 -7.79 22.55 -47.34
CA GLU A 158 -7.19 23.83 -46.93
C GLU A 158 -5.99 23.67 -46.04
N ASP A 159 -5.69 22.42 -45.65
CA ASP A 159 -4.56 22.05 -44.79
C ASP A 159 -3.27 21.70 -45.55
N VAL A 160 -2.13 22.18 -45.00
CA VAL A 160 -0.76 21.88 -45.47
C VAL A 160 0.08 21.29 -44.32
N TYR A 161 0.43 20.01 -44.45
CA TYR A 161 1.21 19.32 -43.45
C TYR A 161 2.67 19.17 -43.83
N ASP A 162 3.57 19.41 -42.85
CA ASP A 162 5.02 19.30 -42.98
C ASP A 162 5.66 18.61 -41.80
N CYS A 163 6.53 17.62 -42.09
CA CYS A 163 7.30 16.95 -41.05
C CYS A 163 8.68 17.58 -41.03
N ARG A 164 9.03 18.30 -39.97
CA ARG A 164 10.34 18.91 -39.83
C ARG A 164 11.25 18.01 -38.98
N VAL A 165 12.41 17.62 -39.55
CA VAL A 165 13.37 16.74 -38.90
C VAL A 165 14.71 17.44 -38.75
N GLU A 166 15.27 17.39 -37.52
CA GLU A 166 16.56 17.96 -37.16
C GLU A 166 17.51 16.84 -36.73
N HIS A 167 18.71 16.79 -37.33
CA HIS A 167 19.75 15.81 -37.04
C HIS A 167 21.11 16.47 -37.24
N TRP A 168 22.13 16.03 -36.51
CA TRP A 168 23.47 16.59 -36.60
C TRP A 168 24.21 16.23 -37.91
N GLY A 169 23.66 15.30 -38.66
CA GLY A 169 24.16 14.87 -39.96
C GLY A 169 23.53 15.62 -41.11
N LEU A 170 22.52 16.47 -40.80
CA LEU A 170 21.75 17.34 -41.69
C LEU A 170 22.33 18.77 -41.58
N ASP A 171 22.53 19.47 -42.73
CA ASP A 171 23.09 20.84 -42.72
C ASP A 171 22.04 21.84 -42.23
N GLU A 172 20.76 21.56 -42.53
CA GLU A 172 19.59 22.35 -42.17
C GLU A 172 18.38 21.44 -41.98
N PRO A 173 17.39 21.84 -41.15
CA PRO A 173 16.21 20.98 -40.93
C PRO A 173 15.51 20.61 -42.23
N LEU A 174 15.30 19.32 -42.41
CA LEU A 174 14.64 18.80 -43.60
C LEU A 174 13.13 18.89 -43.36
N LEU A 175 12.39 19.44 -44.35
CA LEU A 175 10.94 19.52 -44.27
C LEU A 175 10.34 18.63 -45.31
N LYS A 176 9.50 17.67 -44.92
CA LYS A 176 8.85 16.77 -45.86
C LYS A 176 7.35 17.05 -45.86
N HIS A 177 6.86 17.50 -47.02
CA HIS A 177 5.53 18.03 -47.23
C HIS A 177 4.54 17.01 -47.68
N TRP A 178 3.30 17.21 -47.22
CA TRP A 178 2.13 16.44 -47.60
C TRP A 178 0.96 17.41 -47.79
N GLU A 179 0.13 17.12 -48.79
CA GLU A 179 -1.01 17.93 -49.17
C GLU A 179 -2.04 17.07 -49.91
N PHE A 180 -3.33 17.48 -49.89
CA PHE A 180 -4.40 16.75 -50.60
C PHE A 180 -4.32 17.02 -52.12
N ASP A 181 -4.57 15.95 -52.94
CA ASP A 181 -4.52 15.98 -54.41
C ASP A 181 -5.79 16.62 -55.03
N ASP B 2 23.62 21.30 -31.27
CA ASP B 2 24.68 20.59 -30.53
C ASP B 2 25.89 20.19 -31.41
N THR B 3 27.11 20.40 -30.87
CA THR B 3 28.37 20.17 -31.56
C THR B 3 29.35 19.17 -30.87
N ARG B 4 29.14 18.85 -29.55
CA ARG B 4 30.02 17.92 -28.80
C ARG B 4 30.11 16.51 -29.46
N PRO B 5 31.28 15.81 -29.47
CA PRO B 5 31.35 14.49 -30.14
C PRO B 5 30.53 13.38 -29.46
N ARG B 6 29.88 12.50 -30.26
CA ARG B 6 29.06 11.37 -29.76
C ARG B 6 29.74 10.02 -29.85
N PHE B 7 29.48 9.16 -28.84
CA PHE B 7 30.04 7.81 -28.69
C PHE B 7 28.89 6.87 -28.40
N LEU B 8 28.74 5.85 -29.24
CA LEU B 8 27.60 4.92 -29.16
C LEU B 8 28.04 3.47 -29.08
N TRP B 9 27.40 2.75 -28.15
CA TRP B 9 27.63 1.34 -27.92
C TRP B 9 26.31 0.76 -28.15
N GLN B 10 26.20 -0.12 -29.12
CA GLN B 10 24.89 -0.68 -29.33
C GLN B 10 24.92 -2.19 -29.40
N PRO B 11 24.47 -2.89 -28.33
CA PRO B 11 24.41 -4.35 -28.39
C PRO B 11 23.18 -4.84 -29.15
N LYS B 12 23.30 -5.96 -29.80
CA LYS B 12 22.18 -6.56 -30.48
C LYS B 12 22.25 -8.04 -30.19
N ARG B 13 21.18 -8.61 -29.65
CA ARG B 13 21.12 -10.04 -29.36
C ARG B 13 20.12 -10.61 -30.35
N GLU B 14 20.60 -11.40 -31.31
CA GLU B 14 19.77 -11.96 -32.35
C GLU B 14 19.40 -13.42 -32.21
N CYS B 15 18.18 -13.76 -32.61
CA CYS B 15 17.62 -15.10 -32.63
C CYS B 15 17.00 -15.32 -33.98
N HIS B 16 17.69 -16.12 -34.82
CA HIS B 16 17.26 -16.45 -36.18
C HIS B 16 16.62 -17.83 -36.16
N PHE B 17 15.38 -17.95 -36.66
CA PHE B 17 14.61 -19.18 -36.64
C PHE B 17 14.42 -19.79 -38.02
N PHE B 18 14.63 -21.10 -38.12
CA PHE B 18 14.50 -21.86 -39.36
C PHE B 18 13.68 -23.11 -39.05
N ASN B 19 12.68 -23.42 -39.92
CA ASN B 19 11.71 -24.52 -39.77
C ASN B 19 11.00 -24.37 -38.39
N GLY B 20 10.49 -23.17 -38.15
CA GLY B 20 9.82 -22.81 -36.91
C GLY B 20 10.77 -22.66 -35.73
N THR B 21 11.21 -23.79 -35.15
CA THR B 21 12.07 -23.86 -33.96
C THR B 21 13.09 -25.02 -34.08
N GLU B 22 13.15 -25.68 -35.25
CA GLU B 22 14.04 -26.82 -35.47
C GLU B 22 15.51 -26.42 -35.49
N ARG B 23 15.87 -25.43 -36.31
CA ARG B 23 17.24 -24.97 -36.24
C ARG B 23 17.24 -23.47 -35.93
N VAL B 24 17.80 -23.14 -34.75
CA VAL B 24 17.89 -21.79 -34.23
C VAL B 24 19.37 -21.42 -34.12
N ARG B 25 19.70 -20.19 -34.55
CA ARG B 25 21.04 -19.60 -34.53
C ARG B 25 20.98 -18.31 -33.71
N PHE B 26 21.84 -18.22 -32.71
CA PHE B 26 21.91 -17.06 -31.83
C PHE B 26 23.20 -16.30 -32.08
N LEU B 27 23.12 -14.97 -32.14
CA LEU B 27 24.26 -14.08 -32.31
C LEU B 27 24.21 -13.02 -31.26
N ASP B 28 25.31 -12.81 -30.56
CA ASP B 28 25.44 -11.77 -29.54
C ASP B 28 26.44 -10.83 -30.17
N ARG B 29 25.97 -9.69 -30.69
CA ARG B 29 26.81 -8.75 -31.45
C ARG B 29 26.94 -7.41 -30.78
N TYR B 30 28.13 -6.83 -30.82
CA TYR B 30 28.36 -5.53 -30.18
C TYR B 30 28.92 -4.56 -31.18
N PHE B 31 28.37 -3.34 -31.23
CA PHE B 31 28.76 -2.31 -32.20
C PHE B 31 29.24 -1.04 -31.51
N TYR B 32 30.45 -0.61 -31.80
CA TYR B 32 30.92 0.65 -31.24
C TYR B 32 31.00 1.59 -32.43
N ASN B 33 30.25 2.72 -32.37
CA ASN B 33 30.15 3.74 -33.41
C ASN B 33 29.80 3.12 -34.77
N GLN B 34 28.77 2.23 -34.76
CA GLN B 34 28.24 1.51 -35.95
C GLN B 34 29.20 0.43 -36.54
N GLU B 35 30.42 0.30 -35.97
CA GLU B 35 31.45 -0.69 -36.35
C GLU B 35 31.39 -1.87 -35.35
N GLU B 36 31.14 -3.12 -35.84
CA GLU B 36 31.08 -4.34 -34.99
C GLU B 36 32.45 -4.65 -34.40
N SER B 37 32.55 -4.76 -33.04
CA SER B 37 33.82 -5.00 -32.35
C SER B 37 34.02 -6.46 -31.93
N VAL B 38 32.96 -7.16 -31.42
CA VAL B 38 33.04 -8.54 -30.94
C VAL B 38 31.71 -9.22 -31.06
N ARG B 39 31.71 -10.53 -31.23
CA ARG B 39 30.49 -11.29 -31.44
C ARG B 39 30.59 -12.68 -30.83
N PHE B 40 29.43 -13.31 -30.57
CA PHE B 40 29.30 -14.70 -30.21
C PHE B 40 28.28 -15.26 -31.21
N ASP B 41 28.65 -16.32 -31.96
CA ASP B 41 27.75 -16.97 -32.91
C ASP B 41 27.58 -18.43 -32.47
N SER B 42 26.33 -18.84 -32.16
CA SER B 42 25.98 -20.20 -31.72
C SER B 42 26.74 -21.28 -32.46
N ASP B 43 26.70 -21.17 -33.80
CA ASP B 43 27.32 -22.08 -34.77
C ASP B 43 28.86 -22.13 -34.66
N VAL B 44 29.48 -21.11 -34.05
CA VAL B 44 30.93 -21.07 -33.83
C VAL B 44 31.22 -21.67 -32.45
N GLY B 45 30.42 -21.31 -31.44
CA GLY B 45 30.54 -21.79 -30.06
C GLY B 45 31.39 -20.97 -29.10
N GLU B 46 32.06 -19.93 -29.59
CA GLU B 46 32.88 -19.05 -28.77
C GLU B 46 32.86 -17.61 -29.25
N PHE B 47 33.27 -16.69 -28.40
CA PHE B 47 33.31 -15.29 -28.76
C PHE B 47 34.49 -15.05 -29.68
N ARG B 48 34.25 -14.34 -30.80
CA ARG B 48 35.32 -13.97 -31.72
C ARG B 48 35.33 -12.49 -31.95
N ALA B 49 36.52 -11.91 -31.95
CA ALA B 49 36.71 -10.48 -32.19
C ALA B 49 36.44 -10.22 -33.64
N VAL B 50 35.55 -9.27 -33.93
CA VAL B 50 35.24 -8.95 -35.34
C VAL B 50 36.24 -7.87 -35.82
N THR B 51 36.80 -7.09 -34.87
CA THR B 51 37.70 -5.95 -35.03
C THR B 51 38.79 -6.04 -33.93
N GLU B 52 39.81 -5.20 -34.01
CA GLU B 52 40.90 -5.17 -33.01
C GLU B 52 40.47 -4.60 -31.64
N LEU B 53 39.43 -3.73 -31.64
CA LEU B 53 38.87 -3.10 -30.45
C LEU B 53 38.19 -4.17 -29.58
N GLY B 54 37.56 -5.16 -30.19
CA GLY B 54 36.89 -6.22 -29.45
C GLY B 54 37.72 -7.44 -29.07
N ARG B 55 39.04 -7.37 -29.27
CA ARG B 55 39.94 -8.49 -28.98
C ARG B 55 40.05 -8.79 -27.49
N PRO B 56 40.22 -7.77 -26.56
CA PRO B 56 40.30 -8.08 -25.13
C PRO B 56 39.00 -8.65 -24.59
N ASP B 57 37.84 -8.23 -25.15
CA ASP B 57 36.52 -8.70 -24.74
C ASP B 57 36.32 -10.17 -25.10
N ALA B 58 36.72 -10.59 -26.31
CA ALA B 58 36.60 -11.98 -26.75
C ALA B 58 37.48 -12.92 -25.88
N GLU B 59 38.72 -12.47 -25.55
CA GLU B 59 39.67 -13.20 -24.68
C GLU B 59 39.10 -13.34 -23.27
N TYR B 60 38.60 -12.21 -22.70
CA TYR B 60 38.02 -12.19 -21.35
C TYR B 60 36.73 -13.00 -21.26
N TRP B 61 35.74 -12.74 -22.12
CA TRP B 61 34.46 -13.44 -22.08
C TRP B 61 34.61 -14.95 -22.31
N ASN B 62 35.64 -15.36 -23.09
CA ASN B 62 35.87 -16.77 -23.35
C ASN B 62 36.55 -17.50 -22.19
N SER B 63 37.29 -16.74 -21.37
CA SER B 63 37.99 -17.27 -20.21
C SER B 63 37.04 -17.43 -19.01
N GLN B 64 35.78 -16.97 -19.13
CA GLN B 64 34.79 -17.05 -18.06
C GLN B 64 33.76 -18.12 -18.37
N LYS B 65 33.98 -19.34 -17.86
CA LYS B 65 33.12 -20.51 -18.03
C LYS B 65 31.61 -20.23 -17.86
N ASP B 66 31.20 -19.38 -16.89
CA ASP B 66 29.79 -19.07 -16.67
C ASP B 66 29.20 -18.17 -17.77
N ILE B 67 30.05 -17.31 -18.38
CA ILE B 67 29.64 -16.42 -19.47
C ILE B 67 29.43 -17.28 -20.71
N LEU B 68 30.43 -18.13 -21.03
CA LEU B 68 30.41 -19.07 -22.15
C LEU B 68 29.20 -19.98 -22.12
N GLU B 69 28.98 -20.67 -20.99
CA GLU B 69 27.85 -21.60 -20.85
C GLU B 69 26.49 -20.89 -20.89
N GLN B 70 26.43 -19.57 -20.60
CA GLN B 70 25.16 -18.85 -20.71
C GLN B 70 24.88 -18.53 -22.17
N ALA B 71 25.94 -18.23 -22.94
CA ALA B 71 25.88 -17.90 -24.36
C ALA B 71 25.54 -19.15 -25.12
N ARG B 72 26.31 -20.22 -24.85
CA ARG B 72 26.19 -21.56 -25.44
C ARG B 72 24.82 -22.20 -25.30
N ALA B 73 24.05 -21.79 -24.27
CA ALA B 73 22.71 -22.30 -23.98
C ALA B 73 21.54 -21.35 -24.28
N ALA B 74 21.83 -20.12 -24.81
CA ALA B 74 20.83 -19.09 -25.11
C ALA B 74 19.82 -19.56 -26.14
N VAL B 75 20.28 -20.42 -27.06
CA VAL B 75 19.50 -21.04 -28.14
C VAL B 75 18.23 -21.78 -27.62
N ASP B 76 18.22 -22.27 -26.34
CA ASP B 76 17.05 -22.92 -25.75
C ASP B 76 16.48 -22.08 -24.60
N THR B 77 17.36 -21.51 -23.79
CA THR B 77 17.04 -20.71 -22.61
C THR B 77 16.37 -19.39 -22.95
N TYR B 78 16.87 -18.71 -24.00
CA TYR B 78 16.48 -17.38 -24.46
C TYR B 78 15.69 -17.40 -25.79
N CYS B 79 16.33 -17.87 -26.91
CA CYS B 79 15.72 -17.92 -28.25
C CYS B 79 14.41 -18.72 -28.30
N ARG B 80 14.49 -20.07 -28.14
CA ARG B 80 13.34 -20.99 -28.19
C ARG B 80 12.28 -20.62 -27.19
N HIS B 81 12.71 -20.15 -25.98
CA HIS B 81 11.80 -19.69 -24.94
C HIS B 81 11.01 -18.45 -25.37
N ASN B 82 11.70 -17.37 -25.81
CA ASN B 82 11.05 -16.12 -26.25
C ASN B 82 10.18 -16.28 -27.52
N TYR B 83 10.59 -17.20 -28.42
CA TYR B 83 9.81 -17.53 -29.61
C TYR B 83 8.43 -18.02 -29.18
N GLY B 84 8.40 -18.95 -28.22
CA GLY B 84 7.18 -19.55 -27.70
C GLY B 84 6.29 -18.64 -26.91
N VAL B 85 6.87 -17.58 -26.33
CA VAL B 85 6.16 -16.59 -25.51
C VAL B 85 5.18 -15.76 -26.36
N GLY B 86 5.64 -15.33 -27.54
CA GLY B 86 4.89 -14.46 -28.44
C GLY B 86 4.11 -15.12 -29.57
N GLU B 87 4.54 -16.33 -29.98
CA GLU B 87 3.99 -17.15 -31.08
C GLU B 87 2.51 -16.83 -31.40
N SER B 88 1.63 -16.90 -30.40
CA SER B 88 0.20 -16.62 -30.53
C SER B 88 -0.14 -15.28 -31.26
N PHE B 89 0.51 -14.18 -30.85
CA PHE B 89 0.31 -12.82 -31.36
C PHE B 89 1.41 -12.31 -32.26
N THR B 90 2.39 -13.17 -32.59
CA THR B 90 3.52 -12.76 -33.43
C THR B 90 3.60 -13.65 -34.67
N VAL B 91 4.11 -14.88 -34.53
CA VAL B 91 4.26 -15.87 -35.60
C VAL B 91 2.88 -16.18 -36.26
N GLN B 92 1.80 -16.19 -35.46
CA GLN B 92 0.44 -16.48 -35.91
C GLN B 92 -0.50 -15.24 -35.94
N ARG B 93 0.08 -14.05 -36.17
CA ARG B 93 -0.73 -12.83 -36.32
C ARG B 93 -1.16 -12.73 -37.78
N ARG B 94 -2.47 -12.50 -38.00
CA ARG B 94 -3.00 -12.31 -39.33
C ARG B 94 -4.03 -11.20 -39.37
N VAL B 95 -3.71 -10.11 -40.09
CA VAL B 95 -4.61 -8.98 -40.27
C VAL B 95 -4.93 -8.83 -41.77
N GLN B 96 -6.24 -8.81 -42.11
CA GLN B 96 -6.77 -8.77 -43.47
C GLN B 96 -6.56 -7.43 -44.20
N PRO B 97 -6.08 -7.48 -45.47
CA PRO B 97 -5.86 -6.22 -46.23
C PRO B 97 -7.13 -5.56 -46.79
N LYS B 98 -7.13 -4.21 -46.77
CA LYS B 98 -8.17 -3.35 -47.32
C LYS B 98 -7.75 -2.92 -48.74
N VAL B 99 -8.17 -3.72 -49.74
CA VAL B 99 -7.90 -3.54 -51.17
C VAL B 99 -8.89 -2.51 -51.76
N THR B 100 -8.37 -1.45 -52.45
CA THR B 100 -9.18 -0.40 -53.10
C THR B 100 -8.56 0.13 -54.41
N VAL B 101 -9.19 -0.20 -55.56
CA VAL B 101 -8.75 0.26 -56.89
C VAL B 101 -9.29 1.69 -57.15
N TYR B 102 -8.52 2.52 -57.87
CA TYR B 102 -8.87 3.88 -58.24
C TYR B 102 -7.92 4.47 -59.30
N PRO B 103 -8.41 5.29 -60.27
CA PRO B 103 -7.47 5.87 -61.24
C PRO B 103 -6.76 7.09 -60.68
N SER B 104 -5.84 7.66 -61.47
CA SER B 104 -5.16 8.92 -61.14
C SER B 104 -5.85 10.10 -61.92
N LYS B 105 -7.04 9.80 -62.57
CA LYS B 105 -8.01 10.67 -63.29
C LYS B 105 -7.54 11.25 -64.64
N THR B 106 -8.43 11.12 -65.69
CA THR B 106 -8.44 11.61 -67.10
C THR B 106 -9.59 10.96 -67.91
N GLN B 107 -9.51 11.07 -69.26
CA GLN B 107 -10.49 10.59 -70.25
C GLN B 107 -10.01 9.29 -70.95
N PRO B 108 -10.91 8.34 -71.36
CA PRO B 108 -10.43 7.10 -72.02
C PRO B 108 -9.83 7.26 -73.42
N LEU B 109 -9.67 6.12 -74.14
CA LEU B 109 -9.12 5.93 -75.48
C LEU B 109 -7.76 6.62 -75.67
N HIS B 111 -6.73 8.92 -73.54
CA HIS B 111 -5.57 9.25 -72.72
C HIS B 111 -5.10 8.04 -71.88
N HIS B 112 -3.79 8.02 -71.57
CA HIS B 112 -3.12 7.01 -70.74
C HIS B 112 -3.35 7.38 -69.27
N ASN B 113 -3.30 6.39 -68.37
CA ASN B 113 -3.50 6.60 -66.93
C ASN B 113 -2.89 5.50 -66.08
N LEU B 114 -2.62 5.83 -64.81
CA LEU B 114 -2.13 4.85 -63.84
C LEU B 114 -3.31 4.39 -63.02
N LEU B 115 -3.59 3.08 -63.08
CA LEU B 115 -4.67 2.49 -62.33
C LEU B 115 -4.12 1.84 -61.05
N VAL B 116 -4.22 2.59 -59.96
CA VAL B 116 -3.73 2.26 -58.61
C VAL B 116 -4.52 1.10 -57.99
N CYS B 117 -3.85 0.31 -57.14
CA CYS B 117 -4.46 -0.77 -56.36
C CYS B 117 -3.87 -0.68 -54.96
N SER B 118 -4.48 0.16 -54.11
CA SER B 118 -4.06 0.38 -52.74
C SER B 118 -4.45 -0.80 -51.86
N VAL B 119 -3.47 -1.52 -51.30
CA VAL B 119 -3.68 -2.67 -50.42
C VAL B 119 -3.15 -2.23 -49.04
N SER B 120 -4.05 -1.91 -48.08
CA SER B 120 -3.67 -1.36 -46.76
C SER B 120 -3.96 -2.24 -45.54
N GLY B 121 -3.23 -1.92 -44.45
CA GLY B 121 -3.32 -2.52 -43.10
C GLY B 121 -3.24 -4.02 -42.91
N PHE B 122 -2.37 -4.71 -43.67
CA PHE B 122 -2.24 -6.16 -43.57
C PHE B 122 -1.04 -6.66 -42.74
N TYR B 123 -1.10 -7.95 -42.35
CA TYR B 123 -0.05 -8.66 -41.63
C TYR B 123 -0.13 -10.18 -41.84
N PRO B 124 0.98 -10.90 -42.11
CA PRO B 124 2.35 -10.42 -42.32
C PRO B 124 2.55 -9.75 -43.68
N GLY B 125 3.78 -9.38 -43.99
CA GLY B 125 4.13 -8.74 -45.24
C GLY B 125 4.13 -9.63 -46.47
N SER B 126 3.83 -10.92 -46.30
CA SER B 126 3.80 -11.89 -47.40
C SER B 126 2.52 -11.70 -48.23
N ILE B 127 2.64 -10.99 -49.36
CA ILE B 127 1.52 -10.70 -50.25
C ILE B 127 1.91 -10.81 -51.72
N GLU B 128 0.98 -11.24 -52.52
CA GLU B 128 1.18 -11.29 -53.95
C GLU B 128 -0.02 -10.63 -54.55
N VAL B 129 0.25 -9.52 -55.21
CA VAL B 129 -0.73 -8.72 -55.90
C VAL B 129 -0.58 -8.95 -57.41
N ARG B 130 -1.74 -9.19 -58.09
CA ARG B 130 -1.83 -9.48 -59.54
C ARG B 130 -2.91 -8.65 -60.25
N TRP B 131 -2.57 -8.09 -61.42
CA TRP B 131 -3.48 -7.28 -62.24
C TRP B 131 -4.10 -8.06 -63.39
N PHE B 132 -5.37 -7.74 -63.73
CA PHE B 132 -6.10 -8.41 -64.80
C PHE B 132 -6.88 -7.45 -65.70
N LEU B 133 -6.82 -7.68 -67.03
CA LEU B 133 -7.55 -6.94 -68.06
C LEU B 133 -8.47 -7.96 -68.70
N ASN B 134 -9.78 -7.82 -68.46
CA ASN B 134 -10.81 -8.72 -68.99
C ASN B 134 -10.48 -10.21 -68.71
N GLY B 135 -10.09 -10.49 -67.46
CA GLY B 135 -9.75 -11.81 -66.96
C GLY B 135 -8.43 -12.41 -67.42
N GLN B 136 -7.53 -11.57 -68.00
CA GLN B 136 -6.21 -11.99 -68.47
C GLN B 136 -5.11 -11.24 -67.72
N GLU B 137 -4.17 -11.98 -67.09
CA GLU B 137 -3.10 -11.40 -66.28
C GLU B 137 -2.13 -10.53 -67.04
N GLU B 138 -2.04 -9.26 -66.64
CA GLU B 138 -1.11 -8.28 -67.20
C GLU B 138 0.24 -8.58 -66.56
N LYS B 139 1.15 -9.16 -67.35
CA LYS B 139 2.48 -9.57 -66.87
C LYS B 139 3.44 -8.38 -66.68
N ALA B 140 3.27 -7.29 -67.44
CA ALA B 140 4.16 -6.12 -67.36
C ALA B 140 3.41 -4.80 -67.12
N GLY B 141 4.10 -3.67 -67.26
CA GLY B 141 3.56 -2.33 -67.09
C GLY B 141 3.06 -1.99 -65.70
N MET B 142 3.60 -2.66 -64.67
CA MET B 142 3.21 -2.42 -63.27
C MET B 142 4.34 -1.74 -62.52
N VAL B 143 4.02 -0.60 -61.89
CA VAL B 143 4.94 0.21 -61.11
C VAL B 143 4.57 0.02 -59.61
N SER B 144 5.21 -0.97 -58.95
CA SER B 144 4.95 -1.26 -57.53
C SER B 144 5.70 -0.32 -56.62
N THR B 145 5.20 -0.16 -55.40
CA THR B 145 5.82 0.70 -54.41
C THR B 145 6.68 -0.16 -53.51
N GLY B 146 6.43 -1.46 -53.57
CA GLY B 146 7.03 -2.50 -52.73
C GLY B 146 6.31 -2.53 -51.40
N LEU B 147 6.86 -3.27 -50.42
CA LEU B 147 6.30 -3.38 -49.07
C LEU B 147 6.66 -2.16 -48.26
N ILE B 148 5.64 -1.50 -47.70
CA ILE B 148 5.83 -0.36 -46.83
C ILE B 148 5.48 -0.82 -45.44
N GLN B 149 6.45 -0.76 -44.53
CA GLN B 149 6.27 -1.13 -43.14
C GLN B 149 5.71 0.10 -42.49
N ASN B 150 4.47 0.03 -41.97
CA ASN B 150 3.85 1.18 -41.32
C ASN B 150 4.40 1.39 -39.91
N GLY B 151 4.95 0.33 -39.30
CA GLY B 151 5.55 0.39 -37.97
C GLY B 151 4.60 0.19 -36.81
N ASP B 152 3.35 -0.15 -37.12
CA ASP B 152 2.28 -0.39 -36.16
C ASP B 152 1.79 -1.82 -36.33
N TRP B 153 2.71 -2.70 -36.78
CA TRP B 153 2.49 -4.12 -37.06
C TRP B 153 1.52 -4.25 -38.20
N THR B 154 1.68 -3.33 -39.15
CA THR B 154 0.84 -3.19 -40.32
C THR B 154 1.67 -2.83 -41.52
N PHE B 155 1.30 -3.40 -42.66
CA PHE B 155 1.93 -3.16 -43.97
C PHE B 155 0.97 -2.43 -44.94
N GLN B 156 1.51 -2.00 -46.08
CA GLN B 156 0.81 -1.37 -47.21
C GLN B 156 1.67 -1.38 -48.48
N THR B 157 1.03 -1.67 -49.60
CA THR B 157 1.65 -1.71 -50.92
C THR B 157 0.70 -1.11 -51.95
N LEU B 158 1.25 -0.47 -52.99
CA LEU B 158 0.49 0.15 -54.07
C LEU B 158 1.08 -0.30 -55.39
N VAL B 159 0.32 -1.08 -56.15
CA VAL B 159 0.73 -1.60 -57.45
C VAL B 159 -0.07 -0.89 -58.56
N MET B 160 0.49 0.21 -59.10
CA MET B 160 -0.16 0.98 -60.14
C MET B 160 0.01 0.32 -61.50
N LEU B 161 -1.08 0.26 -62.30
CA LEU B 161 -1.02 -0.31 -63.64
C LEU B 161 -0.97 0.78 -64.70
N GLU B 162 -0.03 0.64 -65.66
CA GLU B 162 0.13 1.53 -66.81
C GLU B 162 -0.98 1.12 -67.77
N THR B 163 -2.01 1.97 -67.94
CA THR B 163 -3.14 1.61 -68.77
C THR B 163 -3.57 2.72 -69.75
N VAL B 164 -4.14 2.27 -70.89
CA VAL B 164 -4.75 3.06 -71.96
C VAL B 164 -6.23 2.53 -71.97
N PRO B 165 -7.12 3.13 -71.13
CA PRO B 165 -8.47 2.57 -70.96
C PRO B 165 -9.44 2.80 -72.11
N ARG B 166 -10.28 1.79 -72.39
CA ARG B 166 -11.31 1.84 -73.44
C ARG B 166 -12.63 1.35 -72.82
N SER B 167 -13.75 2.09 -73.03
CA SER B 167 -15.07 1.74 -72.48
C SER B 167 -15.47 0.29 -72.79
N GLY B 168 -15.97 -0.40 -71.76
CA GLY B 168 -16.35 -1.80 -71.84
C GLY B 168 -15.35 -2.75 -71.21
N GLU B 169 -14.09 -2.27 -71.04
CA GLU B 169 -13.01 -3.03 -70.41
C GLU B 169 -13.19 -3.02 -68.89
N VAL B 170 -13.03 -4.20 -68.26
CA VAL B 170 -13.09 -4.35 -66.81
C VAL B 170 -11.72 -4.84 -66.27
N TYR B 171 -11.11 -3.99 -65.44
CA TYR B 171 -9.83 -4.26 -64.81
C TYR B 171 -10.09 -4.75 -63.41
N THR B 172 -9.43 -5.86 -63.05
CA THR B 172 -9.59 -6.49 -61.73
C THR B 172 -8.21 -6.75 -61.03
N CYS B 173 -8.10 -6.29 -59.76
CA CYS B 173 -6.93 -6.44 -58.88
C CYS B 173 -7.15 -7.67 -58.00
N GLN B 174 -6.23 -8.64 -58.07
CA GLN B 174 -6.30 -9.89 -57.33
C GLN B 174 -5.14 -10.01 -56.29
N VAL B 175 -5.50 -9.97 -55.00
CA VAL B 175 -4.59 -10.01 -53.85
C VAL B 175 -4.65 -11.38 -53.14
N GLU B 176 -3.52 -12.11 -53.14
CA GLU B 176 -3.39 -13.39 -52.43
C GLU B 176 -2.53 -13.13 -51.19
N HIS B 177 -3.01 -13.59 -50.02
CA HIS B 177 -2.42 -13.34 -48.70
C HIS B 177 -2.85 -14.41 -47.67
N PRO B 178 -2.02 -14.77 -46.64
CA PRO B 178 -2.43 -15.79 -45.66
C PRO B 178 -3.68 -15.50 -44.82
N SER B 179 -4.02 -14.20 -44.57
CA SER B 179 -5.21 -13.81 -43.79
C SER B 179 -6.53 -14.19 -44.45
N VAL B 180 -6.50 -14.56 -45.75
CA VAL B 180 -7.67 -14.96 -46.53
C VAL B 180 -7.48 -16.34 -47.21
N THR B 181 -8.56 -17.15 -47.18
CA THR B 181 -8.64 -18.48 -47.77
C THR B 181 -8.88 -18.38 -49.29
N SER B 182 -9.60 -17.31 -49.70
CA SER B 182 -9.97 -16.99 -51.08
C SER B 182 -9.32 -15.68 -51.59
N PRO B 183 -8.72 -15.69 -52.81
CA PRO B 183 -8.08 -14.45 -53.32
C PRO B 183 -9.04 -13.28 -53.42
N LEU B 184 -8.76 -12.20 -52.69
CA LEU B 184 -9.60 -10.99 -52.69
C LEU B 184 -9.57 -10.32 -54.07
N THR B 185 -10.73 -9.80 -54.54
CA THR B 185 -10.87 -9.15 -55.85
C THR B 185 -11.70 -7.88 -55.80
N VAL B 186 -11.14 -6.82 -56.40
CA VAL B 186 -11.73 -5.48 -56.55
C VAL B 186 -11.73 -5.19 -58.07
N GLU B 187 -12.77 -4.49 -58.56
CA GLU B 187 -12.94 -4.18 -59.97
C GLU B 187 -13.12 -2.70 -60.26
N TRP B 188 -12.70 -2.31 -61.48
CA TRP B 188 -12.85 -0.98 -62.03
C TRP B 188 -13.07 -1.13 -63.52
N ARG B 189 -14.26 -0.67 -63.98
CA ARG B 189 -14.74 -0.67 -65.37
C ARG B 189 -14.54 0.74 -65.93
N ALA B 190 -14.00 0.83 -67.18
CA ALA B 190 -13.66 2.09 -67.86
C ALA B 190 -14.82 3.10 -68.03
N ARG C 1 3.29 -16.54 -20.22
CA ARG C 1 4.75 -16.63 -20.13
C ARG C 1 5.46 -15.25 -20.17
N PHE C 2 6.76 -15.25 -19.86
CA PHE C 2 7.62 -14.09 -19.71
C PHE C 2 8.69 -14.00 -20.77
N TYR C 3 8.96 -12.77 -21.22
CA TYR C 3 10.05 -12.50 -22.14
C TYR C 3 11.30 -12.43 -21.28
N LYS C 4 12.35 -13.15 -21.69
CA LYS C 4 13.57 -13.21 -20.92
C LYS C 4 14.67 -12.38 -21.54
N THR C 5 15.32 -11.54 -20.71
CA THR C 5 16.44 -10.69 -21.11
C THR C 5 17.70 -11.54 -21.19
N LEU C 6 18.51 -11.36 -22.25
CA LEU C 6 19.82 -12.02 -22.29
C LEU C 6 20.72 -11.03 -21.53
N ARG C 7 21.05 -11.39 -20.29
CA ARG C 7 21.80 -10.52 -19.41
C ARG C 7 23.21 -10.21 -19.91
N ALA C 8 23.50 -8.91 -19.96
CA ALA C 8 24.72 -8.30 -20.42
C ALA C 8 25.85 -8.44 -19.40
N GLU C 9 27.08 -8.54 -19.92
CA GLU C 9 28.29 -8.67 -19.17
C GLU C 9 29.23 -7.48 -19.38
N GLN C 10 29.96 -7.10 -18.30
CA GLN C 10 30.94 -6.03 -18.36
C GLN C 10 32.14 -6.47 -19.20
N ALA C 11 32.70 -5.55 -19.95
CA ALA C 11 33.84 -5.75 -20.83
C ALA C 11 35.16 -5.82 -20.05
N SER C 12 36.23 -6.25 -20.74
CA SER C 12 37.60 -6.31 -20.25
C SER C 12 38.13 -4.85 -20.10
N GLN C 13 38.89 -4.45 -19.05
CA GLN C 13 39.40 -5.11 -17.84
C GLN C 13 40.05 -4.02 -16.96
N LEU D 2 9.04 -12.81 -5.86
CA LEU D 2 7.74 -13.14 -5.27
C LEU D 2 7.86 -14.00 -3.97
N ASN D 3 7.65 -15.36 -4.02
CA ASN D 3 7.72 -16.21 -2.82
C ASN D 3 8.34 -17.58 -3.03
N VAL D 4 9.26 -17.97 -2.11
CA VAL D 4 9.97 -19.26 -2.11
C VAL D 4 9.67 -19.99 -0.80
N GLU D 5 9.32 -21.28 -0.90
CA GLU D 5 9.03 -22.07 0.30
C GLU D 5 9.87 -23.31 0.42
N GLN D 6 10.38 -23.57 1.62
CA GLN D 6 11.18 -24.78 1.90
C GLN D 6 10.53 -25.75 2.90
N SER D 7 10.65 -27.05 2.62
CA SER D 7 10.06 -28.10 3.45
CA SER D 7 10.07 -28.10 3.46
C SER D 7 11.02 -29.30 3.66
N PRO D 8 11.20 -29.81 4.93
CA PRO D 8 10.64 -29.35 6.23
C PRO D 8 11.47 -28.18 6.80
N GLN D 9 10.94 -27.47 7.81
CA GLN D 9 11.65 -26.35 8.42
C GLN D 9 12.91 -26.87 9.09
N SER D 10 12.77 -28.05 9.69
CA SER D 10 13.80 -28.72 10.51
C SER D 10 13.79 -30.24 10.24
N LEU D 11 14.95 -30.89 10.39
CA LEU D 11 15.09 -32.31 10.10
C LEU D 11 16.18 -32.95 10.98
N HIS D 12 15.99 -34.19 11.41
CA HIS D 12 16.95 -34.97 12.20
C HIS D 12 17.35 -36.20 11.38
N VAL D 13 18.63 -36.47 11.30
CA VAL D 13 19.11 -37.62 10.56
C VAL D 13 20.21 -38.28 11.37
N GLN D 14 20.26 -39.62 11.35
CA GLN D 14 21.32 -40.31 12.08
C GLN D 14 22.57 -40.36 11.23
N GLU D 15 23.70 -40.15 11.87
CA GLU D 15 25.01 -40.19 11.23
C GLU D 15 25.07 -41.47 10.39
N GLY D 16 25.44 -41.36 9.12
CA GLY D 16 25.54 -42.53 8.23
C GLY D 16 24.38 -42.66 7.26
N ASP D 17 23.20 -42.13 7.69
CA ASP D 17 21.98 -42.15 6.92
C ASP D 17 21.89 -40.96 6.05
N SER D 18 21.16 -41.09 4.96
CA SER D 18 20.91 -40.02 4.00
C SER D 18 19.56 -39.36 4.29
N THR D 19 19.33 -38.16 3.75
CA THR D 19 18.10 -37.36 3.79
C THR D 19 18.13 -36.48 2.59
N ASN D 20 16.94 -35.98 2.29
CA ASN D 20 16.69 -35.09 1.20
C ASN D 20 15.62 -34.17 1.73
N PHE D 21 15.56 -32.99 1.13
CA PHE D 21 14.58 -31.94 1.44
C PHE D 21 14.25 -31.20 0.15
N THR D 22 13.19 -30.40 0.19
CA THR D 22 12.72 -29.73 -1.02
C THR D 22 12.59 -28.20 -0.84
N CYS D 23 12.49 -27.52 -1.99
CA CYS D 23 12.41 -26.08 -2.21
C CYS D 23 11.38 -25.86 -3.32
N SER D 24 10.37 -25.03 -3.06
CA SER D 24 9.32 -24.67 -4.00
CA SER D 24 9.36 -24.68 -4.05
C SER D 24 9.48 -23.20 -4.36
N PHE D 25 9.76 -22.90 -5.62
CA PHE D 25 9.98 -21.56 -6.15
C PHE D 25 9.01 -21.23 -7.33
N PRO D 26 8.84 -19.95 -7.75
CA PRO D 26 7.96 -19.67 -8.91
C PRO D 26 8.30 -20.40 -10.23
N SER D 27 7.26 -20.84 -10.94
CA SER D 27 7.37 -21.59 -12.19
C SER D 27 7.43 -20.67 -13.44
N SER D 28 7.37 -19.36 -13.22
CA SER D 28 7.48 -18.41 -14.30
C SER D 28 8.59 -17.41 -14.00
N ASN D 29 9.29 -16.91 -15.06
CA ASN D 29 10.38 -15.92 -15.01
C ASN D 29 11.62 -16.40 -14.22
N PHE D 30 12.00 -17.65 -14.45
CA PHE D 30 13.14 -18.24 -13.80
C PHE D 30 14.44 -17.86 -14.49
N TYR D 31 15.43 -17.41 -13.71
CA TYR D 31 16.77 -17.20 -14.25
C TYR D 31 17.74 -18.15 -13.57
N ALA D 32 17.66 -18.29 -12.23
CA ALA D 32 18.51 -19.20 -11.48
C ALA D 32 17.90 -19.64 -10.14
N LEU D 33 18.53 -20.67 -9.54
CA LEU D 33 18.24 -21.23 -8.21
C LEU D 33 19.53 -21.50 -7.43
N HIS D 34 19.63 -20.91 -6.27
CA HIS D 34 20.81 -20.99 -5.43
C HIS D 34 20.55 -21.85 -4.23
N TRP D 35 21.57 -22.61 -3.83
CA TRP D 35 21.56 -23.43 -2.64
C TRP D 35 22.77 -23.01 -1.82
N TYR D 36 22.54 -22.57 -0.59
CA TYR D 36 23.56 -22.17 0.37
C TYR D 36 23.45 -23.04 1.58
N ARG D 37 24.61 -23.29 2.24
CA ARG D 37 24.80 -24.00 3.51
C ARG D 37 25.19 -22.91 4.54
N TRP D 38 24.49 -22.87 5.66
CA TRP D 38 24.73 -21.87 6.68
C TRP D 38 24.88 -22.50 8.08
N GLU D 39 26.13 -22.86 8.46
CA GLU D 39 26.51 -23.39 9.79
C GLU D 39 26.36 -22.25 10.81
N THR D 40 25.75 -22.53 12.00
CA THR D 40 25.49 -21.56 13.09
C THR D 40 26.62 -20.56 13.37
N ALA D 41 27.85 -21.04 13.42
CA ALA D 41 29.00 -20.18 13.65
C ALA D 41 29.16 -19.13 12.51
N LYS D 42 29.23 -19.66 11.30
CA LYS D 42 29.58 -19.08 10.01
C LYS D 42 28.48 -18.27 9.25
N SER D 43 28.87 -17.80 8.03
CA SER D 43 28.11 -17.04 7.02
C SER D 43 27.56 -18.00 5.91
N PRO D 44 26.45 -17.63 5.21
CA PRO D 44 25.95 -18.51 4.15
C PRO D 44 27.00 -18.70 3.05
N GLU D 45 27.36 -19.95 2.76
CA GLU D 45 28.34 -20.29 1.73
C GLU D 45 27.62 -21.10 0.64
N ALA D 46 27.74 -20.66 -0.62
CA ALA D 46 27.08 -21.28 -1.78
C ALA D 46 27.52 -22.67 -2.07
N LEU D 47 26.56 -23.51 -2.46
CA LEU D 47 26.79 -24.90 -2.83
C LEU D 47 26.67 -25.01 -4.33
N PHE D 48 25.53 -24.52 -4.88
CA PHE D 48 25.19 -24.59 -6.31
C PHE D 48 24.36 -23.39 -6.76
N VAL D 49 24.55 -23.03 -8.01
CA VAL D 49 23.80 -22.04 -8.73
C VAL D 49 23.39 -22.88 -9.90
N MET D 50 22.08 -23.13 -10.02
CA MET D 50 21.45 -24.00 -11.01
C MET D 50 20.68 -23.12 -11.96
N THR D 51 20.98 -23.23 -13.25
CA THR D 51 20.35 -22.41 -14.28
C THR D 51 19.57 -23.21 -15.36
N LEU D 52 20.05 -24.39 -15.72
CA LEU D 52 19.42 -25.23 -16.74
C LEU D 52 18.47 -26.28 -16.14
N ASN D 53 17.20 -26.29 -16.57
CA ASN D 53 16.21 -27.24 -16.12
C ASN D 53 16.62 -28.68 -16.42
N GLY D 54 16.37 -29.59 -15.47
CA GLY D 54 16.70 -31.00 -15.58
C GLY D 54 18.16 -31.33 -15.32
N ASP D 55 18.98 -30.31 -15.02
CA ASP D 55 20.38 -30.52 -14.70
C ASP D 55 20.50 -30.97 -13.26
N GLU D 56 21.55 -31.70 -12.97
CA GLU D 56 21.85 -32.21 -11.65
C GLU D 56 23.29 -31.83 -11.32
N LYS D 57 23.49 -31.23 -10.14
CA LYS D 57 24.80 -30.83 -9.66
C LYS D 57 25.23 -31.66 -8.45
N LYS D 58 26.54 -31.92 -8.31
CA LYS D 58 27.14 -32.72 -7.23
C LYS D 58 28.40 -32.05 -6.64
N LYS D 59 28.42 -31.88 -5.30
CA LYS D 59 29.55 -31.35 -4.55
C LYS D 59 29.87 -32.38 -3.44
N GLY D 60 30.66 -33.39 -3.81
CA GLY D 60 31.05 -34.47 -2.91
C GLY D 60 29.88 -35.35 -2.55
N ARG D 61 29.34 -35.17 -1.32
CA ARG D 61 28.17 -35.93 -0.87
C ARG D 61 26.83 -35.21 -1.09
N ILE D 62 26.88 -33.89 -1.35
CA ILE D 62 25.68 -33.07 -1.58
C ILE D 62 25.31 -33.14 -3.07
N SER D 63 24.03 -33.22 -3.35
CA SER D 63 23.51 -33.33 -4.71
C SER D 63 22.23 -32.53 -4.82
N ALA D 64 21.95 -32.00 -6.01
CA ALA D 64 20.75 -31.17 -6.26
C ALA D 64 20.15 -31.38 -7.63
N THR D 65 18.83 -31.31 -7.70
CA THR D 65 18.10 -31.45 -8.96
C THR D 65 17.26 -30.21 -9.12
N LEU D 66 17.01 -29.79 -10.40
CA LEU D 66 16.19 -28.62 -10.71
C LEU D 66 15.04 -28.91 -11.68
N ASN D 67 13.80 -28.55 -11.30
CA ASN D 67 12.65 -28.64 -12.20
C ASN D 67 12.01 -27.29 -12.32
N THR D 68 12.36 -26.61 -13.39
CA THR D 68 11.88 -25.26 -13.72
C THR D 68 10.38 -25.23 -13.97
N LYS D 69 9.89 -26.17 -14.82
CA LYS D 69 8.50 -26.26 -15.25
C LYS D 69 7.52 -26.45 -14.13
N GLU D 70 7.87 -27.23 -13.09
CA GLU D 70 6.99 -27.46 -11.93
C GLU D 70 7.37 -26.65 -10.69
N GLY D 71 8.44 -25.87 -10.79
CA GLY D 71 8.94 -24.99 -9.74
C GLY D 71 9.36 -25.64 -8.44
N TYR D 72 10.29 -26.59 -8.49
CA TYR D 72 10.82 -27.25 -7.30
C TYR D 72 12.26 -27.74 -7.50
N SER D 73 12.95 -27.93 -6.39
CA SER D 73 14.31 -28.44 -6.36
C SER D 73 14.48 -29.31 -5.15
N TYR D 74 15.25 -30.40 -5.33
CA TYR D 74 15.60 -31.33 -4.27
C TYR D 74 17.08 -31.26 -3.92
N LEU D 75 17.36 -31.22 -2.62
CA LEU D 75 18.73 -31.30 -2.14
C LEU D 75 18.88 -32.62 -1.41
N TYR D 76 19.93 -33.35 -1.74
CA TYR D 76 20.22 -34.69 -1.21
C TYR D 76 21.52 -34.69 -0.47
N ILE D 77 21.51 -35.24 0.77
CA ILE D 77 22.73 -35.46 1.52
C ILE D 77 22.89 -36.98 1.68
N LYS D 78 23.86 -37.56 0.98
CA LYS D 78 24.20 -38.97 1.03
C LYS D 78 25.08 -39.17 2.27
N GLY D 79 24.77 -40.21 3.01
CA GLY D 79 25.51 -40.61 4.20
C GLY D 79 25.96 -39.46 5.04
N SER D 80 25.03 -38.91 5.86
CA SER D 80 25.28 -37.78 6.73
CA SER D 80 25.29 -37.78 6.74
C SER D 80 26.50 -37.96 7.64
N GLN D 81 27.26 -36.87 7.78
CA GLN D 81 28.43 -36.74 8.61
C GLN D 81 28.09 -35.56 9.52
N PRO D 82 28.69 -35.47 10.73
CA PRO D 82 28.37 -34.37 11.68
C PRO D 82 28.49 -32.91 11.16
N GLU D 83 29.51 -32.67 10.30
CA GLU D 83 29.81 -31.39 9.66
C GLU D 83 28.73 -30.94 8.67
N ASP D 84 27.72 -31.79 8.41
CA ASP D 84 26.62 -31.42 7.56
C ASP D 84 25.50 -30.75 8.36
N SER D 85 25.61 -30.71 9.70
CA SER D 85 24.62 -30.02 10.53
C SER D 85 24.72 -28.52 10.17
N ALA D 86 23.68 -27.99 9.52
CA ALA D 86 23.62 -26.62 9.01
C ALA D 86 22.17 -26.30 8.64
N THR D 87 21.89 -25.02 8.34
CA THR D 87 20.61 -24.62 7.81
C THR D 87 20.87 -24.47 6.31
N TYR D 88 20.17 -25.27 5.48
CA TYR D 88 20.32 -25.26 4.01
C TYR D 88 19.27 -24.33 3.45
N LEU D 89 19.75 -23.23 2.82
CA LEU D 89 18.94 -22.14 2.27
C LEU D 89 18.81 -22.22 0.80
N CYS D 90 17.63 -21.87 0.32
CA CYS D 90 17.26 -21.92 -1.10
C CYS D 90 16.86 -20.56 -1.55
N ALA D 91 17.39 -20.12 -2.71
CA ALA D 91 17.15 -18.80 -3.29
C ALA D 91 16.79 -18.82 -4.78
N PHE D 92 15.75 -18.01 -5.14
CA PHE D 92 15.30 -17.84 -6.52
C PHE D 92 15.75 -16.48 -7.06
N LYS D 93 16.27 -16.50 -8.29
CA LYS D 93 16.70 -15.30 -8.97
C LYS D 93 15.90 -15.19 -10.27
N ALA D 94 15.30 -14.01 -10.46
CA ALA D 94 14.56 -13.63 -11.66
C ALA D 94 15.50 -12.69 -12.48
N ALA D 95 14.98 -11.70 -13.25
CA ALA D 95 15.80 -10.88 -14.16
C ALA D 95 16.89 -9.99 -13.50
N GLY D 96 16.71 -9.59 -12.26
CA GLY D 96 17.71 -8.79 -11.56
C GLY D 96 18.78 -9.67 -10.92
N ASN D 97 19.33 -9.23 -9.79
CA ASN D 97 20.36 -10.00 -9.08
C ASN D 97 19.89 -10.39 -7.70
N LYS D 98 18.86 -9.70 -7.18
CA LYS D 98 18.27 -9.94 -5.87
C LYS D 98 17.76 -11.40 -5.76
N LEU D 99 18.06 -12.02 -4.62
CA LEU D 99 17.66 -13.38 -4.30
C LEU D 99 16.46 -13.37 -3.40
N THR D 100 15.51 -14.21 -3.71
CA THR D 100 14.33 -14.39 -2.83
C THR D 100 14.56 -15.72 -2.15
N PHE D 101 14.54 -15.71 -0.80
CA PHE D 101 14.84 -16.89 0.02
C PHE D 101 13.63 -17.63 0.61
N GLY D 102 13.82 -18.94 0.79
CA GLY D 102 12.92 -19.83 1.48
C GLY D 102 13.31 -19.74 2.94
N GLY D 103 12.45 -20.25 3.84
CA GLY D 103 12.68 -20.22 5.28
C GLY D 103 13.80 -21.14 5.76
N GLY D 104 14.32 -21.99 4.85
CA GLY D 104 15.39 -22.93 5.13
C GLY D 104 14.94 -24.27 5.67
N THR D 105 15.90 -25.23 5.73
CA THR D 105 15.79 -26.55 6.33
C THR D 105 16.96 -26.73 7.27
N ARG D 106 16.70 -26.66 8.58
CA ARG D 106 17.72 -26.88 9.60
C ARG D 106 18.02 -28.40 9.74
N VAL D 107 19.19 -28.84 9.30
CA VAL D 107 19.62 -30.26 9.36
C VAL D 107 20.48 -30.50 10.60
N LEU D 108 20.08 -31.49 11.41
CA LEU D 108 20.78 -31.92 12.61
C LEU D 108 21.23 -33.37 12.47
N VAL D 109 22.56 -33.59 12.35
CA VAL D 109 23.13 -34.92 12.20
C VAL D 109 23.40 -35.50 13.59
N LYS D 110 22.46 -36.35 14.06
CA LYS D 110 22.53 -37.04 15.34
C LYS D 110 23.79 -37.96 15.31
N PRO D 111 24.76 -37.76 16.25
CA PRO D 111 26.00 -38.54 16.17
C PRO D 111 25.84 -40.00 16.62
N ASN D 112 26.81 -40.81 16.18
CA ASN D 112 26.98 -42.23 16.49
C ASN D 112 27.92 -42.28 17.69
N ILE D 113 27.32 -42.43 18.90
CA ILE D 113 28.03 -42.45 20.18
C ILE D 113 28.55 -43.84 20.49
N GLN D 114 29.87 -43.96 20.66
CA GLN D 114 30.51 -45.23 21.00
C GLN D 114 30.84 -45.34 22.49
N ASN D 115 30.87 -46.59 22.99
CA ASN D 115 31.13 -46.91 24.39
C ASN D 115 30.43 -45.97 25.38
N PRO D 116 29.07 -45.91 25.41
CA PRO D 116 28.40 -45.06 26.42
C PRO D 116 28.72 -45.53 27.84
N ASP D 117 28.62 -44.60 28.79
CA ASP D 117 28.89 -44.78 30.21
C ASP D 117 28.06 -43.70 30.91
N PRO D 118 26.69 -43.64 30.77
CA PRO D 118 25.94 -42.52 31.39
C PRO D 118 26.30 -42.30 32.84
N ALA D 119 26.61 -41.05 33.20
CA ALA D 119 27.00 -40.67 34.56
C ALA D 119 26.63 -39.26 34.87
N VAL D 120 26.30 -38.99 36.14
CA VAL D 120 25.99 -37.67 36.65
C VAL D 120 27.09 -37.37 37.69
N TYR D 121 27.90 -36.32 37.42
CA TYR D 121 29.04 -35.95 38.28
C TYR D 121 28.84 -34.58 38.89
N GLN D 122 29.56 -34.31 40.00
CA GLN D 122 29.56 -33.03 40.72
C GLN D 122 30.93 -32.39 40.61
N LEU D 123 30.99 -31.26 39.90
CA LEU D 123 32.20 -30.45 39.71
C LEU D 123 32.36 -29.51 40.91
N ARG D 124 33.59 -29.06 41.24
CA ARG D 124 33.80 -28.13 42.38
C ARG D 124 33.85 -26.64 41.99
N ASP D 125 33.40 -25.74 42.92
CA ASP D 125 33.48 -24.29 42.69
C ASP D 125 34.90 -23.83 42.95
N SER D 126 35.43 -22.97 42.08
CA SER D 126 36.82 -22.49 42.21
C SER D 126 37.01 -20.95 42.00
N LYS D 127 36.66 -20.08 42.97
CA LYS D 127 36.01 -20.27 44.27
C LYS D 127 34.97 -19.12 44.43
N SER D 128 34.85 -18.28 43.38
CA SER D 128 34.01 -17.09 43.30
C SER D 128 32.66 -17.30 42.60
N SER D 129 31.80 -18.13 43.21
CA SER D 129 30.43 -18.46 42.79
C SER D 129 29.71 -19.24 43.90
N ASP D 130 28.38 -19.02 44.01
CA ASP D 130 27.51 -19.69 44.98
C ASP D 130 26.94 -20.97 44.38
N LYS D 131 27.23 -21.18 43.09
CA LYS D 131 26.80 -22.29 42.26
C LYS D 131 27.63 -23.54 42.46
N SER D 132 26.92 -24.66 42.46
CA SER D 132 27.42 -26.02 42.47
C SER D 132 26.90 -26.55 41.13
N VAL D 133 27.79 -27.14 40.31
CA VAL D 133 27.32 -27.66 39.03
C VAL D 133 27.34 -29.20 38.97
N CYS D 134 26.34 -29.75 38.30
CA CYS D 134 26.15 -31.18 38.01
C CYS D 134 26.24 -31.38 36.52
N LEU D 135 27.10 -32.33 36.11
CA LEU D 135 27.30 -32.70 34.71
C LEU D 135 26.73 -34.10 34.39
N PHE D 136 25.72 -34.16 33.51
CA PHE D 136 25.20 -35.44 33.05
C PHE D 136 26.00 -35.68 31.78
N THR D 137 26.92 -36.66 31.80
CA THR D 137 27.76 -36.95 30.65
C THR D 137 27.81 -38.45 30.21
N ASP D 138 28.34 -38.70 28.98
CA ASP D 138 28.68 -40.00 28.40
C ASP D 138 27.49 -40.96 28.09
N PHE D 139 26.36 -40.38 27.70
CA PHE D 139 25.16 -41.11 27.31
C PHE D 139 25.02 -41.15 25.76
N ASP D 140 24.25 -42.13 25.24
CA ASP D 140 24.01 -42.33 23.81
C ASP D 140 23.01 -41.28 23.27
N SER D 141 22.74 -41.29 21.95
CA SER D 141 21.89 -40.28 21.35
C SER D 141 20.37 -40.51 21.56
N GLN D 142 19.98 -41.67 22.11
CA GLN D 142 18.58 -41.94 22.41
C GLN D 142 18.16 -41.09 23.59
N THR D 143 19.03 -40.99 24.62
CA THR D 143 18.76 -40.20 25.83
C THR D 143 18.40 -38.74 25.46
N ASN D 144 17.30 -38.23 26.04
CA ASN D 144 16.84 -36.86 25.81
C ASN D 144 16.75 -36.08 27.12
N VAL D 145 17.35 -34.88 27.12
CA VAL D 145 17.43 -33.96 28.25
C VAL D 145 16.23 -33.00 28.25
N SER D 146 15.41 -33.14 29.30
CA SER D 146 14.21 -32.32 29.51
C SER D 146 14.52 -31.21 30.50
N GLN D 147 13.75 -30.11 30.39
CA GLN D 147 13.80 -28.89 31.20
C GLN D 147 13.51 -29.17 32.66
N SER D 148 14.01 -28.31 33.54
CA SER D 148 13.82 -28.41 34.98
C SER D 148 12.38 -28.08 35.37
N LYS D 149 11.91 -28.68 36.47
CA LYS D 149 10.58 -28.44 37.00
C LYS D 149 10.59 -27.38 38.12
N ASP D 150 11.79 -26.90 38.47
CA ASP D 150 11.99 -25.90 39.50
C ASP D 150 12.67 -24.67 38.89
N SER D 151 12.06 -23.50 39.07
CA SER D 151 12.50 -22.21 38.53
C SER D 151 13.93 -21.76 38.95
N ASP D 152 14.51 -22.36 40.01
CA ASP D 152 15.83 -21.98 40.50
C ASP D 152 16.96 -22.95 40.12
N VAL D 153 16.64 -23.95 39.26
CA VAL D 153 17.57 -24.93 38.71
C VAL D 153 17.60 -24.79 37.20
N TYR D 154 18.80 -24.61 36.64
CA TYR D 154 18.98 -24.41 35.21
C TYR D 154 19.65 -25.60 34.53
N ILE D 155 19.02 -26.10 33.46
CA ILE D 155 19.47 -27.26 32.69
C ILE D 155 19.64 -26.90 31.20
N THR D 156 20.84 -27.18 30.66
CA THR D 156 21.20 -26.94 29.27
C THR D 156 20.99 -28.20 28.42
N ASP D 157 20.73 -28.03 27.12
CA ASP D 157 20.56 -29.18 26.23
C ASP D 157 21.90 -29.88 25.95
N LYS D 158 21.82 -31.17 25.54
CA LYS D 158 22.94 -32.02 25.19
C LYS D 158 23.78 -31.42 24.06
N CYS D 159 25.05 -31.66 24.18
CA CYS D 159 26.02 -31.09 23.30
C CYS D 159 27.13 -32.11 23.15
N VAL D 160 27.58 -32.30 21.89
CA VAL D 160 28.64 -33.24 21.54
C VAL D 160 30.02 -32.60 21.36
N LEU D 161 31.02 -33.17 22.01
CA LEU D 161 32.39 -32.74 21.91
C LEU D 161 33.26 -33.89 21.41
N ASP D 162 34.27 -33.58 20.61
CA ASP D 162 35.25 -34.59 20.15
C ASP D 162 36.58 -34.19 20.74
N MET D 163 37.24 -35.11 21.48
CA MET D 163 38.50 -34.82 22.17
C MET D 163 39.77 -34.78 21.29
N ARG D 164 39.80 -35.51 20.15
CA ARG D 164 40.96 -35.59 19.22
C ARG D 164 42.40 -35.75 19.95
N SER D 165 42.40 -36.26 21.23
CA SER D 165 43.48 -36.62 22.19
C SER D 165 43.19 -38.05 22.72
N MET D 166 41.89 -38.35 22.93
CA MET D 166 41.29 -39.63 23.28
C MET D 166 40.14 -39.77 22.26
N ASP D 167 40.40 -39.26 21.01
CA ASP D 167 39.59 -39.10 19.76
C ASP D 167 38.25 -39.91 19.68
N PHE D 168 37.31 -39.60 20.58
CA PHE D 168 35.96 -40.17 20.69
C PHE D 168 34.98 -38.98 20.88
N LYS D 169 33.68 -39.24 20.75
CA LYS D 169 32.66 -38.20 20.88
C LYS D 169 31.80 -38.47 22.09
N SER D 170 31.44 -37.41 22.81
CA SER D 170 30.65 -37.56 24.01
C SER D 170 29.56 -36.54 24.08
N ASN D 171 28.41 -36.95 24.62
CA ASN D 171 27.27 -36.07 24.83
C ASN D 171 27.33 -35.64 26.29
N SER D 172 26.72 -34.50 26.58
CA SER D 172 26.63 -33.99 27.94
C SER D 172 25.69 -32.81 28.04
N ALA D 173 25.18 -32.61 29.25
CA ALA D 173 24.27 -31.55 29.65
C ALA D 173 24.75 -31.07 31.03
N VAL D 174 24.40 -29.83 31.38
CA VAL D 174 24.81 -29.20 32.62
C VAL D 174 23.56 -28.72 33.39
N ALA D 175 23.59 -28.89 34.72
CA ALA D 175 22.54 -28.41 35.63
C ALA D 175 23.22 -27.60 36.75
N TRP D 176 22.61 -26.48 37.17
CA TRP D 176 23.20 -25.67 38.25
C TRP D 176 22.16 -24.96 39.05
N SER D 177 22.56 -24.64 40.30
CA SER D 177 21.78 -23.89 41.26
C SER D 177 22.68 -23.52 42.43
N ASN D 178 22.31 -22.42 43.11
CA ASN D 178 22.98 -21.88 44.30
C ASN D 178 22.33 -22.49 45.54
N LYS D 179 21.04 -22.89 45.39
CA LYS D 179 20.14 -23.51 46.35
C LYS D 179 20.81 -24.50 47.31
N SER D 180 20.49 -24.32 48.61
CA SER D 180 20.96 -25.13 49.75
C SER D 180 20.49 -26.59 49.58
N ASP D 181 19.26 -26.71 49.06
CA ASP D 181 18.52 -27.92 48.69
C ASP D 181 19.36 -28.79 47.70
N PHE D 182 19.27 -28.49 46.38
CA PHE D 182 19.89 -29.07 45.17
C PHE D 182 21.09 -30.04 45.36
N ALA D 183 21.04 -31.19 44.62
CA ALA D 183 22.05 -32.26 44.56
C ALA D 183 22.08 -32.92 43.15
N CYS D 184 23.23 -33.53 42.74
CA CYS D 184 23.34 -34.18 41.42
C CYS D 184 22.48 -35.44 41.31
N ALA D 185 22.19 -36.07 42.45
CA ALA D 185 21.33 -37.26 42.54
C ALA D 185 19.87 -36.97 42.12
N ASN D 186 19.43 -35.69 42.10
CA ASN D 186 18.08 -35.31 41.70
C ASN D 186 18.02 -34.25 40.61
N ALA D 187 19.15 -33.62 40.29
CA ALA D 187 19.21 -32.56 39.29
C ALA D 187 18.44 -32.90 37.99
N PHE D 188 18.70 -34.11 37.45
CA PHE D 188 18.11 -34.56 36.19
C PHE D 188 16.89 -35.48 36.35
N ASN D 189 16.05 -35.24 37.38
CA ASN D 189 14.86 -36.07 37.66
C ASN D 189 13.71 -35.89 36.66
N ASN D 190 13.65 -34.77 35.91
CA ASN D 190 12.59 -34.56 34.93
C ASN D 190 12.97 -35.11 33.53
N SER D 191 14.16 -35.71 33.43
CA SER D 191 14.64 -36.26 32.17
C SER D 191 14.53 -37.78 32.16
N ILE D 192 14.38 -38.36 30.96
CA ILE D 192 14.35 -39.80 30.73
C ILE D 192 15.81 -40.29 30.71
N ILE D 193 16.32 -40.62 31.90
CA ILE D 193 17.71 -41.03 32.12
C ILE D 193 17.92 -42.54 31.94
N PRO D 194 19.05 -43.01 31.34
CA PRO D 194 19.29 -44.47 31.24
C PRO D 194 19.24 -45.11 32.63
N GLU D 195 18.68 -46.34 32.74
CA GLU D 195 18.54 -47.05 34.01
C GLU D 195 19.88 -47.21 34.74
N ASP D 196 20.97 -47.48 33.99
CA ASP D 196 22.31 -47.77 34.49
C ASP D 196 23.22 -46.52 34.73
N THR D 197 22.63 -45.29 34.68
CA THR D 197 23.35 -44.04 34.93
C THR D 197 24.13 -44.15 36.26
N PHE D 198 25.43 -43.85 36.21
CA PHE D 198 26.31 -43.91 37.36
C PHE D 198 26.24 -42.68 38.27
N PHE D 199 25.72 -42.86 39.49
CA PHE D 199 25.71 -41.80 40.47
C PHE D 199 26.70 -42.19 41.54
N PRO D 200 27.89 -41.56 41.56
CA PRO D 200 28.89 -41.89 42.61
C PRO D 200 28.54 -41.25 43.96
N SER D 201 29.20 -41.70 45.04
CA SER D 201 28.97 -41.22 46.42
C SER D 201 30.27 -41.02 47.23
N PRO E 2 39.76 -15.24 0.26
CA PRO E 2 39.05 -14.29 -0.64
C PRO E 2 37.55 -14.22 -0.27
N GLU E 3 37.25 -13.56 0.87
CA GLU E 3 35.93 -13.45 1.50
C GLU E 3 35.43 -12.03 1.66
N VAL E 4 34.13 -11.90 1.83
CA VAL E 4 33.51 -10.62 2.13
C VAL E 4 33.70 -10.42 3.65
N THR E 5 34.07 -9.19 4.05
CA THR E 5 34.33 -8.78 5.44
C THR E 5 33.23 -7.89 5.97
N GLN E 6 32.94 -7.99 7.25
CA GLN E 6 32.02 -7.06 7.90
C GLN E 6 32.51 -6.73 9.31
N THR E 7 32.18 -5.51 9.78
CA THR E 7 32.50 -5.01 11.10
C THR E 7 31.36 -4.08 11.58
N PRO E 8 30.92 -4.20 12.86
CA PRO E 8 31.43 -5.12 13.90
C PRO E 8 30.66 -6.44 13.95
N SER E 9 31.22 -7.46 14.61
CA SER E 9 30.59 -8.77 14.82
C SER E 9 29.11 -8.64 15.31
N HIS E 10 28.91 -7.79 16.35
CA HIS E 10 27.62 -7.48 17.00
C HIS E 10 27.59 -6.00 17.34
N GLN E 11 26.36 -5.44 17.51
CA GLN E 11 26.16 -4.04 17.88
C GLN E 11 24.87 -3.83 18.65
N VAL E 12 24.97 -3.17 19.82
CA VAL E 12 23.82 -2.88 20.67
C VAL E 12 23.51 -1.39 20.55
N THR E 13 22.24 -1.08 20.22
CA THR E 13 21.79 0.29 20.02
C THR E 13 20.42 0.54 20.67
N GLN E 14 20.12 1.82 20.96
CA GLN E 14 18.87 2.30 21.54
C GLN E 14 18.05 2.85 20.41
N MET E 15 16.73 2.62 20.44
CA MET E 15 15.70 3.07 19.49
C MET E 15 15.87 4.55 19.03
N GLY E 16 15.56 4.81 17.75
CA GLY E 16 15.63 6.13 17.13
C GLY E 16 17.00 6.62 16.71
N GLN E 17 18.04 5.82 16.96
CA GLN E 17 19.41 6.19 16.60
C GLN E 17 19.80 5.79 15.18
N GLU E 18 20.86 6.45 14.66
CA GLU E 18 21.43 6.20 13.34
C GLU E 18 22.58 5.24 13.53
N VAL E 19 22.51 4.12 12.81
CA VAL E 19 23.52 3.07 12.86
C VAL E 19 24.14 2.97 11.47
N ILE E 20 25.48 2.89 11.42
CA ILE E 20 26.24 2.71 10.19
C ILE E 20 26.96 1.36 10.21
N LEU E 21 26.45 0.42 9.40
CA LEU E 21 27.00 -0.91 9.21
C LEU E 21 28.03 -0.90 8.09
N ARG E 22 29.24 -1.37 8.42
CA ARG E 22 30.43 -1.43 7.60
C ARG E 22 30.59 -2.82 6.92
N CYS E 23 31.16 -2.82 5.71
CA CYS E 23 31.38 -3.98 4.86
C CYS E 23 32.55 -3.70 3.90
N VAL E 24 33.29 -4.75 3.53
CA VAL E 24 34.41 -4.69 2.60
C VAL E 24 34.15 -5.76 1.50
N PRO E 25 33.44 -5.41 0.42
CA PRO E 25 33.18 -6.44 -0.62
C PRO E 25 34.46 -6.99 -1.21
N ILE E 26 34.39 -8.19 -1.80
CA ILE E 26 35.54 -8.78 -2.48
C ILE E 26 36.08 -7.78 -3.55
N SER E 27 37.41 -7.58 -3.59
CA SER E 27 38.14 -6.62 -4.47
C SER E 27 37.65 -6.45 -5.92
N ASN E 28 37.58 -7.54 -6.71
CA ASN E 28 37.23 -7.46 -8.12
C ASN E 28 35.71 -7.47 -8.44
N HIS E 29 34.87 -7.75 -7.44
CA HIS E 29 33.42 -7.92 -7.53
C HIS E 29 32.69 -6.65 -7.95
N LEU E 30 31.68 -6.80 -8.84
CA LEU E 30 30.93 -5.71 -9.44
C LEU E 30 29.60 -5.42 -8.79
N TYR E 31 28.96 -6.43 -8.19
CA TYR E 31 27.67 -6.22 -7.51
C TYR E 31 27.81 -6.42 -6.02
N PHE E 32 27.18 -5.53 -5.23
CA PHE E 32 27.14 -5.53 -3.76
C PHE E 32 25.70 -5.58 -3.36
N TYR E 33 25.44 -6.19 -2.19
CA TYR E 33 24.07 -6.35 -1.71
C TYR E 33 24.06 -6.22 -0.24
N TRP E 34 22.89 -5.96 0.29
CA TRP E 34 22.64 -6.05 1.70
C TRP E 34 21.36 -6.86 1.85
N TYR E 35 21.43 -7.88 2.71
CA TYR E 35 20.31 -8.74 3.08
C TYR E 35 20.19 -8.69 4.59
N ARG E 36 19.01 -8.97 5.11
CA ARG E 36 18.84 -9.02 6.56
C ARG E 36 17.87 -10.13 6.96
N GLN E 37 18.11 -10.70 8.15
CA GLN E 37 17.27 -11.76 8.66
C GLN E 37 16.85 -11.48 10.10
N ILE E 38 15.56 -11.19 10.28
CA ILE E 38 14.93 -11.01 11.57
C ILE E 38 14.71 -12.43 12.08
N LEU E 39 15.13 -12.71 13.34
CA LEU E 39 14.98 -14.04 13.93
C LEU E 39 13.57 -14.61 13.76
N GLY E 40 13.53 -15.84 13.21
CA GLY E 40 12.29 -16.54 12.92
C GLY E 40 11.80 -16.37 11.51
N GLN E 41 12.09 -15.18 10.92
CA GLN E 41 11.74 -14.77 9.56
C GLN E 41 12.82 -15.27 8.52
N LYS E 42 12.50 -15.18 7.20
CA LYS E 42 13.34 -15.54 6.05
C LYS E 42 14.42 -14.45 5.85
N VAL E 43 15.45 -14.76 5.03
CA VAL E 43 16.49 -13.79 4.68
C VAL E 43 15.82 -12.92 3.61
N GLU E 44 15.83 -11.58 3.86
CA GLU E 44 15.22 -10.52 3.04
C GLU E 44 16.26 -9.68 2.30
N PHE E 45 15.96 -9.40 1.05
CA PHE E 45 16.78 -8.53 0.23
C PHE E 45 16.51 -7.10 0.66
N LEU E 46 17.58 -6.29 0.79
CA LEU E 46 17.44 -4.88 1.12
C LEU E 46 17.76 -4.03 -0.09
N VAL E 47 19.02 -4.10 -0.56
CA VAL E 47 19.54 -3.28 -1.64
C VAL E 47 20.62 -4.00 -2.40
N SER E 48 20.69 -3.69 -3.69
CA SER E 48 21.60 -4.14 -4.74
C SER E 48 22.34 -2.86 -5.17
N PHE E 49 23.61 -2.97 -5.56
CA PHE E 49 24.39 -1.80 -5.98
C PHE E 49 25.44 -2.23 -6.98
N TYR E 50 25.55 -1.47 -8.08
CA TYR E 50 26.49 -1.71 -9.17
C TYR E 50 26.86 -0.42 -9.86
N ASN E 51 28.16 -0.27 -10.17
CA ASN E 51 28.69 0.88 -10.92
C ASN E 51 28.29 2.24 -10.29
N ASN E 52 28.53 2.35 -8.98
CA ASN E 52 28.28 3.49 -8.11
C ASN E 52 26.82 3.98 -8.13
N GLU E 53 25.87 3.03 -8.34
CA GLU E 53 24.42 3.29 -8.37
C GLU E 53 23.62 2.08 -7.87
N ILE E 54 22.53 2.31 -7.09
CA ILE E 54 21.64 1.26 -6.61
C ILE E 54 20.97 0.60 -7.83
N SER E 55 20.98 -0.75 -7.88
CA SER E 55 20.30 -1.52 -8.92
C SER E 55 18.86 -1.73 -8.47
N GLU E 56 18.62 -2.72 -7.61
CA GLU E 56 17.30 -3.07 -7.03
C GLU E 56 17.25 -2.68 -5.56
N LYS E 57 16.04 -2.40 -5.04
CA LYS E 57 15.83 -2.03 -3.64
C LYS E 57 14.48 -2.50 -3.12
N SER E 58 14.40 -2.74 -1.81
CA SER E 58 13.19 -3.19 -1.09
C SER E 58 12.15 -2.09 -1.09
N GLU E 59 10.86 -2.45 -0.87
CA GLU E 59 9.76 -1.47 -0.73
C GLU E 59 10.05 -0.50 0.46
N ILE E 60 10.67 -1.05 1.52
CA ILE E 60 11.10 -0.48 2.81
C ILE E 60 12.40 0.36 2.71
N PHE E 61 13.21 0.16 1.66
CA PHE E 61 14.55 0.74 1.54
C PHE E 61 14.68 2.26 1.55
N ASP E 62 14.15 3.00 0.57
CA ASP E 62 14.44 4.43 0.54
C ASP E 62 13.84 5.23 1.70
N ASP E 63 12.75 4.72 2.28
CA ASP E 63 12.12 5.36 3.42
C ASP E 63 12.97 5.25 4.69
N GLN E 64 13.61 4.07 4.92
CA GLN E 64 14.35 3.77 6.15
C GLN E 64 15.89 3.62 6.07
N PHE E 65 16.46 3.59 4.86
CA PHE E 65 17.91 3.31 4.70
C PHE E 65 18.61 4.13 3.61
N SER E 66 19.94 3.91 3.51
CA SER E 66 20.83 4.43 2.47
C SER E 66 22.11 3.58 2.31
N VAL E 67 22.89 3.84 1.24
CA VAL E 67 24.16 3.18 0.94
C VAL E 67 25.17 4.17 0.43
N GLU E 68 26.37 4.08 1.00
CA GLU E 68 27.50 4.92 0.62
C GLU E 68 28.64 4.01 0.26
N ARG E 69 29.26 4.35 -0.84
CA ARG E 69 30.44 3.78 -1.43
C ARG E 69 31.56 4.86 -1.19
N PRO E 70 32.25 4.86 -0.02
CA PRO E 70 33.28 5.88 0.20
C PRO E 70 34.45 5.66 -0.77
N ASP E 71 35.45 4.86 -0.37
CA ASP E 71 36.53 4.64 -1.30
C ASP E 71 36.12 3.53 -2.33
N GLY E 72 37.12 2.89 -2.96
CA GLY E 72 36.90 1.80 -3.89
C GLY E 72 37.23 0.47 -3.26
N SER E 73 37.14 0.42 -1.91
CA SER E 73 37.42 -0.78 -1.12
C SER E 73 36.25 -1.12 -0.19
N ASN E 74 35.56 -0.09 0.30
CA ASN E 74 34.43 -0.13 1.23
C ASN E 74 33.07 0.10 0.61
N PHE E 75 32.03 -0.31 1.38
CA PHE E 75 30.61 -0.18 1.10
C PHE E 75 29.86 -0.19 2.45
N THR E 76 28.92 0.74 2.65
CA THR E 76 28.20 0.85 3.95
C THR E 76 26.67 1.02 3.84
N LEU E 77 25.94 0.49 4.86
CA LEU E 77 24.49 0.58 4.98
C LEU E 77 24.24 1.37 6.18
N LYS E 78 23.35 2.36 6.02
CA LYS E 78 23.00 3.26 7.09
C LYS E 78 21.53 3.08 7.40
N ILE E 79 21.22 2.74 8.66
CA ILE E 79 19.84 2.68 9.13
C ILE E 79 19.62 4.09 9.69
N ARG E 80 18.61 4.80 9.15
CA ARG E 80 18.35 6.20 9.50
C ARG E 80 17.90 6.37 10.95
N SER E 81 16.72 5.78 11.30
CA SER E 81 16.13 5.82 12.64
C SER E 81 15.76 4.40 13.09
N THR E 82 16.68 3.79 13.84
CA THR E 82 16.61 2.43 14.36
C THR E 82 15.25 2.16 15.06
N LYS E 83 14.56 1.10 14.62
CA LYS E 83 13.26 0.64 15.15
C LYS E 83 13.47 -0.70 15.85
N LEU E 84 12.55 -1.12 16.73
CA LEU E 84 12.70 -2.41 17.42
C LEU E 84 12.65 -3.57 16.42
N GLU E 85 11.84 -3.39 15.38
CA GLU E 85 11.68 -4.33 14.26
C GLU E 85 13.00 -4.48 13.45
N ASP E 86 13.97 -3.56 13.61
CA ASP E 86 15.24 -3.60 12.89
C ASP E 86 16.32 -4.42 13.60
N SER E 87 15.95 -5.17 14.65
CA SER E 87 16.89 -6.06 15.33
C SER E 87 16.94 -7.26 14.43
N ALA E 88 18.09 -7.45 13.78
CA ALA E 88 18.29 -8.55 12.83
C ALA E 88 19.77 -8.82 12.61
N MET E 89 20.05 -9.83 11.79
CA MET E 89 21.40 -10.19 11.33
C MET E 89 21.53 -9.55 9.94
N TYR E 90 22.48 -8.63 9.79
CA TYR E 90 22.71 -7.88 8.57
C TYR E 90 23.86 -8.45 7.83
N PHE E 91 23.58 -8.92 6.63
CA PHE E 91 24.59 -9.50 5.76
C PHE E 91 24.86 -8.59 4.62
N CYS E 92 26.13 -8.44 4.32
CA CYS E 92 26.63 -7.76 3.15
C CYS E 92 27.06 -8.86 2.19
N ALA E 93 26.74 -8.72 0.91
CA ALA E 93 27.15 -9.69 -0.10
C ALA E 93 27.77 -9.03 -1.31
N SER E 94 28.48 -9.81 -2.10
CA SER E 94 29.07 -9.37 -3.37
C SER E 94 29.12 -10.50 -4.41
N SER E 95 28.96 -10.13 -5.70
CA SER E 95 28.98 -10.97 -6.92
C SER E 95 30.09 -10.45 -7.80
N ARG E 96 30.73 -11.33 -8.56
CA ARG E 96 31.82 -10.95 -9.46
C ARG E 96 31.32 -10.28 -10.72
N LEU E 97 30.49 -10.99 -11.49
CA LEU E 97 29.96 -10.58 -12.78
C LEU E 97 28.80 -9.59 -12.67
N ALA E 98 28.58 -8.81 -13.74
CA ALA E 98 27.51 -7.83 -13.83
C ALA E 98 26.27 -8.48 -14.41
N GLY E 99 26.42 -9.70 -14.92
CA GLY E 99 25.36 -10.49 -15.53
C GLY E 99 24.42 -11.17 -14.54
N GLY E 100 24.89 -11.34 -13.31
CA GLY E 100 24.12 -11.91 -12.21
C GLY E 100 23.87 -13.40 -12.18
N MET E 101 24.45 -14.17 -13.11
CA MET E 101 24.26 -15.65 -13.17
C MET E 101 25.19 -16.44 -12.23
N ASP E 102 26.06 -15.73 -11.50
CA ASP E 102 26.99 -16.33 -10.58
C ASP E 102 26.53 -16.28 -9.14
N GLU E 103 27.28 -16.95 -8.24
CA GLU E 103 27.01 -17.04 -6.80
C GLU E 103 27.24 -15.73 -6.04
N GLN E 104 26.59 -15.61 -4.88
CA GLN E 104 26.82 -14.43 -4.01
C GLN E 104 27.63 -14.84 -2.82
N PHE E 105 28.60 -14.03 -2.48
CA PHE E 105 29.46 -14.33 -1.36
C PHE E 105 28.99 -13.47 -0.22
N PHE E 106 28.73 -14.07 0.94
CA PHE E 106 28.21 -13.39 2.10
C PHE E 106 29.30 -13.15 3.07
N GLY E 107 29.18 -12.05 3.80
CA GLY E 107 30.11 -11.70 4.85
C GLY E 107 29.72 -12.42 6.12
N PRO E 108 30.50 -12.30 7.22
CA PRO E 108 30.12 -12.99 8.48
C PRO E 108 28.86 -12.44 9.15
N GLY E 109 28.46 -11.25 8.74
CA GLY E 109 27.27 -10.60 9.26
C GLY E 109 27.50 -9.77 10.51
N THR E 110 26.56 -8.89 10.78
CA THR E 110 26.51 -8.04 11.94
C THR E 110 25.17 -8.25 12.61
N ARG E 111 25.20 -8.67 13.88
CA ARG E 111 23.98 -8.88 14.65
C ARG E 111 23.65 -7.58 15.37
N LEU E 112 22.57 -6.94 14.94
CA LEU E 112 22.14 -5.68 15.53
C LEU E 112 21.00 -5.92 16.49
N THR E 113 21.18 -5.50 17.74
CA THR E 113 20.16 -5.59 18.78
C THR E 113 19.69 -4.14 19.07
N VAL E 114 18.39 -3.87 18.82
CA VAL E 114 17.77 -2.56 19.05
C VAL E 114 16.95 -2.68 20.34
N LEU E 115 17.23 -1.80 21.30
CA LEU E 115 16.57 -1.79 22.60
C LEU E 115 15.75 -0.54 22.81
N GLU E 116 14.58 -0.70 23.42
CA GLU E 116 13.66 0.39 23.74
C GLU E 116 14.30 1.31 24.77
N ASP E 117 14.92 0.70 25.81
CA ASP E 117 15.61 1.34 26.92
C ASP E 117 16.91 0.58 27.22
N LEU E 118 18.00 1.32 27.36
CA LEU E 118 19.32 0.77 27.63
C LEU E 118 19.56 0.50 29.13
N LYS E 119 18.52 0.60 29.97
CA LYS E 119 18.65 0.42 31.42
C LYS E 119 18.93 -1.02 31.86
N ASN E 120 18.29 -2.00 31.19
CA ASN E 120 18.36 -3.42 31.53
C ASN E 120 19.56 -4.17 30.92
N VAL E 121 20.58 -3.46 30.41
CA VAL E 121 21.77 -4.07 29.83
C VAL E 121 22.72 -4.50 30.96
N PHE E 122 23.17 -5.76 30.96
CA PHE E 122 24.07 -6.28 31.98
C PHE E 122 25.14 -7.15 31.34
N PRO E 123 26.41 -7.04 31.78
CA PRO E 123 27.44 -7.92 31.24
C PRO E 123 27.34 -9.31 31.86
N PRO E 124 28.08 -10.34 31.39
CA PRO E 124 27.98 -11.64 32.05
C PRO E 124 28.92 -11.80 33.26
N GLU E 125 28.63 -12.79 34.11
CA GLU E 125 29.51 -13.19 35.21
C GLU E 125 30.08 -14.48 34.69
N VAL E 126 31.41 -14.66 34.75
CA VAL E 126 32.02 -15.85 34.19
C VAL E 126 32.78 -16.60 35.27
N ALA E 127 32.48 -17.91 35.42
CA ALA E 127 33.10 -18.84 36.38
C ALA E 127 33.47 -20.14 35.70
N VAL E 128 34.64 -20.70 36.08
CA VAL E 128 35.15 -22.01 35.64
C VAL E 128 34.98 -22.95 36.85
N PHE E 129 34.47 -24.19 36.60
CA PHE E 129 34.28 -25.25 37.59
C PHE E 129 35.22 -26.37 37.25
N GLU E 130 36.12 -26.73 38.16
CA GLU E 130 37.14 -27.74 37.92
C GLU E 130 36.55 -29.18 37.83
N PRO E 131 37.21 -30.13 37.11
CA PRO E 131 36.65 -31.47 36.96
C PRO E 131 36.33 -32.23 38.26
N SER E 132 35.28 -33.08 38.20
CA SER E 132 34.82 -33.99 39.26
C SER E 132 35.91 -35.03 39.47
N GLU E 133 36.18 -35.36 40.73
CA GLU E 133 37.22 -36.34 41.02
C GLU E 133 36.72 -37.74 40.66
N ALA E 134 35.40 -37.94 40.78
CA ALA E 134 34.74 -39.20 40.46
C ALA E 134 34.97 -39.53 39.00
N GLU E 135 34.75 -38.53 38.10
CA GLU E 135 34.96 -38.63 36.66
C GLU E 135 36.39 -39.04 36.31
N ILE E 136 37.37 -38.37 36.89
CA ILE E 136 38.75 -38.72 36.60
C ILE E 136 39.02 -40.19 36.98
N SER E 137 38.57 -40.60 38.18
CA SER E 137 38.73 -41.95 38.71
C SER E 137 38.02 -42.99 37.85
N HIS E 138 36.83 -42.64 37.31
CA HIS E 138 35.99 -43.52 36.52
C HIS E 138 36.28 -43.61 35.02
N THR E 139 36.90 -42.59 34.42
CA THR E 139 37.10 -42.48 32.98
C THR E 139 38.48 -42.02 32.50
N GLN E 140 39.26 -41.41 33.39
CA GLN E 140 40.58 -40.88 33.07
C GLN E 140 40.47 -39.72 32.08
N LYS E 141 39.29 -39.08 32.08
CA LYS E 141 38.94 -37.89 31.32
C LYS E 141 38.53 -36.85 32.36
N ALA E 142 38.76 -35.58 32.02
CA ALA E 142 38.46 -34.44 32.88
C ALA E 142 37.73 -33.33 32.12
N THR E 143 36.53 -32.95 32.59
CA THR E 143 35.83 -31.87 31.94
C THR E 143 35.61 -30.71 32.91
N LEU E 144 36.05 -29.50 32.45
CA LEU E 144 35.87 -28.19 33.08
C LEU E 144 34.58 -27.66 32.48
N VAL E 145 33.82 -26.90 33.24
CA VAL E 145 32.60 -26.28 32.76
C VAL E 145 32.72 -24.77 32.99
N CYS E 146 32.21 -23.98 32.01
CA CYS E 146 32.16 -22.55 32.07
C CYS E 146 30.73 -22.12 32.01
N LEU E 147 30.35 -21.33 33.01
CA LEU E 147 29.02 -20.76 33.10
C LEU E 147 29.18 -19.24 32.92
N ALA E 148 28.35 -18.67 32.03
CA ALA E 148 28.22 -17.25 31.74
C ALA E 148 26.78 -16.91 32.07
N THR E 149 26.58 -16.15 33.15
CA THR E 149 25.24 -15.83 33.66
C THR E 149 24.92 -14.34 33.79
N GLY E 150 23.63 -14.05 33.86
CA GLY E 150 23.04 -12.73 34.05
C GLY E 150 23.38 -11.66 33.05
N PHE E 151 23.45 -12.03 31.74
CA PHE E 151 23.75 -11.06 30.68
C PHE E 151 22.56 -10.64 29.91
N TYR E 152 22.57 -9.39 29.45
CA TYR E 152 21.51 -8.84 28.60
C TYR E 152 22.11 -7.76 27.67
N PRO E 153 21.88 -7.83 26.32
CA PRO E 153 21.09 -8.81 25.60
C PRO E 153 21.91 -10.05 25.24
N ASP E 154 21.32 -10.97 24.45
CA ASP E 154 21.92 -12.23 24.00
C ASP E 154 23.01 -11.98 22.95
N HIS E 155 23.64 -13.06 22.48
CA HIS E 155 24.69 -13.12 21.46
C HIS E 155 25.94 -12.61 22.10
N VAL E 156 26.67 -13.57 22.57
CA VAL E 156 27.89 -13.43 23.34
C VAL E 156 28.84 -14.44 22.71
N GLU E 157 30.16 -14.25 22.86
CA GLU E 157 31.10 -15.19 22.27
C GLU E 157 32.01 -15.82 23.30
N LEU E 158 31.77 -17.10 23.59
CA LEU E 158 32.54 -17.89 24.53
C LEU E 158 33.66 -18.65 23.83
N SER E 159 34.86 -18.64 24.44
CA SER E 159 36.07 -19.32 23.95
C SER E 159 36.94 -19.80 25.10
N TRP E 160 37.68 -20.87 24.82
CA TRP E 160 38.58 -21.56 25.73
C TRP E 160 39.98 -21.33 25.28
N TRP E 161 40.84 -21.17 26.23
CA TRP E 161 42.25 -20.93 25.96
C TRP E 161 43.05 -21.84 26.86
N VAL E 162 43.95 -22.60 26.23
CA VAL E 162 44.81 -23.52 26.96
C VAL E 162 46.24 -23.09 26.66
N ASN E 163 47.00 -22.77 27.73
CA ASN E 163 48.39 -22.30 27.67
C ASN E 163 48.57 -21.12 26.70
N GLY E 164 47.56 -20.26 26.64
CA GLY E 164 47.55 -19.10 25.76
C GLY E 164 46.91 -19.28 24.40
N LYS E 165 46.87 -20.52 23.86
CA LYS E 165 46.29 -20.76 22.54
C LYS E 165 44.80 -21.10 22.64
N GLU E 166 43.99 -20.60 21.72
CA GLU E 166 42.56 -20.92 21.71
C GLU E 166 42.38 -22.39 21.22
N VAL E 167 41.40 -23.14 21.81
CA VAL E 167 41.11 -24.54 21.48
C VAL E 167 39.69 -24.74 21.01
N HIS E 168 39.50 -25.68 20.06
CA HIS E 168 38.19 -26.05 19.51
C HIS E 168 37.94 -27.54 19.71
N SER E 169 39.01 -28.30 19.89
CA SER E 169 39.03 -29.72 20.20
C SER E 169 38.70 -29.90 21.69
N GLY E 170 37.77 -30.78 21.99
CA GLY E 170 37.33 -31.05 23.35
C GLY E 170 36.23 -30.13 23.84
N VAL E 171 35.89 -29.16 23.06
CA VAL E 171 34.95 -28.11 23.44
C VAL E 171 33.56 -28.34 22.90
N CYS E 172 32.54 -28.00 23.68
CA CYS E 172 31.19 -27.89 23.20
C CYS E 172 30.45 -26.86 24.03
N THR E 173 29.78 -25.92 23.33
CA THR E 173 29.08 -24.77 23.87
C THR E 173 27.64 -24.78 23.41
N ASP E 174 26.71 -24.46 24.30
CA ASP E 174 25.29 -24.35 24.01
C ASP E 174 25.01 -23.54 22.75
N PRO E 175 24.25 -24.09 21.78
CA PRO E 175 24.00 -23.34 20.55
C PRO E 175 23.17 -22.08 20.80
N GLN E 176 22.36 -22.09 21.86
CA GLN E 176 21.52 -20.98 22.27
C GLN E 176 21.60 -20.83 23.79
N PRO E 177 21.50 -19.60 24.36
CA PRO E 177 21.51 -19.48 25.83
C PRO E 177 20.12 -19.76 26.37
N LEU E 178 19.99 -19.95 27.68
CA LEU E 178 18.67 -20.11 28.25
C LEU E 178 18.30 -18.86 29.00
N LYS E 179 16.99 -18.58 29.11
CA LYS E 179 16.50 -17.43 29.85
C LYS E 179 16.58 -17.73 31.35
N GLU E 180 17.08 -16.77 32.14
CA GLU E 180 17.19 -16.92 33.59
C GLU E 180 15.81 -16.84 34.25
N GLN E 181 14.90 -15.99 33.68
CA GLN E 181 13.52 -15.80 34.14
C GLN E 181 12.57 -15.80 32.94
N PRO E 182 12.13 -16.98 32.43
CA PRO E 182 11.29 -17.01 31.22
C PRO E 182 9.97 -16.22 31.28
N ALA E 183 9.47 -15.87 32.50
CA ALA E 183 8.24 -15.08 32.69
C ALA E 183 8.42 -13.58 32.34
N LEU E 184 9.68 -13.13 32.16
CA LEU E 184 10.05 -11.74 31.85
C LEU E 184 10.48 -11.54 30.39
N ASN E 185 10.11 -10.39 29.80
CA ASN E 185 10.47 -9.98 28.44
C ASN E 185 11.93 -9.48 28.43
N ASP E 186 12.37 -8.91 29.55
CA ASP E 186 13.70 -8.36 29.80
C ASP E 186 14.59 -9.39 30.53
N SER E 187 14.25 -10.71 30.40
CA SER E 187 15.00 -11.81 30.99
C SER E 187 16.46 -11.85 30.58
N ARG E 188 17.34 -11.88 31.59
CA ARG E 188 18.78 -12.03 31.48
C ARG E 188 19.04 -13.50 31.05
N TYR E 189 20.22 -13.79 30.47
CA TYR E 189 20.55 -15.11 29.95
C TYR E 189 21.66 -15.82 30.66
N ALA E 190 21.72 -17.14 30.47
CA ALA E 190 22.81 -17.98 30.97
C ALA E 190 23.35 -18.86 29.82
N LEU E 191 24.62 -19.24 29.85
CA LEU E 191 25.21 -20.06 28.82
C LEU E 191 26.32 -20.89 29.39
N SER E 192 26.48 -22.14 28.89
CA SER E 192 27.53 -23.04 29.34
C SER E 192 28.36 -23.60 28.20
N SER E 193 29.56 -24.08 28.56
CA SER E 193 30.53 -24.67 27.68
C SER E 193 31.32 -25.73 28.44
N ARG E 194 31.71 -26.77 27.76
CA ARG E 194 32.45 -27.83 28.42
C ARG E 194 33.75 -27.92 27.70
N LEU E 195 34.81 -28.28 28.43
CA LEU E 195 36.11 -28.52 27.82
C LEU E 195 36.55 -29.82 28.45
N ARG E 196 36.80 -30.82 27.60
CA ARG E 196 37.23 -32.09 28.11
C ARG E 196 38.61 -32.38 27.65
N VAL E 197 39.46 -32.71 28.62
CA VAL E 197 40.87 -33.06 28.42
C VAL E 197 41.13 -34.35 29.13
N SER E 198 42.24 -35.02 28.81
CA SER E 198 42.65 -36.23 29.50
C SER E 198 43.08 -35.89 30.93
N ALA E 199 42.85 -36.80 31.89
CA ALA E 199 43.23 -36.68 33.30
C ALA E 199 44.71 -36.37 33.46
N THR E 200 45.54 -37.00 32.63
CA THR E 200 46.99 -36.77 32.61
C THR E 200 47.31 -35.28 32.39
N PHE E 201 46.52 -34.62 31.52
CA PHE E 201 46.69 -33.23 31.12
C PHE E 201 46.24 -32.28 32.22
N TRP E 202 45.06 -32.51 32.79
CA TRP E 202 44.53 -31.69 33.86
C TRP E 202 45.43 -31.84 35.10
N GLN E 203 46.02 -33.02 35.31
CA GLN E 203 46.88 -33.35 36.44
C GLN E 203 48.25 -32.69 36.42
N ASN E 204 48.68 -32.14 35.27
CA ASN E 204 49.95 -31.43 35.12
C ASN E 204 49.68 -29.99 35.55
N PRO E 205 50.31 -29.50 36.64
CA PRO E 205 50.02 -28.14 37.13
C PRO E 205 50.63 -27.01 36.34
N ARG E 206 51.36 -27.36 35.29
CA ARG E 206 52.00 -26.42 34.37
C ARG E 206 50.99 -26.06 33.27
N ASN E 207 49.80 -26.71 33.32
CA ASN E 207 48.74 -26.52 32.34
C ASN E 207 47.76 -25.50 32.81
N HIS E 208 47.55 -24.47 31.98
CA HIS E 208 46.69 -23.33 32.24
C HIS E 208 45.44 -23.41 31.37
N PHE E 209 44.29 -23.11 31.98
CA PHE E 209 42.96 -23.19 31.35
C PHE E 209 42.21 -21.89 31.61
N ARG E 210 41.68 -21.28 30.53
CA ARG E 210 40.97 -20.01 30.65
C ARG E 210 39.76 -20.06 29.83
N CYS E 211 38.70 -19.47 30.32
CA CYS E 211 37.45 -19.37 29.61
C CYS E 211 37.04 -17.88 29.56
N GLN E 212 36.80 -17.35 28.37
CA GLN E 212 36.41 -15.95 28.27
C GLN E 212 35.20 -15.75 27.37
N VAL E 213 34.42 -14.72 27.71
CA VAL E 213 33.21 -14.35 27.04
C VAL E 213 33.25 -12.92 26.47
N GLN E 214 33.19 -12.78 25.14
CA GLN E 214 33.08 -11.47 24.55
C GLN E 214 31.61 -11.04 24.61
N PHE E 215 31.33 -10.00 25.40
CA PHE E 215 30.01 -9.40 25.58
C PHE E 215 29.98 -8.07 24.80
N TYR E 216 28.83 -7.77 24.20
CA TYR E 216 28.59 -6.55 23.42
C TYR E 216 27.45 -5.80 24.09
N GLY E 217 27.74 -4.57 24.51
CA GLY E 217 26.75 -3.76 25.17
C GLY E 217 26.89 -2.30 24.85
N LEU E 218 26.90 -1.46 25.89
CA LEU E 218 26.98 -0.02 25.79
C LEU E 218 28.28 0.52 25.18
N SER E 219 28.11 1.59 24.39
CA SER E 219 29.20 2.36 23.79
C SER E 219 29.60 3.45 24.80
N GLU E 220 30.83 3.98 24.71
CA GLU E 220 31.29 5.04 25.62
C GLU E 220 30.51 6.34 25.49
N ASN E 221 29.83 6.55 24.33
CA ASN E 221 29.02 7.75 24.09
C ASN E 221 27.59 7.64 24.65
N ASP E 222 27.09 6.40 24.95
CA ASP E 222 25.74 6.16 25.47
C ASP E 222 25.52 6.74 26.89
N GLU E 223 24.28 7.18 27.21
CA GLU E 223 23.97 7.78 28.52
C GLU E 223 23.85 6.74 29.65
N TRP E 224 24.61 6.95 30.76
CA TRP E 224 24.61 6.05 31.92
C TRP E 224 24.50 6.80 33.25
N THR E 225 23.28 6.80 33.82
CA THR E 225 22.95 7.51 35.06
C THR E 225 22.89 6.58 36.31
N GLN E 226 22.65 5.25 36.14
CA GLN E 226 22.61 4.24 37.23
C GLN E 226 23.94 4.18 38.04
N ASP E 227 23.93 3.55 39.24
CA ASP E 227 25.16 3.52 40.04
C ASP E 227 26.12 2.42 39.66
N ARG E 228 25.61 1.21 39.31
CA ARG E 228 26.46 0.06 38.89
C ARG E 228 27.33 0.44 37.69
N ALA E 229 28.49 -0.19 37.56
CA ALA E 229 29.42 0.07 36.46
C ALA E 229 28.72 -0.03 35.09
N LYS E 230 29.12 0.86 34.15
CA LYS E 230 28.56 0.92 32.79
C LYS E 230 28.69 -0.45 32.11
N PRO E 231 27.57 -0.99 31.60
CA PRO E 231 27.61 -2.30 30.99
C PRO E 231 28.11 -2.19 29.54
N VAL E 232 29.35 -1.70 29.42
CA VAL E 232 30.03 -1.48 28.15
C VAL E 232 30.40 -2.82 27.50
N THR E 233 30.69 -2.81 26.17
CA THR E 233 31.19 -3.98 25.44
C THR E 233 32.51 -4.37 26.14
N GLN E 234 32.68 -5.66 26.48
CA GLN E 234 33.86 -6.11 27.24
C GLN E 234 34.07 -7.61 27.14
N ILE E 235 35.27 -8.09 27.55
CA ILE E 235 35.66 -9.50 27.64
C ILE E 235 35.76 -9.84 29.17
N VAL E 236 34.82 -10.70 29.69
CA VAL E 236 34.82 -11.20 31.08
C VAL E 236 35.45 -12.60 31.03
N SER E 237 36.41 -12.89 31.94
CA SER E 237 37.09 -14.18 31.91
C SER E 237 37.21 -14.84 33.26
N ALA E 238 37.41 -16.15 33.25
CA ALA E 238 37.68 -16.98 34.41
C ALA E 238 38.75 -18.00 34.03
N GLU E 239 39.56 -18.39 34.99
CA GLU E 239 40.66 -19.33 34.75
C GLU E 239 40.81 -20.37 35.86
N ALA E 240 41.57 -21.44 35.54
CA ALA E 240 41.91 -22.49 36.47
C ALA E 240 43.24 -23.08 36.08
N TRP E 241 44.00 -23.57 37.06
CA TRP E 241 45.29 -24.20 36.79
C TRP E 241 45.19 -25.71 37.03
N GLY E 242 46.03 -26.44 36.30
CA GLY E 242 46.18 -27.88 36.43
C GLY E 242 46.53 -28.27 37.86
N ARG E 243 45.89 -29.32 38.37
CA ARG E 243 46.02 -29.80 39.74
C ARG E 243 46.48 -31.26 39.77
N ALA E 244 47.64 -31.52 40.42
CA ALA E 244 48.26 -32.82 40.60
C ALA E 244 47.38 -33.73 41.45
N ASP E 245 46.70 -33.16 42.48
CA ASP E 245 45.77 -33.85 43.39
C ASP E 245 46.29 -35.23 43.87
N GLU F 4 -22.16 -5.13 39.23
CA GLU F 4 -22.44 -3.81 38.67
C GLU F 4 -21.18 -3.17 38.06
N HIS F 5 -21.35 -2.50 36.90
CA HIS F 5 -20.24 -1.82 36.22
C HIS F 5 -20.63 -0.44 35.72
N VAL F 6 -19.60 0.39 35.42
CA VAL F 6 -19.75 1.76 34.89
C VAL F 6 -18.63 2.10 33.92
N ILE F 7 -19.02 2.43 32.66
CA ILE F 7 -18.10 2.88 31.59
C ILE F 7 -18.37 4.38 31.45
N ILE F 8 -17.29 5.19 31.42
CA ILE F 8 -17.39 6.65 31.28
C ILE F 8 -16.48 7.18 30.16
N GLN F 9 -17.04 8.03 29.26
CA GLN F 9 -16.33 8.74 28.22
C GLN F 9 -16.12 10.08 28.88
N ALA F 10 -14.89 10.32 29.35
CA ALA F 10 -14.57 11.53 30.10
C ALA F 10 -13.70 12.45 29.30
N GLU F 11 -14.27 13.60 28.89
CA GLU F 11 -13.57 14.63 28.13
C GLU F 11 -13.35 15.84 28.99
N PHE F 12 -12.63 16.82 28.45
CA PHE F 12 -12.42 18.14 29.00
C PHE F 12 -11.67 18.97 28.02
N TYR F 13 -11.84 20.27 28.14
CA TYR F 13 -11.06 21.26 27.44
C TYR F 13 -10.84 22.39 28.44
N LEU F 14 -9.60 22.89 28.51
CA LEU F 14 -9.21 23.93 29.46
C LEU F 14 -8.53 25.09 28.77
N ASN F 15 -8.95 26.32 29.12
CA ASN F 15 -8.40 27.56 28.59
C ASN F 15 -7.78 28.41 29.73
N PRO F 16 -6.76 29.25 29.45
CA PRO F 16 -6.12 29.52 28.14
C PRO F 16 -4.99 28.54 27.75
N ASP F 17 -4.85 27.43 28.52
CA ASP F 17 -3.83 26.40 28.33
C ASP F 17 -3.96 25.70 27.02
N GLN F 18 -5.21 25.68 26.49
CA GLN F 18 -5.62 25.06 25.24
C GLN F 18 -5.32 23.57 25.26
N SER F 19 -5.51 22.96 26.44
CA SER F 19 -5.31 21.54 26.66
C SER F 19 -6.66 20.86 26.65
N GLY F 20 -6.70 19.69 26.01
CA GLY F 20 -7.90 18.89 25.83
C GLY F 20 -7.64 17.42 26.03
N GLU F 21 -8.60 16.72 26.61
CA GLU F 21 -8.44 15.31 26.84
C GLU F 21 -9.67 14.52 26.54
N PHE F 22 -9.45 13.26 26.18
CA PHE F 22 -10.52 12.30 25.86
C PHE F 22 -10.08 10.93 26.32
N MET F 23 -10.89 10.26 27.14
CA MET F 23 -10.58 8.92 27.60
C MET F 23 -11.83 8.07 27.98
N PHE F 24 -11.64 6.74 28.06
CA PHE F 24 -12.64 5.77 28.49
C PHE F 24 -12.20 5.15 29.81
N ASP F 25 -13.11 5.16 30.77
CA ASP F 25 -12.88 4.67 32.13
C ASP F 25 -13.86 3.54 32.43
N PHE F 26 -13.34 2.37 32.82
CA PHE F 26 -14.16 1.25 33.24
C PHE F 26 -13.90 1.06 34.73
N ASP F 27 -14.95 1.28 35.56
CA ASP F 27 -14.95 1.13 37.02
C ASP F 27 -13.71 1.76 37.67
N GLY F 28 -13.41 3.00 37.31
CA GLY F 28 -12.28 3.70 37.88
C GLY F 28 -10.95 3.52 37.19
N ASP F 29 -10.86 2.66 36.15
CA ASP F 29 -9.60 2.48 35.42
C ASP F 29 -9.69 2.79 33.91
N GLU F 30 -8.63 3.41 33.36
CA GLU F 30 -8.49 3.83 31.98
C GLU F 30 -8.43 2.65 31.01
N ILE F 31 -9.36 2.58 30.03
CA ILE F 31 -9.30 1.57 28.98
C ILE F 31 -8.31 2.11 27.94
N PHE F 32 -8.46 3.39 27.58
CA PHE F 32 -7.62 4.12 26.63
C PHE F 32 -7.88 5.62 26.73
N HIS F 33 -6.98 6.39 26.12
CA HIS F 33 -7.07 7.84 25.95
C HIS F 33 -6.59 8.14 24.52
N VAL F 34 -6.89 9.32 23.99
CA VAL F 34 -6.46 9.69 22.65
C VAL F 34 -5.37 10.75 22.76
N ASP F 35 -4.16 10.46 22.25
CA ASP F 35 -3.06 11.43 22.21
C ASP F 35 -3.51 12.45 21.15
N MET F 36 -3.55 13.73 21.49
CA MET F 36 -3.99 14.77 20.54
C MET F 36 -2.87 15.29 19.64
N ALA F 37 -1.61 15.35 20.16
CA ALA F 37 -0.41 15.75 19.42
C ALA F 37 -0.29 14.84 18.18
N LYS F 38 -0.14 13.52 18.41
CA LYS F 38 -0.17 12.49 17.38
C LYS F 38 -1.67 12.19 17.31
N LYS F 39 -2.22 11.70 16.21
CA LYS F 39 -3.67 11.49 16.28
C LYS F 39 -4.01 10.03 16.55
N GLU F 40 -3.41 9.45 17.61
CA GLU F 40 -3.52 8.02 17.92
C GLU F 40 -4.24 7.65 19.21
N THR F 41 -4.85 6.45 19.22
CA THR F 41 -5.43 5.82 20.42
C THR F 41 -4.25 5.21 21.21
N VAL F 42 -4.20 5.49 22.53
CA VAL F 42 -3.17 4.94 23.44
C VAL F 42 -3.89 4.03 24.41
N TRP F 43 -3.80 2.70 24.19
CA TRP F 43 -4.43 1.70 25.06
C TRP F 43 -3.67 1.61 26.36
N ARG F 44 -4.38 1.61 27.51
CA ARG F 44 -3.73 1.55 28.83
C ARG F 44 -2.86 0.33 28.94
N LEU F 45 -3.48 -0.83 28.72
CA LEU F 45 -2.83 -2.14 28.73
C LEU F 45 -2.79 -2.67 27.29
N GLU F 46 -1.56 -3.00 26.82
CA GLU F 46 -1.23 -3.53 25.49
C GLU F 46 -2.28 -4.46 24.89
N GLU F 47 -2.72 -5.47 25.66
CA GLU F 47 -3.72 -6.51 25.29
C GLU F 47 -5.04 -5.97 24.78
N PHE F 48 -5.51 -4.82 25.31
CA PHE F 48 -6.77 -4.18 24.92
C PHE F 48 -6.80 -3.90 23.42
N GLY F 49 -5.70 -3.35 22.89
CA GLY F 49 -5.51 -3.03 21.48
C GLY F 49 -5.65 -4.23 20.55
N ARG F 50 -5.21 -5.40 21.03
CA ARG F 50 -5.29 -6.66 20.31
C ARG F 50 -6.72 -7.21 20.26
N PHE F 51 -7.59 -6.80 21.21
CA PHE F 51 -8.96 -7.33 21.34
C PHE F 51 -10.11 -6.31 21.09
N ALA F 52 -9.77 -5.03 20.85
CA ALA F 52 -10.72 -3.96 20.53
C ALA F 52 -10.06 -2.91 19.64
N SER F 53 -10.90 -2.08 19.01
CA SER F 53 -10.43 -1.00 18.15
C SER F 53 -11.15 0.29 18.52
N PHE F 54 -10.61 1.43 18.02
CA PHE F 54 -11.18 2.75 18.21
C PHE F 54 -10.69 3.66 17.13
N GLU F 55 -11.60 4.53 16.63
CA GLU F 55 -11.27 5.53 15.64
C GLU F 55 -11.08 6.86 16.34
N ALA F 56 -9.82 7.31 16.42
CA ALA F 56 -9.41 8.55 17.08
C ALA F 56 -10.15 9.79 16.58
N GLN F 57 -10.69 9.78 15.34
CA GLN F 57 -11.39 10.94 14.82
C GLN F 57 -12.60 11.32 15.69
N GLY F 58 -13.30 10.33 16.21
CA GLY F 58 -14.45 10.56 17.09
C GLY F 58 -14.13 11.42 18.29
N ALA F 59 -12.92 11.25 18.85
CA ALA F 59 -12.43 12.03 19.97
C ALA F 59 -12.11 13.43 19.54
N LEU F 60 -11.37 13.58 18.41
CA LEU F 60 -10.92 14.86 17.83
C LEU F 60 -12.09 15.75 17.48
N ALA F 61 -13.12 15.15 16.88
CA ALA F 61 -14.32 15.86 16.52
C ALA F 61 -15.00 16.34 17.82
N ASN F 62 -15.03 15.48 18.86
CA ASN F 62 -15.60 15.89 20.14
C ASN F 62 -14.79 16.97 20.82
N ILE F 63 -13.44 16.89 20.82
CA ILE F 63 -12.55 17.91 21.40
C ILE F 63 -12.75 19.28 20.74
N ALA F 64 -12.99 19.30 19.41
CA ALA F 64 -13.24 20.51 18.60
C ALA F 64 -14.51 21.21 19.09
N VAL F 65 -15.56 20.42 19.36
CA VAL F 65 -16.86 20.87 19.86
C VAL F 65 -16.68 21.37 21.28
N ASP F 66 -15.94 20.60 22.11
CA ASP F 66 -15.61 20.93 23.49
C ASP F 66 -14.89 22.29 23.56
N LYS F 67 -13.94 22.53 22.63
CA LYS F 67 -13.23 23.78 22.54
C LYS F 67 -14.21 24.94 22.25
N ALA F 68 -15.18 24.71 21.36
CA ALA F 68 -16.20 25.69 20.96
C ALA F 68 -17.17 26.00 22.10
N ASN F 69 -17.68 24.94 22.77
CA ASN F 69 -18.61 25.02 23.90
C ASN F 69 -18.00 25.73 25.10
N LEU F 70 -16.69 25.49 25.39
CA LEU F 70 -15.99 26.16 26.49
C LEU F 70 -16.06 27.66 26.28
N GLU F 71 -15.69 28.13 25.07
CA GLU F 71 -15.74 29.55 24.70
C GLU F 71 -17.16 30.14 24.80
N ILE F 72 -18.23 29.35 24.47
CA ILE F 72 -19.64 29.79 24.58
C ILE F 72 -19.98 29.97 26.06
N MET F 73 -19.64 28.96 26.86
CA MET F 73 -19.84 28.89 28.30
C MET F 73 -19.14 30.03 29.08
N THR F 74 -17.85 30.29 28.78
CA THR F 74 -17.04 31.36 29.38
C THR F 74 -17.76 32.71 29.25
N LYS F 75 -18.16 33.09 28.01
CA LYS F 75 -18.87 34.34 27.70
C LYS F 75 -20.22 34.40 28.42
N ARG F 76 -20.92 33.27 28.54
CA ARG F 76 -22.22 33.16 29.18
C ARG F 76 -22.14 33.43 30.70
N SER F 77 -21.06 32.94 31.34
CA SER F 77 -20.85 33.07 32.78
C SER F 77 -20.17 34.39 33.19
N ASN F 78 -20.33 35.45 32.39
CA ASN F 78 -19.75 36.78 32.65
C ASN F 78 -18.23 36.70 32.96
N TYR F 79 -17.55 35.69 32.33
CA TYR F 79 -16.14 35.31 32.35
C TYR F 79 -15.65 34.79 33.73
N THR F 80 -16.50 33.99 34.42
CA THR F 80 -16.23 33.37 35.72
C THR F 80 -15.12 32.30 35.68
N PRO F 81 -14.02 32.49 36.45
CA PRO F 81 -12.96 31.48 36.47
C PRO F 81 -13.24 30.33 37.43
N ILE F 82 -12.46 29.22 37.29
CA ILE F 82 -12.58 28.04 38.13
C ILE F 82 -11.96 28.31 39.51
N THR F 83 -12.45 27.62 40.54
CA THR F 83 -11.86 27.72 41.87
C THR F 83 -10.89 26.54 42.02
N ASN F 84 -9.57 26.88 42.16
CA ASN F 84 -8.49 25.90 42.29
C ASN F 84 -8.67 25.06 43.57
N VAL F 85 -8.71 23.74 43.41
CA VAL F 85 -8.83 22.79 44.51
C VAL F 85 -7.48 22.03 44.58
N PRO F 86 -6.63 22.28 45.62
CA PRO F 86 -5.32 21.62 45.70
C PRO F 86 -5.42 20.11 45.79
N PRO F 87 -4.38 19.38 45.33
CA PRO F 87 -4.43 17.93 45.42
C PRO F 87 -4.05 17.33 46.78
N GLU F 88 -4.23 16.00 46.88
CA GLU F 88 -3.95 15.12 48.02
C GLU F 88 -2.93 14.06 47.56
N VAL F 89 -1.65 14.41 47.63
CA VAL F 89 -0.54 13.53 47.22
C VAL F 89 -0.29 12.38 48.25
N THR F 90 -0.11 11.16 47.74
CA THR F 90 0.11 9.94 48.51
C THR F 90 1.18 9.10 47.82
N VAL F 91 2.25 8.71 48.54
CA VAL F 91 3.28 7.83 47.97
C VAL F 91 3.07 6.47 48.60
N LEU F 92 3.09 5.46 47.77
CA LEU F 92 2.85 4.09 48.19
C LEU F 92 3.74 3.19 47.38
N THR F 93 3.55 1.88 47.49
CA THR F 93 4.42 0.94 46.80
C THR F 93 3.56 -0.24 46.27
N ASN F 94 3.84 -0.71 45.03
CA ASN F 94 3.07 -1.77 44.36
C ASN F 94 2.96 -3.05 45.19
N SER F 95 4.08 -3.47 45.80
CA SER F 95 4.19 -4.68 46.59
C SER F 95 4.90 -4.37 47.91
N PRO F 96 4.79 -5.23 48.96
CA PRO F 96 5.59 -4.99 50.18
C PRO F 96 7.08 -5.00 49.83
N VAL F 97 7.84 -4.05 50.39
CA VAL F 97 9.25 -3.87 50.07
C VAL F 97 10.18 -4.87 50.79
N GLU F 98 11.16 -5.37 50.01
CA GLU F 98 12.26 -6.27 50.35
C GLU F 98 13.49 -5.73 49.59
N LEU F 99 14.63 -5.53 50.27
CA LEU F 99 15.84 -4.98 49.65
C LEU F 99 16.35 -5.90 48.52
N ARG F 100 17.07 -5.30 47.52
CA ARG F 100 17.66 -5.97 46.35
C ARG F 100 16.58 -6.54 45.36
N GLU F 101 15.32 -6.70 45.80
CA GLU F 101 14.21 -7.22 45.01
C GLU F 101 13.46 -6.04 44.35
N PRO F 102 13.56 -5.84 43.00
CA PRO F 102 12.91 -4.68 42.36
C PRO F 102 11.42 -4.49 42.63
N ASN F 103 11.03 -3.23 42.86
CA ASN F 103 9.67 -2.80 43.17
C ASN F 103 9.34 -1.50 42.39
N VAL F 104 8.13 -0.96 42.55
CA VAL F 104 7.73 0.28 41.89
C VAL F 104 6.94 1.21 42.87
N LEU F 105 7.39 2.47 42.96
CA LEU F 105 6.74 3.51 43.75
C LEU F 105 5.61 4.14 42.91
N ILE F 106 4.47 4.36 43.56
CA ILE F 106 3.27 4.95 42.98
C ILE F 106 3.02 6.28 43.66
N CYS F 107 3.02 7.37 42.90
CA CYS F 107 2.69 8.67 43.44
C CYS F 107 1.27 8.96 43.01
N PHE F 108 0.38 9.10 43.98
CA PHE F 108 -1.02 9.30 43.69
C PHE F 108 -1.50 10.69 44.05
N ILE F 109 -1.74 11.48 43.01
CA ILE F 109 -2.27 12.85 43.07
C ILE F 109 -3.80 12.74 43.00
N ASP F 110 -4.52 13.27 43.98
CA ASP F 110 -5.97 13.12 44.01
C ASP F 110 -6.72 14.36 44.47
N LYS F 111 -8.03 14.41 44.19
CA LYS F 111 -9.02 15.43 44.58
C LYS F 111 -8.62 16.84 44.21
N PHE F 112 -8.28 17.06 42.93
CA PHE F 112 -7.85 18.37 42.44
C PHE F 112 -8.51 18.83 41.13
N THR F 113 -8.49 20.16 40.90
CA THR F 113 -8.98 20.85 39.71
C THR F 113 -8.36 22.25 39.75
N PRO F 114 -7.93 22.89 38.63
CA PRO F 114 -7.97 22.42 37.23
C PRO F 114 -7.03 21.23 36.97
N PRO F 115 -7.20 20.50 35.84
CA PRO F 115 -6.30 19.35 35.58
C PRO F 115 -4.92 19.77 35.03
N VAL F 116 -4.14 20.52 35.81
CA VAL F 116 -2.78 20.96 35.46
C VAL F 116 -1.88 20.75 36.66
N VAL F 117 -0.80 19.97 36.47
CA VAL F 117 0.17 19.66 37.54
C VAL F 117 1.57 19.39 36.99
N ASN F 118 2.59 19.74 37.80
CA ASN F 118 3.99 19.47 37.56
C ASN F 118 4.40 18.48 38.62
N VAL F 119 4.60 17.23 38.21
CA VAL F 119 5.01 16.15 39.10
C VAL F 119 6.47 15.77 38.78
N THR F 120 7.35 15.78 39.81
CA THR F 120 8.78 15.42 39.70
C THR F 120 9.15 14.39 40.75
N TRP F 121 9.82 13.33 40.32
CA TRP F 121 10.32 12.31 41.23
C TRP F 121 11.69 12.77 41.66
N LEU F 122 11.99 12.63 42.95
CA LEU F 122 13.27 13.01 43.55
C LEU F 122 13.84 11.82 44.32
N ARG F 123 15.13 11.52 44.07
CA ARG F 123 15.92 10.49 44.73
C ARG F 123 17.08 11.28 45.30
N ASN F 124 17.18 11.33 46.65
CA ASN F 124 18.22 12.07 47.38
C ASN F 124 18.33 13.55 46.94
N GLY F 125 17.17 14.21 46.80
CA GLY F 125 17.08 15.61 46.41
C GLY F 125 17.36 15.96 44.96
N LYS F 126 17.56 14.94 44.10
CA LYS F 126 17.85 15.11 42.68
C LYS F 126 16.76 14.48 41.77
N PRO F 127 16.32 15.18 40.69
CA PRO F 127 15.26 14.62 39.81
C PRO F 127 15.59 13.31 39.07
N VAL F 128 14.60 12.42 38.92
CA VAL F 128 14.74 11.11 38.24
C VAL F 128 13.80 10.98 37.02
N THR F 129 14.40 10.78 35.82
CA THR F 129 13.71 10.64 34.52
C THR F 129 13.71 9.19 34.01
N THR F 130 14.61 8.36 34.55
CA THR F 130 14.80 6.96 34.13
C THR F 130 13.68 6.02 34.63
N GLY F 131 12.92 5.48 33.66
CA GLY F 131 11.85 4.51 33.88
C GLY F 131 10.50 5.04 34.32
N VAL F 132 10.42 6.34 34.62
CA VAL F 132 9.20 7.01 35.08
C VAL F 132 8.08 7.00 34.02
N SER F 133 6.90 6.48 34.40
CA SER F 133 5.70 6.45 33.55
C SER F 133 4.57 7.21 34.26
N GLU F 134 3.57 7.67 33.51
CA GLU F 134 2.47 8.41 34.10
C GLU F 134 1.15 8.13 33.41
N THR F 135 0.05 8.52 34.09
CA THR F 135 -1.33 8.42 33.60
C THR F 135 -1.86 9.82 33.20
N VAL F 136 -2.99 9.86 32.48
CA VAL F 136 -3.62 11.12 32.12
C VAL F 136 -4.55 11.54 33.29
N PHE F 137 -5.27 12.65 33.16
CA PHE F 137 -6.16 13.07 34.21
C PHE F 137 -7.42 12.24 34.27
N LEU F 138 -7.45 11.35 35.24
CA LEU F 138 -8.54 10.41 35.47
C LEU F 138 -9.74 11.06 36.20
N PRO F 139 -10.99 10.67 35.88
CA PRO F 139 -12.16 11.32 36.51
C PRO F 139 -12.60 10.75 37.87
N ARG F 140 -13.19 11.64 38.68
CA ARG F 140 -13.74 11.32 40.00
C ARG F 140 -15.23 11.64 39.97
N GLU F 141 -16.04 10.93 40.79
CA GLU F 141 -17.49 11.14 40.91
C GLU F 141 -17.87 12.56 41.43
N ASP F 142 -16.89 13.29 42.01
CA ASP F 142 -17.02 14.66 42.56
C ASP F 142 -16.57 15.73 41.58
N HIS F 143 -16.17 15.27 40.36
CA HIS F 143 -15.77 16.03 39.15
C HIS F 143 -14.41 16.73 39.31
N LEU F 144 -13.62 16.21 40.26
CA LEU F 144 -12.23 16.57 40.47
C LEU F 144 -11.43 15.50 39.70
N PHE F 145 -10.09 15.57 39.70
CA PHE F 145 -9.22 14.64 38.97
C PHE F 145 -8.34 13.72 39.85
N ARG F 146 -7.72 12.73 39.21
CA ARG F 146 -6.78 11.74 39.76
C ARG F 146 -5.62 11.70 38.77
N LYS F 147 -4.46 11.26 39.25
CA LYS F 147 -3.25 11.09 38.44
C LYS F 147 -2.27 10.19 39.15
N PHE F 148 -1.71 9.24 38.39
CA PHE F 148 -0.72 8.28 38.84
C PHE F 148 0.58 8.52 38.13
N HIS F 149 1.64 8.53 38.93
CA HIS F 149 3.02 8.68 38.48
C HIS F 149 3.74 7.47 39.01
N TYR F 150 4.46 6.79 38.15
CA TYR F 150 5.16 5.55 38.50
C TYR F 150 6.69 5.68 38.45
N LEU F 151 7.37 4.93 39.34
CA LEU F 151 8.83 4.90 39.42
C LEU F 151 9.34 3.51 39.76
N PRO F 152 9.89 2.81 38.75
CA PRO F 152 10.47 1.49 39.03
C PRO F 152 11.81 1.74 39.70
N PHE F 153 12.06 1.03 40.81
CA PHE F 153 13.27 1.26 41.61
C PHE F 153 13.81 -0.02 42.26
N LEU F 154 15.09 0.05 42.70
CA LEU F 154 15.75 -1.02 43.42
C LEU F 154 15.83 -0.59 44.89
N PRO F 155 15.18 -1.36 45.79
CA PRO F 155 15.16 -0.99 47.22
C PRO F 155 16.52 -1.09 47.92
N SER F 156 17.01 0.06 48.44
CA SER F 156 18.26 0.20 49.17
C SER F 156 18.04 1.01 50.45
N THR F 157 18.89 0.80 51.46
CA THR F 157 18.80 1.54 52.73
C THR F 157 19.53 2.89 52.66
N GLU F 158 20.07 3.28 51.49
CA GLU F 158 20.80 4.54 51.38
C GLU F 158 20.05 5.62 50.58
N ASP F 159 18.94 5.24 49.94
CA ASP F 159 18.12 6.13 49.09
C ASP F 159 16.88 6.73 49.76
N VAL F 160 16.62 8.02 49.43
CA VAL F 160 15.43 8.79 49.87
C VAL F 160 14.64 9.30 48.66
N TYR F 161 13.60 8.55 48.30
CA TYR F 161 12.71 8.89 47.22
C TYR F 161 11.54 9.74 47.75
N ASP F 162 11.22 10.85 47.05
CA ASP F 162 10.13 11.76 47.37
C ASP F 162 9.51 12.38 46.08
N CYS F 163 8.15 12.51 46.05
CA CYS F 163 7.33 13.00 44.94
C CYS F 163 6.99 14.48 45.14
N ARG F 164 7.45 15.37 44.25
CA ARG F 164 7.20 16.82 44.34
C ARG F 164 6.10 17.22 43.35
N VAL F 165 4.98 17.72 43.90
CA VAL F 165 3.79 18.08 43.14
C VAL F 165 3.55 19.58 43.22
N GLU F 166 3.32 20.21 42.06
CA GLU F 166 3.06 21.64 41.90
C GLU F 166 1.68 21.83 41.29
N HIS F 167 0.85 22.67 41.94
CA HIS F 167 -0.50 22.99 41.51
C HIS F 167 -0.81 24.43 41.90
N TRP F 168 -1.69 25.09 41.17
CA TRP F 168 -2.09 26.47 41.47
C TRP F 168 -2.94 26.63 42.74
N GLY F 169 -3.44 25.50 43.25
CA GLY F 169 -4.22 25.42 44.48
C GLY F 169 -3.34 25.20 45.70
N LEU F 170 -2.01 25.11 45.48
CA LEU F 170 -0.95 24.94 46.49
C LEU F 170 -0.12 26.19 46.59
N ASP F 171 0.09 26.65 47.83
CA ASP F 171 0.92 27.83 48.10
C ASP F 171 2.39 27.53 47.89
N GLU F 172 2.77 26.25 48.06
CA GLU F 172 4.12 25.75 47.90
C GLU F 172 4.12 24.29 47.42
N PRO F 173 5.16 23.85 46.66
CA PRO F 173 5.18 22.46 46.18
C PRO F 173 5.15 21.47 47.32
N LEU F 174 4.24 20.52 47.22
CA LEU F 174 4.07 19.50 48.22
C LEU F 174 5.06 18.38 47.93
N LEU F 175 5.82 17.94 48.96
CA LEU F 175 6.76 16.83 48.80
C LEU F 175 6.27 15.67 49.62
N LYS F 176 6.07 14.50 48.98
CA LYS F 176 5.61 13.30 49.69
C LYS F 176 6.73 12.27 49.66
N HIS F 177 7.25 11.95 50.85
CA HIS F 177 8.42 11.16 51.10
C HIS F 177 8.14 9.70 51.30
N TRP F 178 9.09 8.89 50.83
CA TRP F 178 9.12 7.45 51.01
C TRP F 178 10.56 7.03 51.37
N GLU F 179 10.68 6.05 52.26
CA GLU F 179 11.96 5.56 52.74
C GLU F 179 11.81 4.11 53.24
N PHE F 180 12.90 3.34 53.23
CA PHE F 180 12.91 1.96 53.71
C PHE F 180 12.90 1.92 55.26
N ASP F 181 12.16 0.96 55.88
CA ASP F 181 12.05 0.78 57.34
C ASP F 181 13.30 0.09 57.95
N ASP G 2 2.16 30.22 37.34
CA ASP G 2 1.10 30.81 36.54
C ASP G 2 -0.07 31.39 37.36
N THR G 3 -0.55 32.58 36.95
CA THR G 3 -1.59 33.33 37.66
C THR G 3 -2.87 33.66 36.80
N ARG G 4 -2.82 33.53 35.44
CA ARG G 4 -3.98 33.82 34.56
C ARG G 4 -5.25 32.98 34.95
N PRO G 5 -6.50 33.51 34.84
CA PRO G 5 -7.67 32.69 35.23
C PRO G 5 -7.99 31.51 34.29
N ARG G 6 -8.38 30.33 34.88
CA ARG G 6 -8.71 29.11 34.11
C ARG G 6 -10.20 28.84 34.00
N PHE G 7 -10.61 28.27 32.85
CA PHE G 7 -11.99 27.93 32.49
C PHE G 7 -12.00 26.50 31.99
N LEU G 8 -12.81 25.64 32.62
CA LEU G 8 -12.89 24.22 32.29
C LEU G 8 -14.28 23.76 31.95
N TRP G 9 -14.38 22.98 30.86
CA TRP G 9 -15.63 22.41 30.36
C TRP G 9 -15.32 20.96 30.38
N GLN G 10 -16.09 20.19 31.12
CA GLN G 10 -15.72 18.80 31.25
C GLN G 10 -16.92 17.84 31.04
N PRO G 11 -17.14 17.34 29.80
CA PRO G 11 -18.28 16.45 29.57
C PRO G 11 -18.02 15.05 30.14
N LYS G 12 -19.08 14.39 30.56
CA LYS G 12 -18.97 13.02 31.03
C LYS G 12 -20.15 12.27 30.46
N ARG G 13 -19.90 11.18 29.75
CA ARG G 13 -20.97 10.36 29.16
C ARG G 13 -20.94 9.06 29.91
N GLU G 14 -21.98 8.80 30.72
CA GLU G 14 -22.02 7.66 31.64
C GLU G 14 -22.97 6.57 31.25
N CYS G 15 -22.48 5.32 31.36
CA CYS G 15 -23.26 4.11 31.14
C CYS G 15 -23.24 3.23 32.38
N HIS G 16 -24.37 3.24 33.11
CA HIS G 16 -24.59 2.48 34.33
C HIS G 16 -25.33 1.19 34.01
N PHE G 17 -24.60 0.08 34.12
CA PHE G 17 -25.10 -1.26 33.83
C PHE G 17 -25.51 -1.97 35.12
N PHE G 18 -26.69 -2.57 35.13
CA PHE G 18 -27.26 -3.34 36.25
C PHE G 18 -27.74 -4.68 35.68
N ASN G 19 -27.46 -5.80 36.39
CA ASN G 19 -27.76 -7.19 35.98
C ASN G 19 -27.10 -7.44 34.61
N GLY G 20 -25.82 -7.10 34.53
CA GLY G 20 -25.02 -7.24 33.32
C GLY G 20 -25.36 -6.20 32.26
N THR G 21 -26.48 -6.40 31.52
CA THR G 21 -26.94 -5.56 30.42
C THR G 21 -28.47 -5.40 30.42
N GLU G 22 -29.14 -5.95 31.46
CA GLU G 22 -30.59 -5.93 31.55
C GLU G 22 -31.16 -4.53 31.78
N ARG G 23 -30.67 -3.84 32.84
CA ARG G 23 -31.08 -2.47 33.15
C ARG G 23 -29.90 -1.59 32.88
N VAL G 24 -30.05 -0.67 31.91
CA VAL G 24 -28.99 0.25 31.50
C VAL G 24 -29.56 1.65 31.62
N ARG G 25 -28.79 2.54 32.27
CA ARG G 25 -29.13 3.95 32.47
C ARG G 25 -28.00 4.78 31.89
N PHE G 26 -28.35 5.71 30.99
CA PHE G 26 -27.37 6.59 30.36
C PHE G 26 -27.55 8.02 30.83
N LEU G 27 -26.44 8.68 31.14
CA LEU G 27 -26.43 10.09 31.55
C LEU G 27 -25.41 10.83 30.71
N ASP G 28 -25.82 11.96 30.15
CA ASP G 28 -24.95 12.82 29.35
C ASP G 28 -24.86 14.05 30.22
N ARG G 29 -23.72 14.24 30.91
CA ARG G 29 -23.56 15.33 31.89
C ARG G 29 -22.50 16.31 31.50
N TYR G 30 -22.75 17.59 31.72
CA TYR G 30 -21.78 18.63 31.35
C TYR G 30 -21.44 19.48 32.57
N PHE G 31 -20.15 19.72 32.81
CA PHE G 31 -19.67 20.48 33.98
C PHE G 31 -18.85 21.69 33.56
N TYR G 32 -19.27 22.86 34.01
CA TYR G 32 -18.49 24.05 33.74
C TYR G 32 -17.93 24.46 35.08
N ASN G 33 -16.58 24.53 35.19
CA ASN G 33 -15.82 24.87 36.39
C ASN G 33 -16.26 24.01 37.58
N GLN G 34 -16.36 22.67 37.36
CA GLN G 34 -16.75 21.64 38.36
C GLN G 34 -18.25 21.67 38.77
N GLU G 35 -19.02 22.68 38.28
CA GLU G 35 -20.45 22.86 38.54
C GLU G 35 -21.24 22.30 37.32
N GLU G 36 -22.15 21.30 37.54
CA GLU G 36 -22.99 20.70 36.50
C GLU G 36 -23.99 21.72 35.95
N SER G 37 -23.95 21.96 34.61
CA SER G 37 -24.78 22.91 33.90
C SER G 37 -26.08 22.28 33.32
N VAL G 38 -25.96 21.15 32.60
CA VAL G 38 -27.07 20.50 31.91
C VAL G 38 -26.82 19.02 31.78
N ARG G 39 -27.89 18.22 31.74
CA ARG G 39 -27.72 16.79 31.57
C ARG G 39 -28.89 16.16 30.89
N PHE G 40 -28.66 14.96 30.34
CA PHE G 40 -29.66 14.11 29.75
C PHE G 40 -29.63 12.84 30.53
N ASP G 41 -30.78 12.42 31.05
CA ASP G 41 -30.89 11.18 31.81
C ASP G 41 -31.83 10.24 31.05
N SER G 42 -31.34 9.04 30.69
CA SER G 42 -32.14 8.05 29.96
C SER G 42 -33.52 7.81 30.59
N ASP G 43 -33.58 7.72 31.93
CA ASP G 43 -34.78 7.51 32.74
C ASP G 43 -35.74 8.71 32.73
N VAL G 44 -35.24 9.91 32.38
CA VAL G 44 -36.07 11.11 32.26
C VAL G 44 -36.57 11.25 30.84
N GLY G 45 -35.70 11.00 29.86
CA GLY G 45 -36.03 11.04 28.44
C GLY G 45 -35.79 12.36 27.70
N GLU G 46 -35.42 13.42 28.44
CA GLU G 46 -35.12 14.72 27.86
C GLU G 46 -34.00 15.45 28.60
N PHE G 47 -33.44 16.45 27.96
CA PHE G 47 -32.37 17.22 28.56
C PHE G 47 -32.99 18.15 29.59
N ARG G 48 -32.39 18.20 30.79
CA ARG G 48 -32.84 19.10 31.84
C ARG G 48 -31.68 19.92 32.34
N ALA G 49 -31.94 21.21 32.53
CA ALA G 49 -30.93 22.15 33.02
C ALA G 49 -30.72 21.82 34.48
N VAL G 50 -29.46 21.60 34.88
CA VAL G 50 -29.18 21.31 36.28
C VAL G 50 -28.99 22.65 37.04
N THR G 51 -28.58 23.70 36.30
CA THR G 51 -28.24 25.05 36.73
C THR G 51 -28.84 26.07 35.75
N GLU G 52 -28.77 27.36 36.03
CA GLU G 52 -29.28 28.41 35.15
C GLU G 52 -28.42 28.61 33.89
N LEU G 53 -27.12 28.28 33.98
CA LEU G 53 -26.15 28.39 32.89
C LEU G 53 -26.52 27.39 31.77
N GLY G 54 -26.98 26.20 32.14
CA GLY G 54 -27.36 25.17 31.17
C GLY G 54 -28.78 25.21 30.63
N ARG G 55 -29.52 26.29 30.93
CA ARG G 55 -30.92 26.42 30.51
C ARG G 55 -31.06 26.59 28.99
N PRO G 56 -30.26 27.46 28.30
CA PRO G 56 -30.41 27.57 26.84
C PRO G 56 -30.04 26.30 26.10
N ASP G 57 -29.09 25.52 26.65
CA ASP G 57 -28.64 24.25 26.07
C ASP G 57 -29.74 23.19 26.11
N ALA G 58 -30.43 23.02 27.25
CA ALA G 58 -31.51 22.03 27.37
C ALA G 58 -32.73 22.40 26.50
N GLU G 59 -33.03 23.72 26.33
CA GLU G 59 -34.10 24.20 25.46
C GLU G 59 -33.73 23.90 24.00
N TYR G 60 -32.48 24.23 23.59
CA TYR G 60 -31.99 24.02 22.23
C TYR G 60 -31.87 22.54 21.89
N TRP G 61 -31.14 21.76 22.71
CA TRP G 61 -30.94 20.34 22.43
C TRP G 61 -32.26 19.55 22.41
N ASN G 62 -33.27 20.00 23.17
CA ASN G 62 -34.58 19.34 23.19
C ASN G 62 -35.44 19.66 22.01
N SER G 63 -35.20 20.83 21.39
CA SER G 63 -35.94 21.28 20.22
C SER G 63 -35.39 20.65 18.94
N GLN G 64 -34.28 19.88 19.03
CA GLN G 64 -33.66 19.22 17.88
C GLN G 64 -33.92 17.73 17.91
N LYS G 65 -34.99 17.29 17.22
CA LYS G 65 -35.45 15.89 17.13
C LYS G 65 -34.32 14.87 16.90
N ASP G 66 -33.31 15.20 16.05
CA ASP G 66 -32.19 14.29 15.76
C ASP G 66 -31.22 14.16 16.94
N ILE G 67 -31.09 15.23 17.76
CA ILE G 67 -30.23 15.23 18.94
C ILE G 67 -30.90 14.35 20.01
N LEU G 68 -32.23 14.60 20.26
CA LEU G 68 -33.09 13.87 21.19
C LEU G 68 -33.07 12.38 20.93
N GLU G 69 -33.37 11.97 19.68
CA GLU G 69 -33.41 10.57 19.28
C GLU G 69 -32.04 9.89 19.31
N GLN G 70 -30.94 10.65 19.24
CA GLN G 70 -29.62 10.03 19.36
C GLN G 70 -29.29 9.75 20.82
N ALA G 71 -29.76 10.64 21.72
CA ALA G 71 -29.58 10.54 23.16
C ALA G 71 -30.44 9.39 23.67
N ARG G 72 -31.74 9.42 23.29
CA ARG G 72 -32.76 8.43 23.63
C ARG G 72 -32.41 7.00 23.26
N ALA G 73 -31.51 6.80 22.27
CA ALA G 73 -31.06 5.49 21.78
C ALA G 73 -29.62 5.10 22.18
N ALA G 74 -28.92 5.95 22.95
CA ALA G 74 -27.55 5.70 23.42
C ALA G 74 -27.41 4.43 24.30
N VAL G 75 -28.48 4.08 25.06
CA VAL G 75 -28.52 2.88 25.89
C VAL G 75 -28.16 1.63 25.07
N ASP G 76 -28.69 1.55 23.83
CA ASP G 76 -28.48 0.43 22.91
C ASP G 76 -27.23 0.61 22.05
N THR G 77 -27.21 1.72 21.33
CA THR G 77 -26.20 2.13 20.36
C THR G 77 -24.80 2.31 20.94
N TYR G 78 -24.69 2.92 22.12
CA TYR G 78 -23.44 3.31 22.78
C TYR G 78 -23.06 2.39 23.98
N CYS G 79 -23.87 2.40 25.07
CA CYS G 79 -23.66 1.64 26.32
C CYS G 79 -23.50 0.14 26.06
N ARG G 80 -24.64 -0.51 25.71
CA ARG G 80 -24.75 -1.94 25.45
C ARG G 80 -23.70 -2.40 24.45
N HIS G 81 -23.47 -1.60 23.37
CA HIS G 81 -22.44 -1.86 22.35
C HIS G 81 -21.02 -1.85 22.93
N ASN G 82 -20.62 -0.75 23.64
CA ASN G 82 -19.28 -0.62 24.25
C ASN G 82 -19.02 -1.62 25.38
N TYR G 83 -20.09 -1.98 26.12
CA TYR G 83 -20.04 -3.00 27.17
C TYR G 83 -19.54 -4.31 26.54
N GLY G 84 -20.16 -4.71 25.42
CA GLY G 84 -19.87 -5.94 24.70
C GLY G 84 -18.50 -5.98 24.04
N VAL G 85 -17.95 -4.81 23.72
CA VAL G 85 -16.64 -4.66 23.06
C VAL G 85 -15.50 -5.11 23.98
N GLY G 86 -15.56 -4.70 25.25
CA GLY G 86 -14.52 -4.96 26.23
C GLY G 86 -14.72 -6.13 27.17
N GLU G 87 -15.98 -6.57 27.36
CA GLU G 87 -16.42 -7.65 28.25
C GLU G 87 -15.33 -8.70 28.56
N SER G 88 -14.73 -9.28 27.51
CA SER G 88 -13.68 -10.30 27.63
C SER G 88 -12.51 -9.89 28.58
N PHE G 89 -11.98 -8.67 28.41
CA PHE G 89 -10.83 -8.13 29.15
C PHE G 89 -11.19 -7.08 30.19
N THR G 90 -12.50 -6.85 30.40
CA THR G 90 -12.96 -5.84 31.35
C THR G 90 -13.86 -6.50 32.41
N VAL G 91 -15.13 -6.74 32.07
CA VAL G 91 -16.13 -7.36 32.95
C VAL G 91 -15.64 -8.74 33.44
N GLN G 92 -14.92 -9.48 32.57
CA GLN G 92 -14.40 -10.81 32.84
C GLN G 92 -12.88 -10.87 33.13
N ARG G 93 -12.28 -9.76 33.61
CA ARG G 93 -10.86 -9.74 33.96
C ARG G 93 -10.69 -10.26 35.38
N ARG G 94 -9.78 -11.22 35.57
CA ARG G 94 -9.51 -11.77 36.90
C ARG G 94 -8.01 -11.96 37.10
N VAL G 95 -7.42 -11.20 38.03
CA VAL G 95 -6.00 -11.31 38.38
C VAL G 95 -5.89 -11.73 39.86
N GLN G 96 -5.15 -12.82 40.14
CA GLN G 96 -4.97 -13.43 41.45
C GLN G 96 -4.11 -12.62 42.45
N PRO G 97 -4.59 -12.46 43.72
CA PRO G 97 -3.82 -11.68 44.71
C PRO G 97 -2.62 -12.40 45.34
N LYS G 98 -1.55 -11.63 45.59
CA LYS G 98 -0.32 -12.05 46.23
C LYS G 98 -0.41 -11.68 47.74
N VAL G 99 -0.91 -12.65 48.53
CA VAL G 99 -1.11 -12.55 49.99
C VAL G 99 0.22 -12.79 50.74
N THR G 100 0.57 -11.88 51.66
CA THR G 100 1.81 -11.95 52.45
C THR G 100 1.64 -11.39 53.89
N VAL G 101 1.74 -12.27 54.91
CA VAL G 101 1.69 -11.86 56.32
C VAL G 101 3.11 -11.51 56.84
N TYR G 102 3.21 -10.52 57.76
CA TYR G 102 4.46 -10.06 58.37
C TYR G 102 4.21 -9.12 59.55
N PRO G 103 5.02 -9.18 60.64
CA PRO G 103 4.79 -8.24 61.74
C PRO G 103 5.37 -6.87 61.45
N SER G 104 4.90 -5.84 62.17
CA SER G 104 5.39 -4.47 62.02
C SER G 104 6.80 -4.38 62.59
N LYS G 105 7.05 -5.10 63.74
CA LYS G 105 8.31 -5.29 64.53
C LYS G 105 8.02 -5.77 65.99
N THR G 106 9.09 -5.78 66.86
CA THR G 106 9.21 -6.09 68.31
C THR G 106 9.19 -7.59 68.71
N GLN G 107 9.46 -7.82 70.03
CA GLN G 107 9.54 -9.07 70.79
C GLN G 107 8.16 -9.68 71.10
N PRO G 108 8.05 -10.98 71.49
CA PRO G 108 6.72 -11.56 71.74
C PRO G 108 6.25 -11.49 73.20
N LEU G 109 5.62 -12.60 73.67
CA LEU G 109 5.09 -12.85 75.01
C LEU G 109 4.08 -11.78 75.49
N GLN G 110 4.51 -10.89 76.41
CA GLN G 110 3.69 -9.82 76.99
C GLN G 110 3.88 -8.46 76.27
N HIS G 111 4.07 -8.50 74.93
CA HIS G 111 4.23 -7.29 74.10
C HIS G 111 3.20 -7.23 72.96
N HIS G 112 2.87 -6.00 72.52
CA HIS G 112 1.92 -5.69 71.44
C HIS G 112 2.62 -5.37 70.13
N ASN G 113 1.92 -5.62 69.02
CA ASN G 113 2.33 -5.26 67.65
C ASN G 113 1.17 -5.42 66.68
N LEU G 114 1.39 -4.90 65.46
CA LEU G 114 0.46 -4.96 64.34
C LEU G 114 0.90 -6.04 63.40
N LEU G 115 0.03 -7.04 63.20
CA LEU G 115 0.30 -8.13 62.28
C LEU G 115 -0.38 -7.87 60.93
N VAL G 116 0.42 -7.34 60.00
CA VAL G 116 0.04 -6.97 58.63
C VAL G 116 -0.33 -8.17 57.77
N CYS G 117 -1.25 -7.96 56.82
CA CYS G 117 -1.63 -8.94 55.80
C CYS G 117 -1.72 -8.21 54.47
N SER G 118 -0.59 -8.12 53.77
CA SER G 118 -0.47 -7.44 52.48
C SER G 118 -1.06 -8.29 51.36
N VAL G 119 -2.14 -7.83 50.73
CA VAL G 119 -2.82 -8.52 49.62
C VAL G 119 -2.61 -7.64 48.37
N SER G 120 -1.71 -8.03 47.46
CA SER G 120 -1.34 -7.21 46.30
C SER G 120 -1.70 -7.76 44.90
N GLY G 121 -1.74 -6.83 43.92
CA GLY G 121 -1.97 -7.06 42.50
C GLY G 121 -3.20 -7.81 42.02
N PHE G 122 -4.36 -7.62 42.67
CA PHE G 122 -5.58 -8.32 42.30
C PHE G 122 -6.57 -7.51 41.46
N TYR G 123 -7.53 -8.22 40.81
CA TYR G 123 -8.62 -7.66 40.02
C TYR G 123 -9.80 -8.63 39.93
N PRO G 124 -11.06 -8.19 40.11
CA PRO G 124 -11.52 -6.84 40.49
C PRO G 124 -11.27 -6.52 41.97
N GLY G 125 -11.75 -5.38 42.39
CA GLY G 125 -11.60 -4.92 43.77
C GLY G 125 -12.48 -5.62 44.79
N SER G 126 -13.31 -6.59 44.36
CA SER G 126 -14.20 -7.31 45.26
C SER G 126 -13.40 -8.38 46.05
N ILE G 127 -13.06 -8.05 47.29
CA ILE G 127 -12.27 -8.92 48.15
C ILE G 127 -12.81 -8.97 49.59
N GLU G 128 -12.69 -10.15 50.24
CA GLU G 128 -13.18 -10.43 51.58
C GLU G 128 -12.04 -10.99 52.46
N VAL G 129 -11.28 -10.08 53.13
CA VAL G 129 -10.14 -10.48 53.96
C VAL G 129 -10.58 -10.72 55.42
N ARG G 130 -10.21 -11.87 56.00
CA ARG G 130 -10.52 -12.21 57.39
C ARG G 130 -9.27 -12.75 58.13
N TRP G 131 -9.20 -12.47 59.43
CA TRP G 131 -8.11 -12.86 60.33
C TRP G 131 -8.51 -13.99 61.27
N PHE G 132 -7.55 -14.88 61.59
CA PHE G 132 -7.76 -16.04 62.48
C PHE G 132 -6.65 -16.25 63.50
N LEU G 133 -7.03 -16.53 64.75
CA LEU G 133 -6.14 -16.84 65.88
C LEU G 133 -6.49 -18.27 66.25
N ASN G 134 -5.55 -19.21 65.98
CA ASN G 134 -5.73 -20.64 66.27
C ASN G 134 -7.08 -21.19 65.72
N GLY G 135 -7.36 -20.83 64.46
CA GLY G 135 -8.56 -21.25 63.74
C GLY G 135 -9.88 -20.61 64.16
N GLN G 136 -9.82 -19.50 64.92
CA GLN G 136 -11.01 -18.74 65.37
C GLN G 136 -10.95 -17.32 64.84
N GLU G 137 -12.03 -16.89 64.13
CA GLU G 137 -12.10 -15.57 63.49
C GLU G 137 -12.09 -14.42 64.48
N GLU G 138 -11.08 -13.53 64.32
CA GLU G 138 -10.94 -12.32 65.11
C GLU G 138 -11.90 -11.31 64.51
N LYS G 139 -13.01 -11.04 65.20
CA LYS G 139 -14.08 -10.16 64.71
C LYS G 139 -13.72 -8.68 64.78
N ALA G 140 -12.86 -8.28 65.73
CA ALA G 140 -12.45 -6.87 65.90
C ALA G 140 -10.92 -6.67 65.90
N GLY G 141 -10.47 -5.48 66.29
CA GLY G 141 -9.06 -5.13 66.36
C GLY G 141 -8.31 -5.12 65.04
N MET G 142 -9.03 -4.92 63.91
CA MET G 142 -8.41 -4.87 62.57
C MET G 142 -8.45 -3.48 62.01
N VAL G 143 -7.29 -2.96 61.61
CA VAL G 143 -7.09 -1.63 61.05
C VAL G 143 -6.82 -1.78 59.54
N SER G 144 -7.90 -1.74 58.72
CA SER G 144 -7.77 -1.86 57.26
C SER G 144 -7.33 -0.57 56.58
N THR G 145 -6.73 -0.69 55.41
CA THR G 145 -6.28 0.45 54.64
C THR G 145 -7.36 0.79 53.61
N GLY G 146 -8.25 -0.16 53.41
CA GLY G 146 -9.31 -0.13 52.41
C GLY G 146 -8.74 -0.54 51.06
N LEU G 147 -9.53 -0.38 49.98
CA LEU G 147 -9.11 -0.69 48.62
C LEU G 147 -8.26 0.43 48.07
N ILE G 148 -7.06 0.07 47.60
CA ILE G 148 -6.15 1.02 46.98
C ILE G 148 -6.11 0.67 45.51
N GLN G 149 -6.55 1.61 44.66
CA GLN G 149 -6.53 1.45 43.22
C GLN G 149 -5.13 1.80 42.80
N ASN G 150 -4.39 0.83 42.23
CA ASN G 150 -3.00 1.08 41.78
C ASN G 150 -2.95 1.89 40.50
N GLY G 151 -4.03 1.86 39.71
CA GLY G 151 -4.15 2.62 38.46
C GLY G 151 -3.61 1.91 37.23
N ASP G 152 -3.22 0.65 37.40
CA ASP G 152 -2.68 -0.20 36.34
C ASP G 152 -3.59 -1.43 36.23
N TRP G 153 -4.89 -1.24 36.55
CA TRP G 153 -5.93 -2.28 36.57
C TRP G 153 -5.56 -3.35 37.59
N THR G 154 -4.86 -2.92 38.66
CA THR G 154 -4.35 -3.73 39.78
C THR G 154 -4.79 -3.07 41.10
N PHE G 155 -5.17 -3.90 42.10
CA PHE G 155 -5.60 -3.43 43.42
C PHE G 155 -4.67 -3.90 44.52
N GLN G 156 -4.83 -3.31 45.73
CA GLN G 156 -4.05 -3.68 46.93
C GLN G 156 -4.72 -3.18 48.22
N THR G 157 -4.71 -4.04 49.23
CA THR G 157 -5.28 -3.76 50.54
C THR G 157 -4.36 -4.33 51.63
N LEU G 158 -4.35 -3.69 52.79
CA LEU G 158 -3.54 -4.10 53.93
C LEU G 158 -4.42 -4.10 55.17
N VAL G 159 -4.64 -5.30 55.73
CA VAL G 159 -5.46 -5.50 56.90
C VAL G 159 -4.53 -5.86 58.07
N MET G 160 -4.17 -4.87 58.89
CA MET G 160 -3.30 -5.08 60.05
C MET G 160 -4.09 -5.54 61.27
N LEU G 161 -3.59 -6.56 61.98
CA LEU G 161 -4.26 -7.05 63.20
C LEU G 161 -3.57 -6.53 64.45
N GLU G 162 -4.38 -6.02 65.40
CA GLU G 162 -3.91 -5.53 66.70
C GLU G 162 -3.69 -6.80 67.54
N THR G 163 -2.41 -7.12 67.81
CA THR G 163 -2.11 -8.36 68.51
C THR G 163 -1.07 -8.22 69.66
N VAL G 164 -1.24 -9.12 70.67
CA VAL G 164 -0.39 -9.41 71.87
C VAL G 164 -0.04 -10.93 71.79
N PRO G 165 1.01 -11.31 71.02
CA PRO G 165 1.28 -12.72 70.80
C PRO G 165 2.30 -13.37 71.73
N ARG G 166 2.06 -14.65 72.07
CA ARG G 166 2.94 -15.44 72.93
C ARG G 166 3.12 -16.83 72.32
N SER G 167 4.40 -17.30 72.22
CA SER G 167 4.76 -18.62 71.68
C SER G 167 3.78 -19.70 72.16
N GLY G 168 3.10 -20.31 71.20
CA GLY G 168 2.07 -21.32 71.42
C GLY G 168 0.82 -21.06 70.60
N GLU G 169 0.88 -20.03 69.71
CA GLU G 169 -0.24 -19.64 68.85
C GLU G 169 0.18 -19.27 67.42
N VAL G 170 -0.70 -19.68 66.47
CA VAL G 170 -0.60 -19.51 65.01
C VAL G 170 -1.76 -18.67 64.42
N TYR G 171 -1.38 -17.58 63.74
CA TYR G 171 -2.29 -16.63 63.09
C TYR G 171 -2.48 -16.92 61.59
N THR G 172 -3.73 -16.85 61.12
CA THR G 172 -4.08 -17.14 59.73
C THR G 172 -4.83 -16.01 59.01
N CYS G 173 -4.30 -15.54 57.87
CA CYS G 173 -4.99 -14.55 57.02
C CYS G 173 -5.72 -15.30 55.91
N GLN G 174 -7.04 -15.13 55.84
CA GLN G 174 -7.90 -15.81 54.85
C GLN G 174 -8.55 -14.79 53.88
N VAL G 175 -8.12 -14.87 52.60
CA VAL G 175 -8.56 -14.00 51.51
C VAL G 175 -9.51 -14.72 50.53
N GLU G 176 -10.77 -14.26 50.45
CA GLU G 176 -11.79 -14.77 49.53
C GLU G 176 -11.94 -13.72 48.41
N HIS G 177 -11.86 -14.18 47.15
CA HIS G 177 -11.86 -13.35 45.94
C HIS G 177 -12.34 -14.17 44.70
N PRO G 178 -12.98 -13.54 43.68
CA PRO G 178 -13.43 -14.29 42.50
C PRO G 178 -12.35 -15.01 41.66
N SER G 179 -11.08 -14.50 41.64
CA SER G 179 -9.96 -15.10 40.90
C SER G 179 -9.57 -16.51 41.40
N VAL G 180 -10.05 -16.88 42.60
CA VAL G 180 -9.77 -18.17 43.24
C VAL G 180 -11.05 -18.93 43.66
N THR G 181 -11.04 -20.25 43.43
CA THR G 181 -12.11 -21.19 43.76
C THR G 181 -12.06 -21.58 45.24
N SER G 182 -10.83 -21.58 45.81
CA SER G 182 -10.54 -21.93 47.20
C SER G 182 -9.92 -20.73 47.99
N PRO G 183 -10.46 -20.41 49.21
CA PRO G 183 -9.93 -19.27 49.97
C PRO G 183 -8.44 -19.38 50.25
N LEU G 184 -7.64 -18.41 49.75
CA LEU G 184 -6.19 -18.39 49.95
C LEU G 184 -5.85 -18.18 51.43
N THR G 185 -4.81 -18.88 51.94
CA THR G 185 -4.39 -18.81 53.35
C THR G 185 -2.88 -18.73 53.52
N VAL G 186 -2.45 -17.78 54.36
CA VAL G 186 -1.07 -17.50 54.75
C VAL G 186 -1.04 -17.55 56.29
N GLU G 187 0.07 -18.04 56.87
CA GLU G 187 0.21 -18.19 58.33
C GLU G 187 1.47 -17.56 58.88
N TRP G 188 1.39 -17.16 60.16
CA TRP G 188 2.47 -16.62 60.97
C TRP G 188 2.25 -17.06 62.41
N ARG G 189 3.27 -17.66 63.02
CA ARG G 189 3.22 -18.11 64.42
C ARG G 189 4.37 -17.53 65.24
N ALA G 190 4.07 -17.30 66.54
CA ALA G 190 5.00 -16.71 67.52
C ALA G 190 6.18 -17.64 67.88
N ARG H 1 -14.38 -5.93 17.63
CA ARG H 1 -15.34 -4.83 17.59
C ARG H 1 -14.69 -3.48 17.94
N PHE H 2 -15.44 -2.38 17.72
CA PHE H 2 -14.99 -1.00 17.87
C PHE H 2 -15.69 -0.29 19.00
N TYR H 3 -14.94 0.55 19.73
CA TYR H 3 -15.51 1.41 20.77
C TYR H 3 -16.12 2.59 20.04
N LYS H 4 -17.36 2.92 20.35
CA LYS H 4 -18.03 4.03 19.67
C LYS H 4 -18.16 5.25 20.57
N THR H 5 -17.75 6.42 20.04
CA THR H 5 -17.81 7.72 20.70
C THR H 5 -19.24 8.25 20.68
N LEU H 6 -19.70 8.81 21.81
CA LEU H 6 -21.00 9.46 21.81
C LEU H 6 -20.66 10.86 21.33
N ARG H 7 -21.03 11.16 20.06
CA ARG H 7 -20.67 12.40 19.42
C ARG H 7 -21.32 13.59 20.06
N ALA H 8 -20.48 14.59 20.38
CA ALA H 8 -20.84 15.84 21.04
C ALA H 8 -21.49 16.82 20.09
N GLU H 9 -22.44 17.59 20.63
CA GLU H 9 -23.14 18.64 19.92
C GLU H 9 -22.79 20.05 20.45
N GLN H 10 -22.77 21.04 19.54
CA GLN H 10 -22.52 22.43 19.91
C GLN H 10 -23.71 22.97 20.71
N ALA H 11 -23.40 23.78 21.73
CA ALA H 11 -24.36 24.38 22.64
C ALA H 11 -25.06 25.56 22.00
N SER H 12 -26.19 25.98 22.58
CA SER H 12 -26.98 27.13 22.17
C SER H 12 -26.19 28.42 22.50
N GLN H 13 -26.13 29.49 21.66
CA GLN H 13 -26.70 29.75 20.31
C GLN H 13 -26.07 31.10 19.84
N LEU I 2 -13.51 3.13 4.74
CA LEU I 2 -12.93 2.02 3.97
C LEU I 2 -13.57 1.85 2.56
N ASN I 3 -14.56 0.94 2.36
CA ASN I 3 -15.18 0.70 1.04
C ASN I 3 -16.65 0.35 1.06
N VAL I 4 -17.43 1.00 0.17
CA VAL I 4 -18.88 0.80 0.01
C VAL I 4 -19.16 0.34 -1.45
N GLU I 5 -19.97 -0.70 -1.61
CA GLU I 5 -20.30 -1.20 -2.94
C GLU I 5 -21.77 -1.23 -3.22
N GLN I 6 -22.18 -0.76 -4.42
CA GLN I 6 -23.59 -0.76 -4.84
C GLN I 6 -23.87 -1.69 -6.02
N SER I 7 -25.03 -2.38 -5.96
CA SER I 7 -25.44 -3.34 -6.99
CA SER I 7 -25.43 -3.33 -6.99
C SER I 7 -26.94 -3.23 -7.32
N PRO I 8 -27.36 -3.19 -8.63
CA PRO I 8 -26.55 -3.16 -9.86
C PRO I 8 -26.04 -1.73 -10.15
N GLN I 9 -25.00 -1.60 -11.00
CA GLN I 9 -24.38 -0.33 -11.39
C GLN I 9 -25.37 0.54 -12.19
N SER I 10 -26.39 -0.09 -12.84
CA SER I 10 -27.44 0.49 -13.69
C SER I 10 -28.68 -0.44 -13.74
N LEU I 11 -29.87 0.14 -13.90
CA LEU I 11 -31.12 -0.64 -13.88
C LEU I 11 -32.21 0.02 -14.77
N HIS I 12 -33.03 -0.80 -15.42
CA HIS I 12 -34.14 -0.36 -16.28
C HIS I 12 -35.43 -0.88 -15.67
N VAL I 13 -36.44 -0.03 -15.57
CA VAL I 13 -37.70 -0.44 -15.00
C VAL I 13 -38.81 0.19 -15.82
N GLN I 14 -39.92 -0.53 -16.06
CA GLN I 14 -41.03 0.02 -16.81
C GLN I 14 -41.90 0.84 -15.88
N GLU I 15 -42.36 1.97 -16.39
CA GLU I 15 -43.24 2.87 -15.67
C GLU I 15 -44.37 2.04 -15.06
N GLY I 16 -44.65 2.30 -13.79
CA GLY I 16 -45.73 1.68 -13.03
C GLY I 16 -45.31 0.43 -12.26
N ASP I 17 -44.11 -0.12 -12.56
CA ASP I 17 -43.56 -1.29 -11.92
C ASP I 17 -42.62 -0.92 -10.85
N SER I 18 -42.68 -1.60 -9.72
CA SER I 18 -41.73 -1.41 -8.61
C SER I 18 -40.36 -1.97 -8.92
N THR I 19 -39.33 -1.50 -8.25
CA THR I 19 -37.94 -1.99 -8.39
C THR I 19 -37.20 -1.88 -7.05
N ASN I 20 -36.02 -2.46 -6.96
CA ASN I 20 -35.19 -2.36 -5.76
C ASN I 20 -33.72 -2.65 -6.02
N PHE I 21 -32.84 -2.12 -5.14
CA PHE I 21 -31.40 -2.31 -5.28
C PHE I 21 -30.72 -2.32 -3.91
N THR I 22 -29.46 -2.74 -3.91
CA THR I 22 -28.54 -3.03 -2.81
C THR I 22 -27.37 -2.03 -2.65
N CYS I 23 -26.92 -1.95 -1.40
CA CYS I 23 -25.76 -1.23 -0.92
C CYS I 23 -25.09 -2.12 0.12
N SER I 24 -23.79 -2.41 -0.07
CA SER I 24 -22.98 -3.20 0.84
CA SER I 24 -23.02 -3.17 0.88
C SER I 24 -21.94 -2.27 1.46
N PHE I 25 -21.99 -2.09 2.78
CA PHE I 25 -21.09 -1.23 3.55
C PHE I 25 -20.39 -1.99 4.69
N PRO I 26 -19.29 -1.45 5.31
CA PRO I 26 -18.64 -2.18 6.42
C PRO I 26 -19.54 -2.55 7.61
N SER I 27 -19.33 -3.75 8.15
CA SER I 27 -20.09 -4.31 9.27
C SER I 27 -19.47 -3.93 10.63
N SER I 28 -18.34 -3.19 10.62
CA SER I 28 -17.71 -2.71 11.84
C SER I 28 -17.61 -1.20 11.82
N ASN I 29 -17.73 -0.55 12.99
CA ASN I 29 -17.61 0.90 13.23
C ASN I 29 -18.67 1.74 12.51
N PHE I 30 -19.92 1.27 12.53
CA PHE I 30 -21.03 1.94 11.89
C PHE I 30 -21.56 3.07 12.73
N TYR I 31 -21.72 4.26 12.12
CA TYR I 31 -22.41 5.37 12.81
C TYR I 31 -23.71 5.68 12.04
N ALA I 32 -23.64 5.78 10.70
CA ALA I 32 -24.81 6.06 9.87
C ALA I 32 -24.67 5.57 8.42
N LEU I 33 -25.80 5.56 7.69
CA LEU I 33 -25.94 5.23 6.27
C LEU I 33 -26.87 6.22 5.56
N HIS I 34 -26.36 6.84 4.51
CA HIS I 34 -27.06 7.87 3.78
C HIS I 34 -27.46 7.38 2.43
N TRP I 35 -28.65 7.80 1.99
CA TRP I 35 -29.19 7.51 0.68
C TRP I 35 -29.53 8.85 0.03
N TYR I 36 -28.92 9.12 -1.12
CA TYR I 36 -29.13 10.34 -1.92
C TYR I 36 -29.65 9.95 -3.27
N ARG I 37 -30.46 10.85 -3.86
CA ARG I 37 -31.03 10.81 -5.22
C ARG I 37 -30.32 11.94 -6.00
N TRP I 38 -29.76 11.61 -7.15
CA TRP I 38 -29.01 12.57 -7.93
C TRP I 38 -29.44 12.55 -9.38
N GLU I 39 -30.35 13.44 -9.70
CA GLU I 39 -30.86 13.60 -11.06
C GLU I 39 -29.79 14.26 -11.92
N THR I 40 -29.62 13.81 -13.17
CA THR I 40 -28.61 14.39 -14.08
C THR I 40 -28.76 15.93 -14.10
N ALA I 41 -27.61 16.65 -14.00
CA ALA I 41 -27.51 18.12 -14.04
C ALA I 41 -28.14 18.83 -12.84
N LYS I 42 -28.51 18.05 -11.81
CA LYS I 42 -29.06 18.58 -10.57
C LYS I 42 -28.07 18.13 -9.46
N SER I 43 -28.31 18.54 -8.20
CA SER I 43 -27.42 18.19 -7.09
C SER I 43 -27.89 16.98 -6.31
N PRO I 44 -26.98 16.19 -5.71
CA PRO I 44 -27.42 15.06 -4.88
C PRO I 44 -28.25 15.58 -3.69
N GLU I 45 -29.47 15.07 -3.54
CA GLU I 45 -30.42 15.46 -2.50
C GLU I 45 -30.72 14.22 -1.64
N ALA I 46 -30.55 14.35 -0.32
CA ALA I 46 -30.74 13.25 0.65
C ALA I 46 -32.14 12.74 0.73
N LEU I 47 -32.25 11.44 0.87
CA LEU I 47 -33.53 10.77 1.03
C LEU I 47 -33.69 10.35 2.48
N PHE I 48 -32.67 9.64 3.02
CA PHE I 48 -32.64 9.09 4.36
C PHE I 48 -31.24 9.05 4.95
N VAL I 49 -31.20 9.24 6.25
CA VAL I 49 -30.04 9.03 7.12
C VAL I 49 -30.55 7.93 8.08
N MET I 50 -29.93 6.76 8.00
CA MET I 50 -30.34 5.60 8.75
C MET I 50 -29.27 5.25 9.77
N THR I 51 -29.63 5.39 11.05
CA THR I 51 -28.72 5.19 12.19
C THR I 51 -29.03 3.94 13.02
N LEU I 52 -30.32 3.59 13.18
CA LEU I 52 -30.73 2.44 13.98
C LEU I 52 -30.93 1.17 13.15
N ASN I 53 -30.21 0.09 13.48
CA ASN I 53 -30.32 -1.20 12.79
C ASN I 53 -31.73 -1.76 12.86
N GLY I 54 -32.20 -2.33 11.76
CA GLY I 54 -33.53 -2.93 11.64
C GLY I 54 -34.64 -1.93 11.45
N ASP I 55 -34.32 -0.64 11.40
CA ASP I 55 -35.31 0.41 11.16
C ASP I 55 -35.57 0.50 9.68
N GLU I 56 -36.77 0.95 9.35
CA GLU I 56 -37.21 1.12 7.99
C GLU I 56 -37.74 2.54 7.84
N LYS I 57 -37.25 3.24 6.82
CA LYS I 57 -37.67 4.59 6.52
C LYS I 57 -38.48 4.66 5.21
N LYS I 58 -39.46 5.57 5.15
CA LYS I 58 -40.35 5.76 4.00
C LYS I 58 -40.54 7.24 3.63
N LYS I 59 -40.30 7.57 2.35
CA LYS I 59 -40.48 8.91 1.79
C LYS I 59 -41.39 8.75 0.54
N GLY I 60 -42.70 8.73 0.79
CA GLY I 60 -43.71 8.57 -0.24
C GLY I 60 -43.66 7.19 -0.84
N ARG I 61 -43.07 7.07 -2.05
CA ARG I 61 -42.93 5.77 -2.72
C ARG I 61 -41.58 5.09 -2.51
N ILE I 62 -40.60 5.84 -1.98
CA ILE I 62 -39.26 5.32 -1.73
C ILE I 62 -39.23 4.73 -0.32
N SER I 63 -38.55 3.62 -0.17
CA SER I 63 -38.45 2.93 1.10
C SER I 63 -37.03 2.36 1.24
N ALA I 64 -36.56 2.24 2.50
CA ALA I 64 -35.21 1.74 2.79
C ALA I 64 -35.14 0.90 4.05
N THR I 65 -34.31 -0.11 4.03
CA THR I 65 -34.09 -0.96 5.20
C THR I 65 -32.60 -0.93 5.52
N LEU I 66 -32.25 -1.07 6.82
CA LEU I 66 -30.86 -1.08 7.26
C LEU I 66 -30.48 -2.34 8.07
N ASN I 67 -29.42 -3.05 7.65
CA ASN I 67 -28.92 -4.17 8.43
C ASN I 67 -27.44 -4.04 8.66
N THR I 68 -27.09 -3.37 9.77
CA THR I 68 -25.71 -3.05 10.18
C THR I 68 -24.85 -4.29 10.44
N LYS I 69 -25.49 -5.32 11.01
CA LYS I 69 -24.87 -6.58 11.40
C LYS I 69 -24.33 -7.35 10.21
N GLU I 70 -25.15 -7.56 9.14
CA GLU I 70 -24.68 -8.21 7.90
C GLU I 70 -24.05 -7.18 6.94
N GLY I 71 -24.28 -5.90 7.20
CA GLY I 71 -23.67 -4.81 6.45
C GLY I 71 -24.23 -4.63 5.06
N TYR I 72 -25.51 -4.31 4.98
CA TYR I 72 -26.23 -4.05 3.75
C TYR I 72 -27.50 -3.22 3.97
N SER I 73 -27.96 -2.58 2.89
CA SER I 73 -29.17 -1.78 2.88
C SER I 73 -29.84 -1.94 1.55
N TYR I 74 -31.18 -1.98 1.60
CA TYR I 74 -32.00 -2.09 0.43
C TYR I 74 -32.82 -0.84 0.20
N LEU I 75 -32.83 -0.36 -1.05
CA LEU I 75 -33.68 0.76 -1.43
C LEU I 75 -34.74 0.22 -2.37
N TYR I 76 -36.00 0.59 -2.09
CA TYR I 76 -37.16 0.12 -2.82
C TYR I 76 -37.88 1.27 -3.45
N ILE I 77 -38.21 1.15 -4.74
CA ILE I 77 -39.05 2.13 -5.44
C ILE I 77 -40.31 1.41 -5.85
N LYS I 78 -41.44 1.74 -5.21
CA LYS I 78 -42.75 1.19 -5.49
C LYS I 78 -43.33 1.98 -6.66
N GLY I 79 -43.98 1.28 -7.57
CA GLY I 79 -44.69 1.86 -8.71
C GLY I 79 -44.01 3.02 -9.41
N SER I 80 -42.83 2.71 -10.00
CA SER I 80 -41.94 3.64 -10.70
CA SER I 80 -41.96 3.65 -10.69
C SER I 80 -42.71 4.63 -11.54
N GLN I 81 -42.29 5.92 -11.44
CA GLN I 81 -42.82 7.07 -12.16
C GLN I 81 -41.60 7.67 -12.87
N PRO I 82 -41.79 8.41 -14.00
CA PRO I 82 -40.63 8.97 -14.74
C PRO I 82 -39.61 9.83 -13.97
N GLU I 83 -40.11 10.63 -13.00
CA GLU I 83 -39.35 11.50 -12.09
C GLU I 83 -38.43 10.74 -11.15
N ASP I 84 -38.51 9.40 -11.13
CA ASP I 84 -37.62 8.58 -10.32
C ASP I 84 -36.36 8.24 -11.07
N SER I 85 -36.26 8.59 -12.38
CA SER I 85 -35.04 8.34 -13.13
C SER I 85 -33.95 9.24 -12.51
N ALA I 86 -32.94 8.60 -11.89
CA ALA I 86 -31.87 9.26 -11.14
C ALA I 86 -30.77 8.26 -10.84
N THR I 87 -29.62 8.73 -10.36
CA THR I 87 -28.57 7.87 -9.85
C THR I 87 -28.74 7.90 -8.34
N TYR I 88 -29.06 6.74 -7.73
CA TYR I 88 -29.26 6.61 -6.27
C TYR I 88 -27.94 6.21 -5.64
N LEU I 89 -27.42 7.13 -4.79
CA LEU I 89 -26.12 7.02 -4.13
C LEU I 89 -26.24 6.62 -2.71
N CYS I 90 -25.31 5.80 -2.25
CA CYS I 90 -25.26 5.23 -0.90
C CYS I 90 -23.98 5.63 -0.26
N ALA I 91 -24.06 6.09 1.01
CA ALA I 91 -22.91 6.58 1.79
C ALA I 91 -22.84 6.05 3.20
N PHE I 92 -21.62 5.66 3.64
CA PHE I 92 -21.34 5.15 4.98
C PHE I 92 -20.58 6.19 5.78
N LYS I 93 -21.01 6.38 7.03
CA LYS I 93 -20.38 7.30 7.94
C LYS I 93 -19.95 6.51 9.18
N ALA I 94 -18.67 6.67 9.53
CA ALA I 94 -18.01 6.11 10.70
C ALA I 94 -17.91 7.29 11.74
N ALA I 95 -16.89 7.33 12.61
CA ALA I 95 -16.80 8.31 13.70
C ALA I 95 -16.71 9.80 13.30
N GLY I 96 -16.15 10.12 12.15
CA GLY I 96 -16.10 11.49 11.67
C GLY I 96 -17.39 11.92 10.99
N ASN I 97 -17.29 12.84 10.01
CA ASN I 97 -18.44 13.31 9.26
C ASN I 97 -18.34 12.94 7.78
N LYS I 98 -17.12 12.59 7.32
CA LYS I 98 -16.82 12.19 5.97
C LYS I 98 -17.65 10.96 5.56
N LEU I 99 -18.22 11.05 4.33
CA LEU I 99 -19.03 9.98 3.75
C LEU I 99 -18.21 9.20 2.76
N THR I 100 -18.31 7.87 2.86
CA THR I 100 -17.67 6.97 1.90
C THR I 100 -18.80 6.49 1.01
N PHE I 101 -18.67 6.71 -0.31
CA PHE I 101 -19.71 6.40 -1.29
C PHE I 101 -19.51 5.10 -2.09
N GLY I 102 -20.65 4.53 -2.48
CA GLY I 102 -20.75 3.43 -3.41
C GLY I 102 -20.77 4.04 -4.79
N GLY I 103 -20.59 3.22 -5.82
CA GLY I 103 -20.57 3.68 -7.21
C GLY I 103 -21.92 4.10 -7.76
N GLY I 104 -22.98 3.86 -6.99
CA GLY I 104 -24.35 4.20 -7.33
C GLY I 104 -25.10 3.15 -8.14
N THR I 105 -26.43 3.39 -8.29
CA THR I 105 -27.35 2.64 -9.11
C THR I 105 -28.11 3.64 -9.97
N ARG I 106 -27.78 3.69 -11.26
CA ARG I 106 -28.46 4.55 -12.23
C ARG I 106 -29.83 3.91 -12.60
N VAL I 107 -30.92 4.52 -12.15
CA VAL I 107 -32.29 4.04 -12.43
C VAL I 107 -32.88 4.79 -13.64
N LEU I 108 -33.35 4.03 -14.62
CA LEU I 108 -34.00 4.53 -15.83
C LEU I 108 -35.44 4.03 -15.91
N VAL I 109 -36.41 4.93 -15.75
CA VAL I 109 -37.83 4.59 -15.80
C VAL I 109 -38.31 4.71 -17.26
N LYS I 110 -38.39 3.56 -17.94
CA LYS I 110 -38.84 3.44 -19.31
C LYS I 110 -40.32 3.92 -19.35
N PRO I 111 -40.67 4.94 -20.18
CA PRO I 111 -42.05 5.47 -20.15
C PRO I 111 -43.05 4.57 -20.85
N ASN I 112 -44.33 4.77 -20.49
CA ASN I 112 -45.52 4.15 -21.03
C ASN I 112 -46.03 5.08 -22.15
N ILE I 113 -45.71 4.72 -23.40
CA ILE I 113 -46.10 5.50 -24.57
C ILE I 113 -47.51 5.15 -25.07
N GLN I 114 -48.42 6.10 -25.01
CA GLN I 114 -49.79 5.95 -25.54
C GLN I 114 -49.77 6.28 -27.06
N ASN I 115 -50.91 6.05 -27.75
CA ASN I 115 -51.22 6.38 -29.16
C ASN I 115 -50.00 6.51 -30.08
N PRO I 116 -49.17 5.45 -30.27
CA PRO I 116 -48.04 5.59 -31.20
C PRO I 116 -48.51 5.86 -32.64
N ASP I 117 -47.62 6.47 -33.43
CA ASP I 117 -47.81 6.87 -34.82
C ASP I 117 -46.41 6.96 -35.39
N PRO I 118 -45.57 5.86 -35.40
CA PRO I 118 -44.17 6.02 -35.90
C PRO I 118 -44.09 6.72 -37.24
N ALA I 119 -43.25 7.75 -37.33
CA ALA I 119 -43.07 8.53 -38.57
C ALA I 119 -41.69 9.12 -38.66
N VAL I 120 -41.19 9.23 -39.89
CA VAL I 120 -39.90 9.84 -40.20
C VAL I 120 -40.23 11.07 -41.03
N TYR I 121 -39.89 12.28 -40.50
CA TYR I 121 -40.20 13.55 -41.14
C TYR I 121 -38.93 14.29 -41.54
N GLN I 122 -39.07 15.21 -42.50
CA GLN I 122 -38.00 16.10 -42.99
C GLN I 122 -38.33 17.54 -42.61
N LEU I 123 -37.50 18.10 -41.74
CA LEU I 123 -37.57 19.47 -41.23
C LEU I 123 -36.95 20.41 -42.27
N ARG I 124 -37.39 21.71 -42.32
CA ARG I 124 -36.79 22.63 -43.27
C ARG I 124 -35.39 23.07 -42.89
N ASP I 125 -34.55 23.25 -43.93
CA ASP I 125 -33.13 23.60 -43.97
C ASP I 125 -32.76 24.99 -43.36
N SER I 126 -33.61 25.50 -42.44
CA SER I 126 -33.44 26.77 -41.75
C SER I 126 -32.02 27.00 -41.14
N LYS I 127 -31.34 28.11 -41.47
CA LYS I 127 -31.68 29.18 -42.40
C LYS I 127 -30.37 29.46 -43.19
N SER I 128 -29.24 29.18 -42.51
CA SER I 128 -27.85 29.25 -42.96
C SER I 128 -27.08 28.02 -42.38
N SER I 129 -27.26 26.83 -43.03
CA SER I 129 -26.62 25.53 -42.67
C SER I 129 -26.60 24.56 -43.86
N ASP I 130 -25.52 23.75 -43.94
CA ASP I 130 -25.35 22.67 -44.91
C ASP I 130 -25.88 21.39 -44.23
N LYS I 131 -27.07 21.48 -43.63
CA LYS I 131 -27.70 20.36 -42.95
C LYS I 131 -29.16 20.20 -43.32
N SER I 132 -29.50 18.94 -43.58
CA SER I 132 -30.81 18.42 -43.85
C SER I 132 -31.12 17.60 -42.57
N VAL I 133 -32.23 17.91 -41.87
CA VAL I 133 -32.55 17.20 -40.64
C VAL I 133 -33.80 16.28 -40.78
N CYS I 134 -33.64 15.00 -40.39
CA CYS I 134 -34.69 13.97 -40.38
C CYS I 134 -35.02 13.65 -38.94
N LEU I 135 -36.33 13.68 -38.60
CA LEU I 135 -36.84 13.36 -37.28
C LEU I 135 -37.65 12.06 -37.28
N PHE I 136 -37.17 11.05 -36.54
CA PHE I 136 -37.92 9.81 -36.35
C PHE I 136 -38.70 10.07 -35.07
N THR I 137 -40.02 10.25 -35.17
CA THR I 137 -40.83 10.52 -33.99
C THR I 137 -42.10 9.63 -33.82
N ASP I 138 -42.71 9.66 -32.61
CA ASP I 138 -44.01 9.09 -32.23
C ASP I 138 -44.08 7.53 -32.23
N PHE I 139 -42.98 6.88 -31.86
CA PHE I 139 -42.88 5.43 -31.73
C PHE I 139 -42.94 5.01 -30.22
N ASP I 140 -43.24 3.73 -29.97
CA ASP I 140 -43.37 2.98 -28.70
C ASP I 140 -42.01 2.80 -28.00
N SER I 141 -41.98 2.37 -26.71
CA SER I 141 -40.67 2.16 -26.05
C SER I 141 -39.98 0.86 -26.52
N GLN I 142 -40.70 0.03 -27.31
CA GLN I 142 -40.20 -1.24 -27.86
C GLN I 142 -39.33 -1.03 -29.10
N THR I 143 -39.37 0.17 -29.72
CA THR I 143 -38.51 0.55 -30.85
C THR I 143 -37.14 1.02 -30.28
N ASN I 144 -36.04 0.58 -30.89
CA ASN I 144 -34.70 0.96 -30.48
C ASN I 144 -33.93 1.60 -31.63
N VAL I 145 -33.33 2.77 -31.33
CA VAL I 145 -32.54 3.58 -32.27
C VAL I 145 -31.06 3.16 -32.22
N SER I 146 -30.59 2.63 -33.35
CA SER I 146 -29.21 2.20 -33.54
C SER I 146 -28.44 3.30 -34.28
N GLN I 147 -27.13 3.43 -34.00
CA GLN I 147 -26.30 4.45 -34.64
C GLN I 147 -26.07 4.13 -36.11
N SER I 148 -25.92 5.19 -36.93
CA SER I 148 -25.86 5.23 -38.39
C SER I 148 -25.01 4.19 -39.11
N LYS I 149 -23.70 4.08 -38.78
CA LYS I 149 -22.65 3.25 -39.41
C LYS I 149 -21.92 4.04 -40.51
N ASP I 150 -22.65 4.90 -41.28
CA ASP I 150 -22.01 5.81 -42.22
C ASP I 150 -21.49 6.99 -41.39
N SER I 151 -20.16 7.19 -41.44
CA SER I 151 -19.42 8.21 -40.69
C SER I 151 -19.85 9.67 -40.92
N ASP I 152 -20.63 9.95 -42.00
CA ASP I 152 -21.04 11.32 -42.33
C ASP I 152 -22.51 11.62 -41.97
N VAL I 153 -23.20 10.66 -41.32
CA VAL I 153 -24.59 10.76 -40.85
C VAL I 153 -24.60 10.60 -39.33
N TYR I 154 -25.20 11.57 -38.64
CA TYR I 154 -25.25 11.57 -37.19
C TYR I 154 -26.66 11.30 -36.67
N ILE I 155 -26.78 10.32 -35.79
CA ILE I 155 -28.04 9.87 -35.17
C ILE I 155 -27.95 9.94 -33.64
N THR I 156 -28.92 10.65 -33.02
CA THR I 156 -29.04 10.82 -31.58
C THR I 156 -29.98 9.78 -30.98
N ASP I 157 -29.78 9.40 -29.71
CA ASP I 157 -30.66 8.43 -29.08
C ASP I 157 -32.05 9.03 -28.77
N LYS I 158 -33.06 8.15 -28.61
CA LYS I 158 -34.44 8.48 -28.32
C LYS I 158 -34.55 9.27 -27.03
N CYS I 159 -35.49 10.18 -27.04
CA CYS I 159 -35.67 11.08 -25.94
C CYS I 159 -37.17 11.36 -25.85
N VAL I 160 -37.67 11.39 -24.61
CA VAL I 160 -39.09 11.64 -24.31
C VAL I 160 -39.36 13.09 -23.92
N LEU I 161 -40.39 13.67 -24.53
CA LEU I 161 -40.90 15.00 -24.24
C LEU I 161 -42.41 14.92 -23.92
N ASP I 162 -42.87 15.73 -22.95
CA ASP I 162 -44.27 15.86 -22.58
C ASP I 162 -44.71 17.31 -22.91
N MET I 163 -45.66 17.46 -23.83
CA MET I 163 -46.12 18.80 -24.24
C MET I 163 -46.87 19.57 -23.10
N ARG I 164 -47.06 20.89 -23.31
CA ARG I 164 -47.77 21.75 -22.34
C ARG I 164 -49.30 21.76 -22.65
N SER I 165 -49.62 21.86 -23.98
CA SER I 165 -50.94 21.92 -24.64
C SER I 165 -51.76 20.60 -24.55
N MET I 166 -51.20 19.56 -23.86
CA MET I 166 -51.73 18.19 -23.58
C MET I 166 -50.72 17.41 -22.71
N ASP I 167 -51.20 16.44 -21.92
CA ASP I 167 -50.29 15.63 -21.10
C ASP I 167 -49.94 14.27 -21.76
N PHE I 168 -49.78 14.31 -23.10
CA PHE I 168 -49.35 13.21 -23.98
C PHE I 168 -47.78 13.14 -23.94
N LYS I 169 -47.19 11.98 -24.15
CA LYS I 169 -45.73 11.81 -24.15
C LYS I 169 -45.27 11.13 -25.45
N SER I 170 -44.15 11.61 -26.01
CA SER I 170 -43.63 11.07 -27.24
C SER I 170 -42.14 10.86 -27.21
N ASN I 171 -41.68 9.88 -28.00
CA ASN I 171 -40.29 9.53 -28.19
C ASN I 171 -39.88 10.11 -29.53
N SER I 172 -38.58 10.36 -29.67
CA SER I 172 -38.02 10.83 -30.93
C SER I 172 -36.50 10.78 -30.93
N ALA I 173 -35.93 10.70 -32.14
CA ALA I 173 -34.52 10.67 -32.42
C ALA I 173 -34.32 11.60 -33.64
N VAL I 174 -33.10 12.11 -33.81
CA VAL I 174 -32.74 13.03 -34.88
C VAL I 174 -31.56 12.46 -35.67
N ALA I 175 -31.60 12.64 -37.00
CA ALA I 175 -30.52 12.26 -37.92
C ALA I 175 -30.19 13.48 -38.80
N TRP I 176 -28.89 13.71 -39.08
CA TRP I 176 -28.48 14.83 -39.95
C TRP I 176 -27.23 14.54 -40.74
N SER I 177 -27.07 15.23 -41.89
CA SER I 177 -25.89 15.09 -42.74
C SER I 177 -25.65 16.31 -43.65
N ASN I 178 -24.39 16.43 -44.16
CA ASN I 178 -23.87 17.41 -45.14
C ASN I 178 -24.20 16.86 -46.54
N LYS I 179 -24.12 15.51 -46.67
CA LYS I 179 -24.35 14.68 -47.85
C LYS I 179 -25.56 15.13 -48.65
N SER I 180 -25.46 15.00 -49.99
CA SER I 180 -26.50 15.35 -50.96
C SER I 180 -27.43 14.14 -51.20
N ASP I 181 -26.83 12.94 -51.24
CA ASP I 181 -27.52 11.65 -51.39
C ASP I 181 -28.34 11.30 -50.12
N PHE I 182 -28.35 12.21 -49.11
CA PHE I 182 -29.05 12.03 -47.84
C PHE I 182 -30.56 12.20 -47.94
N ALA I 183 -31.30 11.21 -47.41
CA ALA I 183 -32.75 11.21 -47.44
C ALA I 183 -33.36 10.60 -46.18
N CYS I 184 -34.52 11.13 -45.74
CA CYS I 184 -35.20 10.60 -44.56
C CYS I 184 -35.73 9.18 -44.78
N ALA I 185 -36.00 8.81 -46.04
CA ALA I 185 -36.46 7.48 -46.43
C ALA I 185 -35.43 6.35 -46.15
N ASN I 186 -34.13 6.72 -46.01
CA ASN I 186 -33.07 5.74 -45.71
C ASN I 186 -32.24 6.13 -44.47
N ALA I 187 -32.50 7.32 -43.91
CA ALA I 187 -31.80 7.89 -42.75
C ALA I 187 -31.67 6.91 -41.58
N PHE I 188 -32.76 6.24 -41.22
CA PHE I 188 -32.82 5.31 -40.10
C PHE I 188 -32.80 3.82 -40.52
N ASN I 189 -32.05 3.47 -41.59
CA ASN I 189 -31.99 2.09 -42.11
C ASN I 189 -31.21 1.10 -41.22
N ASN I 190 -30.34 1.57 -40.32
CA ASN I 190 -29.62 0.66 -39.42
C ASN I 190 -30.39 0.38 -38.11
N SER I 191 -31.59 0.96 -37.98
CA SER I 191 -32.42 0.80 -36.81
C SER I 191 -33.56 -0.17 -37.07
N ILE I 192 -34.03 -0.84 -36.00
CA ILE I 192 -35.19 -1.74 -36.05
C ILE I 192 -36.45 -0.88 -35.98
N ILE I 193 -36.93 -0.44 -37.14
CA ILE I 193 -38.07 0.46 -37.27
C ILE I 193 -39.43 -0.28 -37.35
N PRO I 194 -40.53 0.24 -36.72
CA PRO I 194 -41.84 -0.42 -36.84
C PRO I 194 -42.23 -0.56 -38.30
N GLU I 195 -42.88 -1.68 -38.66
CA GLU I 195 -43.30 -1.98 -40.05
C GLU I 195 -44.16 -0.86 -40.64
N ASP I 196 -45.07 -0.29 -39.82
CA ASP I 196 -46.06 0.73 -40.22
C ASP I 196 -45.57 2.20 -40.13
N THR I 197 -44.23 2.43 -39.95
CA THR I 197 -43.61 3.76 -39.91
C THR I 197 -44.06 4.57 -41.14
N PHE I 198 -44.58 5.78 -40.89
CA PHE I 198 -45.06 6.67 -41.93
C PHE I 198 -43.95 7.48 -42.62
N PHE I 199 -43.71 7.19 -43.90
CA PHE I 199 -42.79 7.95 -44.71
C PHE I 199 -43.61 8.74 -45.70
N PRO I 200 -43.81 10.06 -45.47
CA PRO I 200 -44.58 10.87 -46.43
C PRO I 200 -43.75 11.24 -47.67
N SER I 201 -44.43 11.71 -48.74
CA SER I 201 -43.78 12.18 -49.97
C SER I 201 -44.50 13.41 -50.58
N PRO J 2 -33.44 27.21 0.67
CA PRO J 2 -32.35 27.07 1.66
C PRO J 2 -31.35 26.00 1.19
N GLU J 3 -30.54 26.38 0.18
CA GLU J 3 -29.60 25.55 -0.56
C GLU J 3 -28.16 25.94 -0.48
N VAL J 4 -27.26 24.97 -0.73
CA VAL J 4 -25.84 25.28 -0.87
C VAL J 4 -25.68 25.77 -2.33
N THR J 5 -24.99 26.87 -2.57
CA THR J 5 -24.80 27.37 -3.94
C THR J 5 -23.33 27.30 -4.25
N GLN J 6 -23.02 27.18 -5.53
CA GLN J 6 -21.65 27.13 -6.03
C GLN J 6 -21.54 27.96 -7.30
N THR J 7 -20.33 28.52 -7.55
CA THR J 7 -20.01 29.29 -8.77
C THR J 7 -18.54 28.99 -9.16
N PRO J 8 -18.25 28.79 -10.47
CA PRO J 8 -19.19 28.83 -11.60
C PRO J 8 -19.78 27.46 -11.95
N SER J 9 -20.86 27.42 -12.73
CA SER J 9 -21.49 26.19 -13.21
C SER J 9 -20.45 25.18 -13.80
N HIS J 10 -19.55 25.68 -14.68
CA HIS J 10 -18.48 24.96 -15.36
C HIS J 10 -17.23 25.86 -15.43
N GLN J 11 -16.05 25.25 -15.61
CA GLN J 11 -14.80 25.98 -15.74
C GLN J 11 -13.77 25.20 -16.59
N VAL J 12 -13.22 25.87 -17.62
CA VAL J 12 -12.21 25.30 -18.50
C VAL J 12 -10.85 25.88 -18.12
N THR J 13 -9.87 25.00 -17.87
CA THR J 13 -8.54 25.40 -17.44
C THR J 13 -7.45 24.60 -18.16
N GLN J 14 -6.23 25.16 -18.21
CA GLN J 14 -5.05 24.53 -18.76
C GLN J 14 -4.41 23.77 -17.60
N MET J 15 -3.47 22.88 -17.90
CA MET J 15 -2.70 22.12 -16.90
C MET J 15 -1.81 23.10 -16.12
N GLY J 16 -1.35 22.67 -14.95
CA GLY J 16 -0.44 23.42 -14.10
C GLY J 16 -0.94 24.72 -13.50
N GLN J 17 -2.19 25.10 -13.81
CA GLN J 17 -2.75 26.34 -13.29
C GLN J 17 -3.43 26.18 -11.93
N GLU J 18 -3.59 27.31 -11.23
CA GLU J 18 -4.26 27.40 -9.93
C GLU J 18 -5.71 27.77 -10.18
N VAL J 19 -6.60 26.94 -9.67
CA VAL J 19 -8.04 27.15 -9.80
C VAL J 19 -8.62 27.34 -8.42
N ILE J 20 -9.50 28.34 -8.28
CA ILE J 20 -10.19 28.63 -7.04
C ILE J 20 -11.70 28.42 -7.22
N LEU J 21 -12.21 27.31 -6.64
CA LEU J 21 -13.62 26.95 -6.64
C LEU J 21 -14.34 27.60 -5.46
N ARG J 22 -15.44 28.26 -5.73
CA ARG J 22 -16.22 28.98 -4.73
C ARG J 22 -17.54 28.31 -4.42
N CYS J 23 -17.98 28.52 -3.18
CA CYS J 23 -19.13 27.90 -2.55
C CYS J 23 -19.68 28.83 -1.46
N VAL J 24 -20.98 28.75 -1.21
CA VAL J 24 -21.68 29.52 -0.18
C VAL J 24 -22.46 28.53 0.67
N PRO J 25 -21.85 27.97 1.76
CA PRO J 25 -22.59 26.98 2.58
C PRO J 25 -23.85 27.57 3.17
N ILE J 26 -24.81 26.72 3.52
CA ILE J 26 -26.05 27.16 4.17
C ILE J 26 -25.68 27.98 5.44
N SER J 27 -26.33 29.15 5.61
CA SER J 27 -26.09 30.16 6.67
C SER J 27 -25.75 29.64 8.10
N ASN J 28 -26.63 28.82 8.70
CA ASN J 28 -26.48 28.34 10.09
C ASN J 28 -25.62 27.07 10.26
N HIS J 29 -25.25 26.41 9.15
CA HIS J 29 -24.54 25.14 9.10
C HIS J 29 -23.13 25.22 9.68
N LEU J 30 -22.71 24.19 10.45
CA LEU J 30 -21.43 24.13 11.16
C LEU J 30 -20.35 23.36 10.47
N TYR J 31 -20.71 22.35 9.65
CA TYR J 31 -19.72 21.56 8.93
C TYR J 31 -19.82 21.81 7.43
N PHE J 32 -18.64 21.96 6.77
CA PHE J 32 -18.50 22.18 5.31
C PHE J 32 -17.63 21.09 4.79
N TYR J 33 -17.83 20.72 3.52
CA TYR J 33 -17.11 19.62 2.92
C TYR J 33 -16.87 19.94 1.50
N TRP J 34 -15.89 19.25 0.92
CA TRP J 34 -15.72 19.24 -0.49
C TRP J 34 -15.58 17.77 -0.89
N TYR J 35 -16.37 17.37 -1.90
CA TYR J 35 -16.33 16.04 -2.51
C TYR J 35 -16.10 16.23 -4.00
N ARG J 36 -15.56 15.23 -4.65
CA ARG J 36 -15.36 15.30 -6.10
C ARG J 36 -15.63 13.96 -6.77
N GLN J 37 -16.12 14.01 -8.00
CA GLN J 37 -16.39 12.81 -8.76
C GLN J 37 -15.80 12.89 -10.15
N ILE J 38 -14.77 12.07 -10.38
CA ILE J 38 -14.11 11.89 -11.67
C ILE J 38 -15.06 10.96 -12.44
N LEU J 39 -15.46 11.35 -13.68
CA LEU J 39 -16.36 10.54 -14.50
C LEU J 39 -15.97 9.04 -14.52
N GLY J 40 -16.96 8.20 -14.17
CA GLY J 40 -16.79 6.75 -14.09
C GLY J 40 -16.41 6.23 -12.72
N GLN J 41 -15.81 7.09 -11.87
CA GLN J 41 -15.44 6.70 -10.51
C GLN J 41 -16.54 7.07 -9.48
N LYS J 42 -16.31 6.69 -8.23
CA LYS J 42 -17.21 6.99 -7.10
C LYS J 42 -17.01 8.45 -6.65
N VAL J 43 -17.94 8.96 -5.82
CA VAL J 43 -17.83 10.31 -5.24
C VAL J 43 -16.80 10.11 -4.12
N GLU J 44 -15.76 10.95 -4.13
CA GLU J 44 -14.63 10.95 -3.21
C GLU J 44 -14.67 12.14 -2.25
N PHE J 45 -14.36 11.86 -0.98
CA PHE J 45 -14.25 12.89 0.02
C PHE J 45 -12.93 13.60 -0.17
N LEU J 46 -12.93 14.94 -0.07
CA LEU J 46 -11.70 15.71 -0.17
C LEU J 46 -11.33 16.26 1.19
N VAL J 47 -12.18 17.12 1.76
CA VAL J 47 -11.94 17.83 3.01
C VAL J 47 -13.24 18.13 3.72
N SER J 48 -13.16 18.16 5.05
CA SER J 48 -14.18 18.43 6.07
C SER J 48 -13.64 19.63 6.86
N PHE J 49 -14.51 20.57 7.25
CA PHE J 49 -14.09 21.79 7.91
C PHE J 49 -15.16 22.21 8.91
N TYR J 50 -14.72 22.59 10.13
CA TYR J 50 -15.58 23.00 11.24
C TYR J 50 -14.84 23.94 12.17
N ASN J 51 -15.54 25.01 12.60
CA ASN J 51 -15.03 26.00 13.54
C ASN J 51 -13.67 26.57 13.12
N ASN J 52 -13.62 27.04 11.87
CA ASN J 52 -12.46 27.66 11.20
C ASN J 52 -11.20 26.77 11.18
N GLU J 53 -11.39 25.44 11.17
CA GLU J 53 -10.32 24.43 11.14
C GLU J 53 -10.74 23.15 10.39
N ILE J 54 -9.81 22.56 9.59
CA ILE J 54 -10.07 21.31 8.87
C ILE J 54 -10.28 20.20 9.90
N SER J 55 -11.36 19.39 9.74
CA SER J 55 -11.65 18.24 10.56
C SER J 55 -10.89 17.05 9.97
N GLU J 56 -11.48 16.41 8.92
CA GLU J 56 -10.92 15.27 8.18
C GLU J 56 -10.44 15.71 6.79
N LYS J 57 -9.45 15.01 6.24
CA LYS J 57 -8.90 15.29 4.90
C LYS J 57 -8.42 14.03 4.20
N SER J 58 -8.58 13.97 2.87
CA SER J 58 -8.17 12.87 1.97
C SER J 58 -6.62 12.75 1.94
N GLU J 59 -6.07 11.53 1.77
CA GLU J 59 -4.60 11.31 1.71
C GLU J 59 -3.83 12.27 0.76
N ILE J 60 -4.48 12.73 -0.32
CA ILE J 60 -3.87 13.61 -1.31
C ILE J 60 -4.08 15.08 -1.01
N PHE J 61 -5.06 15.40 -0.14
CA PHE J 61 -5.47 16.77 0.18
C PHE J 61 -4.35 17.78 0.45
N ASP J 62 -3.53 17.62 1.50
CA ASP J 62 -2.56 18.69 1.81
C ASP J 62 -1.46 18.87 0.75
N ASP J 63 -1.17 17.80 0.00
CA ASP J 63 -0.18 17.84 -1.06
C ASP J 63 -0.63 18.67 -2.23
N GLN J 64 -1.91 18.58 -2.68
CA GLN J 64 -2.34 19.33 -3.88
C GLN J 64 -3.56 20.26 -3.70
N PHE J 65 -4.06 20.49 -2.46
CA PHE J 65 -5.18 21.42 -2.24
C PHE J 65 -5.04 22.31 -1.00
N SER J 66 -5.88 23.36 -0.95
CA SER J 66 -6.00 24.35 0.10
C SER J 66 -7.49 24.59 0.37
N VAL J 67 -7.81 25.22 1.49
CA VAL J 67 -9.19 25.50 1.83
C VAL J 67 -9.23 26.85 2.57
N GLU J 68 -10.18 27.70 2.18
CA GLU J 68 -10.23 29.02 2.73
C GLU J 68 -11.60 29.47 3.11
N ARG J 69 -11.68 30.10 4.28
CA ARG J 69 -12.89 30.64 4.84
C ARG J 69 -12.70 32.19 4.78
N PRO J 70 -13.10 32.85 3.64
CA PRO J 70 -12.92 34.31 3.51
C PRO J 70 -13.68 35.10 4.58
N ASP J 71 -14.99 35.37 4.37
CA ASP J 71 -15.87 35.98 5.36
C ASP J 71 -16.60 34.85 6.17
N GLY J 72 -17.75 35.16 6.75
CA GLY J 72 -18.55 34.19 7.49
C GLY J 72 -19.76 33.78 6.68
N SER J 73 -19.65 33.91 5.34
CA SER J 73 -20.69 33.55 4.39
C SER J 73 -20.19 32.57 3.33
N ASN J 74 -18.91 32.70 2.97
CA ASN J 74 -18.20 31.95 1.94
C ASN J 74 -17.26 30.88 2.46
N PHE J 75 -16.88 29.96 1.54
CA PHE J 75 -15.93 28.87 1.73
C PHE J 75 -15.39 28.50 0.34
N THR J 76 -14.07 28.33 0.21
CA THR J 76 -13.42 28.06 -1.08
C THR J 76 -12.39 26.92 -1.08
N LEU J 77 -12.28 26.20 -2.22
CA LEU J 77 -11.32 25.12 -2.44
C LEU J 77 -10.42 25.58 -3.50
N LYS J 78 -9.13 25.44 -3.24
CA LYS J 78 -8.09 25.85 -4.18
C LYS J 78 -7.34 24.64 -4.63
N ILE J 79 -7.29 24.41 -5.95
CA ILE J 79 -6.46 23.35 -6.54
C ILE J 79 -5.17 24.09 -6.86
N ARG J 80 -4.05 23.61 -6.30
CA ARG J 80 -2.76 24.28 -6.41
C ARG J 80 -2.21 24.27 -7.84
N SER J 81 -1.95 23.05 -8.39
CA SER J 81 -1.46 22.84 -9.75
C SER J 81 -2.31 21.79 -10.50
N THR J 82 -3.33 22.26 -11.26
CA THR J 82 -4.31 21.44 -12.00
C THR J 82 -3.70 20.40 -12.91
N LYS J 83 -4.00 19.14 -12.65
CA LYS J 83 -3.55 17.95 -13.36
C LYS J 83 -4.70 17.48 -14.26
N LEU J 84 -4.41 16.65 -15.29
CA LEU J 84 -5.46 16.15 -16.19
C LEU J 84 -6.44 15.29 -15.42
N GLU J 85 -5.92 14.55 -14.43
CA GLU J 85 -6.68 13.68 -13.51
C GLU J 85 -7.65 14.50 -12.62
N ASP J 86 -7.47 15.84 -12.54
CA ASP J 86 -8.33 16.71 -11.72
C ASP J 86 -9.58 17.20 -12.46
N SER J 87 -9.85 16.66 -13.65
CA SER J 87 -11.06 17.00 -14.39
C SER J 87 -12.13 16.16 -13.71
N ALA J 88 -13.02 16.86 -12.99
CA ALA J 88 -14.10 16.21 -12.24
C ALA J 88 -15.22 17.18 -11.94
N MET J 89 -16.27 16.67 -11.29
CA MET J 89 -17.40 17.45 -10.80
C MET J 89 -17.09 17.69 -9.30
N TYR J 90 -16.97 18.94 -8.91
CA TYR J 90 -16.62 19.36 -7.57
C TYR J 90 -17.84 19.83 -6.86
N PHE J 91 -18.15 19.11 -5.78
CA PHE J 91 -19.29 19.44 -4.93
C PHE J 91 -18.83 19.99 -3.62
N CYS J 92 -19.48 21.04 -3.15
CA CYS J 92 -19.32 21.63 -1.84
C CYS J 92 -20.53 21.14 -1.12
N ALA J 93 -20.36 20.80 0.16
CA ALA J 93 -21.48 20.38 1.01
C ALA J 93 -21.43 21.06 2.36
N SER J 94 -22.56 21.04 3.07
CA SER J 94 -22.68 21.55 4.43
C SER J 94 -23.70 20.74 5.24
N SER J 95 -23.42 20.52 6.56
CA SER J 95 -24.29 19.82 7.52
C SER J 95 -24.48 20.76 8.71
N ARG J 96 -25.70 20.83 9.29
CA ARG J 96 -26.12 21.76 10.34
C ARG J 96 -25.40 21.57 11.68
N LEU J 97 -25.53 20.37 12.24
CA LEU J 97 -25.00 19.97 13.53
C LEU J 97 -23.51 19.64 13.52
N ALA J 98 -22.86 19.74 14.69
CA ALA J 98 -21.44 19.43 14.86
C ALA J 98 -21.27 17.95 15.22
N GLY J 99 -22.40 17.31 15.55
CA GLY J 99 -22.49 15.89 15.93
C GLY J 99 -22.35 14.91 14.78
N GLY J 100 -22.70 15.37 13.58
CA GLY J 100 -22.57 14.65 12.33
C GLY J 100 -23.59 13.60 12.02
N MET J 101 -24.65 13.43 12.85
CA MET J 101 -25.71 12.42 12.66
C MET J 101 -26.76 12.82 11.59
N ASP J 102 -26.70 14.08 11.11
CA ASP J 102 -27.66 14.63 10.16
C ASP J 102 -27.17 14.54 8.72
N GLU J 103 -28.05 14.89 7.78
CA GLU J 103 -27.82 14.87 6.34
C GLU J 103 -26.85 15.96 5.83
N GLN J 104 -26.26 15.73 4.66
CA GLN J 104 -25.39 16.71 4.02
C GLN J 104 -26.09 17.30 2.83
N PHE J 105 -26.01 18.61 2.70
CA PHE J 105 -26.65 19.31 1.62
C PHE J 105 -25.58 19.62 0.62
N PHE J 106 -25.83 19.26 -0.64
CA PHE J 106 -24.86 19.42 -1.71
C PHE J 106 -25.24 20.59 -2.54
N GLY J 107 -24.24 21.25 -3.08
CA GLY J 107 -24.45 22.36 -3.99
C GLY J 107 -24.66 21.85 -5.39
N PRO J 108 -24.95 22.72 -6.40
CA PRO J 108 -25.15 22.22 -7.78
C PRO J 108 -23.88 21.67 -8.44
N GLY J 109 -22.75 22.00 -7.87
CA GLY J 109 -21.46 21.52 -8.37
C GLY J 109 -20.84 22.39 -9.42
N THR J 110 -19.52 22.20 -9.60
CA THR J 110 -18.72 22.87 -10.59
C THR J 110 -18.03 21.80 -11.39
N ARG J 111 -18.26 21.79 -12.71
CA ARG J 111 -17.62 20.84 -13.62
C ARG J 111 -16.33 21.47 -14.11
N LEU J 112 -15.20 20.91 -13.68
CA LEU J 112 -13.90 21.42 -14.07
C LEU J 112 -13.31 20.54 -15.15
N THR J 113 -12.96 21.16 -16.28
CA THR J 113 -12.31 20.48 -17.40
C THR J 113 -10.88 21.00 -17.48
N VAL J 114 -9.90 20.10 -17.30
CA VAL J 114 -8.46 20.40 -17.36
C VAL J 114 -7.95 19.90 -18.71
N LEU J 115 -7.33 20.81 -19.47
CA LEU J 115 -6.81 20.54 -20.81
C LEU J 115 -5.31 20.65 -20.90
N GLU J 116 -4.69 19.71 -21.63
CA GLU J 116 -3.23 19.66 -21.85
C GLU J 116 -2.82 20.92 -22.65
N ASP J 117 -3.65 21.22 -23.65
CA ASP J 117 -3.53 22.26 -24.65
C ASP J 117 -4.86 22.98 -24.74
N LEU J 118 -4.81 24.28 -24.87
CA LEU J 118 -5.99 25.11 -25.04
C LEU J 118 -6.19 25.43 -26.54
N LYS J 119 -5.37 24.85 -27.43
CA LYS J 119 -5.41 25.13 -28.87
C LYS J 119 -6.61 24.53 -29.62
N ASN J 120 -7.17 23.44 -29.09
CA ASN J 120 -8.26 22.70 -29.71
C ASN J 120 -9.65 23.00 -29.11
N VAL J 121 -9.81 24.20 -28.46
CA VAL J 121 -11.07 24.69 -27.89
C VAL J 121 -11.86 25.43 -28.98
N PHE J 122 -13.14 25.05 -29.17
CA PHE J 122 -14.01 25.65 -30.18
C PHE J 122 -15.39 25.88 -29.60
N PRO J 123 -16.01 27.05 -29.88
CA PRO J 123 -17.40 27.24 -29.43
C PRO J 123 -18.39 26.49 -30.31
N PRO J 124 -19.70 26.38 -29.96
CA PRO J 124 -20.62 25.69 -30.87
C PRO J 124 -21.21 26.58 -31.98
N GLU J 125 -21.75 25.93 -33.01
CA GLU J 125 -22.50 26.62 -34.07
C GLU J 125 -23.91 26.20 -33.77
N VAL J 126 -24.85 27.16 -33.72
CA VAL J 126 -26.22 26.84 -33.34
C VAL J 126 -27.18 27.20 -34.45
N ALA J 127 -28.03 26.23 -34.85
CA ALA J 127 -29.07 26.37 -35.89
C ALA J 127 -30.39 25.77 -35.42
N VAL J 128 -31.51 26.43 -35.77
CA VAL J 128 -32.89 26.00 -35.53
C VAL J 128 -33.45 25.53 -36.90
N PHE J 129 -34.13 24.36 -36.93
CA PHE J 129 -34.77 23.77 -38.09
C PHE J 129 -36.27 23.79 -37.85
N GLU J 130 -37.03 24.44 -38.75
CA GLU J 130 -38.47 24.63 -38.59
C GLU J 130 -39.26 23.32 -38.79
N PRO J 131 -40.45 23.15 -38.17
CA PRO J 131 -41.20 21.89 -38.31
C PRO J 131 -41.52 21.44 -39.73
N SER J 132 -41.57 20.11 -39.94
CA SER J 132 -41.95 19.41 -41.16
C SER J 132 -43.41 19.71 -41.46
N GLU J 133 -43.74 19.95 -42.72
CA GLU J 133 -45.12 20.25 -43.11
C GLU J 133 -45.93 18.97 -43.04
N ALA J 134 -45.28 17.82 -43.29
CA ALA J 134 -45.88 16.48 -43.25
C ALA J 134 -46.42 16.22 -41.88
N GLU J 135 -45.59 16.49 -40.85
CA GLU J 135 -45.91 16.35 -39.42
C GLU J 135 -47.13 17.16 -39.03
N ILE J 136 -47.16 18.43 -39.38
CA ILE J 136 -48.30 19.28 -39.04
C ILE J 136 -49.58 18.68 -39.64
N SER J 137 -49.52 18.30 -40.94
CA SER J 137 -50.63 17.72 -41.69
C SER J 137 -51.09 16.37 -41.11
N HIS J 138 -50.13 15.57 -40.59
CA HIS J 138 -50.38 14.24 -40.05
C HIS J 138 -50.79 14.16 -38.59
N THR J 139 -50.42 15.15 -37.76
CA THR J 139 -50.59 15.11 -36.30
C THR J 139 -51.08 16.40 -35.63
N GLN J 140 -51.00 17.53 -36.32
CA GLN J 140 -51.39 18.84 -35.78
C GLN J 140 -50.47 19.25 -34.61
N LYS J 141 -49.25 18.68 -34.63
CA LYS J 141 -48.15 18.95 -33.70
C LYS J 141 -46.99 19.42 -34.58
N ALA J 142 -46.12 20.27 -34.01
CA ALA J 142 -44.97 20.85 -34.69
C ALA J 142 -43.70 20.75 -33.80
N THR J 143 -42.63 20.13 -34.35
CA THR J 143 -41.32 19.93 -33.70
C THR J 143 -40.16 20.73 -34.35
N LEU J 144 -39.63 21.76 -33.62
CA LEU J 144 -38.44 22.50 -34.04
C LEU J 144 -37.30 21.67 -33.47
N VAL J 145 -36.17 21.66 -34.15
CA VAL J 145 -34.97 20.96 -33.70
C VAL J 145 -33.82 21.99 -33.64
N CYS J 146 -32.97 21.84 -32.63
CA CYS J 146 -31.80 22.63 -32.43
C CYS J 146 -30.60 21.74 -32.46
N LEU J 147 -29.66 22.09 -33.31
CA LEU J 147 -28.39 21.39 -33.44
C LEU J 147 -27.31 22.37 -32.98
N ALA J 148 -26.42 21.89 -32.08
CA ALA J 148 -25.24 22.56 -31.54
C ALA J 148 -24.08 21.68 -31.98
N THR J 149 -23.25 22.17 -32.92
CA THR J 149 -22.16 21.39 -33.48
C THR J 149 -20.77 22.05 -33.36
N GLY J 150 -19.74 21.22 -33.53
CA GLY J 150 -18.32 21.55 -33.56
C GLY J 150 -17.77 22.23 -32.33
N PHE J 151 -18.28 21.87 -31.12
CA PHE J 151 -17.76 22.42 -29.88
C PHE J 151 -16.81 21.48 -29.17
N TYR J 152 -15.81 22.06 -28.54
CA TYR J 152 -14.83 21.41 -27.67
C TYR J 152 -14.49 22.36 -26.48
N PRO J 153 -14.52 21.88 -25.22
CA PRO J 153 -14.89 20.54 -24.75
C PRO J 153 -16.40 20.46 -24.59
N ASP J 154 -16.92 19.37 -24.04
CA ASP J 154 -18.35 19.10 -23.78
C ASP J 154 -18.86 19.98 -22.62
N HIS J 155 -20.01 19.62 -22.07
CA HIS J 155 -20.71 20.23 -20.94
C HIS J 155 -21.09 21.65 -21.30
N VAL J 156 -22.12 21.72 -22.10
CA VAL J 156 -22.68 22.91 -22.68
C VAL J 156 -24.10 22.95 -22.16
N GLU J 157 -24.75 24.12 -22.16
CA GLU J 157 -26.12 24.20 -21.67
C GLU J 157 -27.06 24.75 -22.67
N LEU J 158 -27.91 23.85 -23.23
CA LEU J 158 -28.93 24.18 -24.21
C LEU J 158 -30.26 24.52 -23.55
N SER J 159 -30.92 25.60 -24.01
CA SER J 159 -32.22 26.06 -23.52
C SER J 159 -33.04 26.68 -24.63
N TRP J 160 -34.36 26.59 -24.47
CA TRP J 160 -35.38 27.07 -25.38
C TRP J 160 -36.07 28.23 -24.77
N TRP J 161 -36.38 29.19 -25.58
CA TRP J 161 -37.06 30.40 -25.14
C TRP J 161 -38.22 30.65 -26.09
N VAL J 162 -39.40 30.81 -25.52
CA VAL J 162 -40.61 31.10 -26.29
C VAL J 162 -41.14 32.43 -25.79
N ASN J 163 -41.25 33.42 -26.70
CA ASN J 163 -41.69 34.80 -26.41
C ASN J 163 -40.95 35.42 -25.22
N GLY J 164 -39.67 35.09 -25.11
CA GLY J 164 -38.82 35.59 -24.04
C GLY J 164 -38.69 34.73 -22.80
N LYS J 165 -39.70 33.86 -22.51
CA LYS J 165 -39.66 33.02 -21.33
C LYS J 165 -39.02 31.67 -21.65
N GLU J 166 -38.20 31.14 -20.75
CA GLU J 166 -37.60 29.83 -20.95
C GLU J 166 -38.72 28.74 -20.75
N VAL J 167 -38.68 27.65 -21.57
CA VAL J 167 -39.64 26.53 -21.52
C VAL J 167 -38.96 25.19 -21.22
N HIS J 168 -39.67 24.33 -20.48
CA HIS J 168 -39.21 22.98 -20.13
C HIS J 168 -40.19 21.95 -20.61
N SER J 169 -41.45 22.37 -20.79
CA SER J 169 -42.51 21.55 -21.34
C SER J 169 -42.36 21.50 -22.85
N GLY J 170 -42.47 20.30 -23.41
CA GLY J 170 -42.34 20.07 -24.85
C GLY J 170 -40.91 19.87 -25.29
N VAL J 171 -39.98 20.05 -24.38
CA VAL J 171 -38.55 20.02 -24.67
C VAL J 171 -37.91 18.69 -24.39
N CYS J 172 -36.94 18.42 -25.25
CA CYS J 172 -36.14 17.24 -25.20
C CYS J 172 -34.71 17.42 -25.62
N THR J 173 -33.74 17.12 -24.76
CA THR J 173 -32.34 17.34 -25.14
C THR J 173 -31.53 16.12 -24.83
N ASP J 174 -30.67 15.73 -25.76
CA ASP J 174 -29.75 14.60 -25.61
C ASP J 174 -29.05 14.61 -24.26
N PRO J 175 -29.11 13.49 -23.50
CA PRO J 175 -28.45 13.46 -22.19
C PRO J 175 -26.93 13.58 -22.29
N GLN J 176 -26.38 13.19 -23.42
CA GLN J 176 -24.96 13.29 -23.70
C GLN J 176 -24.77 13.74 -25.17
N PRO J 177 -23.67 14.45 -25.50
CA PRO J 177 -23.45 14.80 -26.91
C PRO J 177 -22.82 13.63 -27.64
N LEU J 178 -22.79 13.69 -28.96
CA LEU J 178 -22.08 12.66 -29.70
C LEU J 178 -20.79 13.24 -30.25
N LYS J 179 -19.78 12.41 -30.45
CA LYS J 179 -18.51 12.83 -31.03
C LYS J 179 -18.69 13.02 -32.55
N GLU J 180 -18.16 14.11 -33.09
CA GLU J 180 -18.25 14.41 -34.52
C GLU J 180 -17.34 13.49 -35.32
N GLN J 181 -16.17 13.12 -34.73
CA GLN J 181 -15.18 12.20 -35.32
C GLN J 181 -14.70 11.20 -34.25
N PRO J 182 -15.44 10.09 -34.01
CA PRO J 182 -15.04 9.16 -32.93
C PRO J 182 -13.63 8.56 -33.02
N ALA J 183 -12.98 8.56 -34.22
CA ALA J 183 -11.62 8.07 -34.41
C ALA J 183 -10.53 9.00 -33.79
N LEU J 184 -10.90 10.23 -33.40
CA LEU J 184 -10.01 11.25 -32.84
C LEU J 184 -10.20 11.45 -31.33
N ASN J 185 -9.10 11.68 -30.61
CA ASN J 185 -9.15 11.94 -29.16
C ASN J 185 -9.48 13.43 -28.95
N ASP J 186 -9.21 14.23 -29.99
CA ASP J 186 -9.47 15.67 -30.03
C ASP J 186 -10.96 15.97 -30.32
N SER J 187 -11.68 14.99 -30.89
CA SER J 187 -13.04 15.06 -31.41
C SER J 187 -13.97 16.10 -30.77
N ARG J 188 -14.45 16.99 -31.65
CA ARG J 188 -15.43 18.02 -31.38
C ARG J 188 -16.79 17.31 -31.21
N TYR J 189 -17.76 17.97 -30.56
CA TYR J 189 -19.06 17.36 -30.24
C TYR J 189 -20.23 18.00 -30.93
N ALA J 190 -21.35 17.24 -31.00
CA ALA J 190 -22.63 17.72 -31.53
C ALA J 190 -23.73 17.40 -30.51
N LEU J 191 -24.80 18.19 -30.47
CA LEU J 191 -25.90 17.97 -29.53
C LEU J 191 -27.18 18.47 -30.15
N SER J 192 -28.30 17.77 -29.87
CA SER J 192 -29.62 18.16 -30.35
C SER J 192 -30.66 18.27 -29.25
N SER J 193 -31.74 19.01 -29.56
CA SER J 193 -32.86 19.27 -28.69
C SER J 193 -34.10 19.43 -29.54
N ARG J 194 -35.23 18.99 -29.03
CA ARG J 194 -36.46 19.09 -29.76
C ARG J 194 -37.37 19.94 -28.94
N LEU J 195 -38.24 20.73 -29.59
CA LEU J 195 -39.26 21.50 -28.90
C LEU J 195 -40.51 21.22 -29.70
N ARG J 196 -41.51 20.63 -29.04
CA ARG J 196 -42.74 20.34 -29.70
C ARG J 196 -43.84 21.19 -29.18
N VAL J 197 -44.53 21.86 -30.13
CA VAL J 197 -45.67 22.75 -29.85
C VAL J 197 -46.79 22.34 -30.72
N SER J 198 -48.01 22.76 -30.43
CA SER J 198 -49.17 22.51 -31.27
C SER J 198 -49.05 23.31 -32.58
N ALA J 199 -49.57 22.79 -33.69
CA ALA J 199 -49.58 23.41 -35.02
C ALA J 199 -50.21 24.79 -34.97
N THR J 200 -51.28 24.93 -34.18
CA THR J 200 -51.98 26.19 -33.99
C THR J 200 -51.01 27.28 -33.47
N PHE J 201 -50.08 26.88 -32.58
CA PHE J 201 -49.12 27.75 -31.93
C PHE J 201 -48.00 28.16 -32.88
N TRP J 202 -47.43 27.19 -33.60
CA TRP J 202 -46.37 27.44 -34.54
C TRP J 202 -46.92 28.29 -35.69
N GLN J 203 -48.20 28.10 -36.07
CA GLN J 203 -48.87 28.81 -37.15
C GLN J 203 -49.17 30.27 -36.87
N ASN J 204 -49.10 30.72 -35.61
CA ASN J 204 -49.30 32.10 -35.20
C ASN J 204 -47.96 32.82 -35.41
N PRO J 205 -47.86 33.81 -36.32
CA PRO J 205 -46.55 34.44 -36.58
C PRO J 205 -46.10 35.46 -35.54
N ARG J 206 -46.91 35.62 -34.50
CA ARG J 206 -46.64 36.52 -33.39
C ARG J 206 -45.83 35.75 -32.35
N ASN J 207 -45.64 34.43 -32.61
CA ASN J 207 -44.93 33.53 -31.72
C ASN J 207 -43.47 33.42 -32.09
N HIS J 208 -42.60 33.70 -31.12
CA HIS J 208 -41.16 33.71 -31.27
C HIS J 208 -40.52 32.52 -30.55
N PHE J 209 -39.56 31.89 -31.21
CA PHE J 209 -38.86 30.69 -30.74
C PHE J 209 -37.36 30.90 -30.81
N ARG J 210 -36.66 30.68 -29.71
CA ARG J 210 -35.20 30.83 -29.69
C ARG J 210 -34.58 29.66 -29.02
N CYS J 211 -33.44 29.27 -29.52
CA CYS J 211 -32.65 28.20 -28.93
C CYS J 211 -31.22 28.73 -28.65
N GLN J 212 -30.75 28.63 -27.40
CA GLN J 212 -29.40 29.11 -27.09
C GLN J 212 -28.61 28.12 -26.30
N VAL J 213 -27.29 28.16 -26.52
CA VAL J 213 -26.33 27.26 -25.93
C VAL J 213 -25.25 28.02 -25.13
N GLN J 214 -25.25 27.82 -23.80
CA GLN J 214 -24.19 28.38 -22.99
C GLN J 214 -22.95 27.47 -23.12
N PHE J 215 -21.89 28.01 -23.72
CA PHE J 215 -20.61 27.34 -23.90
C PHE J 215 -19.61 27.94 -22.90
N TYR J 216 -18.73 27.10 -22.37
CA TYR J 216 -17.70 27.46 -21.40
C TYR J 216 -16.37 27.11 -22.02
N GLY J 217 -15.52 28.13 -22.17
CA GLY J 217 -14.22 27.94 -22.79
C GLY J 217 -13.17 28.83 -22.19
N LEU J 218 -12.40 29.50 -23.05
CA LEU J 218 -11.31 30.39 -22.68
C LEU J 218 -11.72 31.61 -21.86
N SER J 219 -10.87 31.90 -20.86
CA SER J 219 -10.99 33.06 -19.99
C SER J 219 -10.35 34.22 -20.71
N GLU J 220 -10.75 35.41 -20.29
CA GLU J 220 -10.33 36.71 -20.77
C GLU J 220 -8.83 36.97 -20.53
N ASN J 221 -8.19 36.20 -19.61
CA ASN J 221 -6.77 36.25 -19.26
C ASN J 221 -5.88 35.22 -20.00
N ASP J 222 -6.48 34.14 -20.58
CA ASP J 222 -5.77 33.06 -21.30
C ASP J 222 -5.08 33.54 -22.60
N GLU J 223 -3.95 32.90 -22.94
CA GLU J 223 -3.16 33.22 -24.14
C GLU J 223 -3.76 32.63 -25.40
N TRP J 224 -3.91 33.47 -26.43
CA TRP J 224 -4.45 33.07 -27.71
C TRP J 224 -3.55 33.59 -28.83
N THR J 225 -3.05 32.68 -29.66
CA THR J 225 -2.13 33.00 -30.74
C THR J 225 -2.71 32.70 -32.14
N GLN J 226 -3.61 31.70 -32.23
CA GLN J 226 -4.27 31.27 -33.46
C GLN J 226 -5.00 32.41 -34.12
N ASP J 227 -5.16 32.32 -35.44
CA ASP J 227 -5.81 33.42 -36.14
C ASP J 227 -7.21 33.02 -36.62
N ARG J 228 -8.03 32.74 -35.60
CA ARG J 228 -9.45 32.43 -35.55
C ARG J 228 -9.89 33.06 -34.22
N ALA J 229 -11.13 33.57 -34.13
CA ALA J 229 -11.60 34.24 -32.91
C ALA J 229 -11.32 33.45 -31.62
N LYS J 230 -10.92 34.17 -30.54
CA LYS J 230 -10.62 33.56 -29.24
C LYS J 230 -11.89 32.84 -28.75
N PRO J 231 -11.77 31.49 -28.51
CA PRO J 231 -12.95 30.68 -28.15
C PRO J 231 -13.33 30.81 -26.68
N VAL J 232 -13.71 32.03 -26.30
CA VAL J 232 -14.09 32.42 -24.94
C VAL J 232 -15.44 31.83 -24.53
N THR J 233 -15.73 31.82 -23.20
CA THR J 233 -17.03 31.41 -22.65
C THR J 233 -18.05 32.35 -23.29
N GLN J 234 -19.17 31.81 -23.84
CA GLN J 234 -20.15 32.62 -24.54
C GLN J 234 -21.49 31.89 -24.71
N ILE J 235 -22.55 32.65 -25.08
CA ILE J 235 -23.90 32.14 -25.39
C ILE J 235 -24.11 32.32 -26.94
N VAL J 236 -24.18 31.18 -27.69
CA VAL J 236 -24.47 31.17 -29.14
C VAL J 236 -25.97 30.85 -29.29
N SER J 237 -26.68 31.59 -30.12
CA SER J 237 -28.11 31.37 -30.27
C SER J 237 -28.61 31.35 -31.70
N ALA J 238 -29.79 30.75 -31.90
CA ALA J 238 -30.50 30.69 -33.17
C ALA J 238 -31.98 30.87 -32.86
N GLU J 239 -32.71 31.46 -33.80
CA GLU J 239 -34.14 31.75 -33.62
C GLU J 239 -34.98 31.48 -34.86
N ALA J 240 -36.30 31.38 -34.67
CA ALA J 240 -37.27 31.20 -35.74
C ALA J 240 -38.59 31.83 -35.33
N TRP J 241 -39.36 32.32 -36.29
CA TRP J 241 -40.66 32.92 -36.02
C TRP J 241 -41.76 32.02 -36.55
N GLY J 242 -42.92 32.05 -35.90
CA GLY J 242 -44.11 31.31 -36.30
C GLY J 242 -44.53 31.56 -37.75
N ARG J 243 -44.92 30.51 -38.49
CA ARG J 243 -45.34 30.64 -39.90
C ARG J 243 -46.81 30.28 -40.10
N ALA J 244 -47.59 31.24 -40.63
CA ALA J 244 -49.01 31.00 -40.96
C ALA J 244 -49.11 29.98 -42.08
N ASP J 245 -48.39 30.25 -43.20
CA ASP J 245 -48.28 29.49 -44.46
C ASP J 245 -49.55 28.64 -44.84
C1 NAG K . 17.23 19.46 -30.70
C2 NAG K . 18.64 19.36 -31.28
C3 NAG K . 19.66 19.81 -30.23
C4 NAG K . 19.35 21.21 -29.72
C5 NAG K . 17.90 21.33 -29.27
C6 NAG K . 17.47 22.77 -29.05
C7 NAG K . 19.23 17.68 -32.98
C8 NAG K . 19.39 16.21 -33.27
N2 NAG K . 18.93 17.99 -31.71
O3 NAG K . 20.96 19.79 -30.83
O4 NAG K . 20.22 21.54 -28.64
O5 NAG K . 17.00 20.81 -30.28
O6 NAG K . 17.32 23.45 -30.29
O7 NAG K . 19.38 18.53 -33.86
MG MG L . 27.68 -11.00 -22.89
MG MG M . 10.96 -23.08 -22.72
S SO4 N . 42.28 -26.87 18.17
O1 SO4 N . 41.73 -27.17 19.48
O2 SO4 N . 43.65 -27.40 18.14
O3 SO4 N . 42.29 -25.41 17.90
O4 SO4 N . 41.47 -27.56 17.14
C1 NAG O . 4.84 24.08 35.85
C2 NAG O . 3.80 25.10 36.34
C3 NAG O . 3.74 26.23 35.32
C4 NAG O . 5.10 26.87 35.09
C5 NAG O . 6.18 25.81 34.84
C6 NAG O . 7.58 26.34 34.92
C7 NAG O . 1.69 24.61 37.50
C8 NAG O . 0.55 23.64 37.60
N2 NAG O . 2.52 24.43 36.47
O3 NAG O . 2.83 27.23 35.79
O4 NAG O . 5.05 27.78 33.99
O5 NAG O . 6.08 24.77 35.83
O6 NAG O . 8.48 25.36 35.45
O7 NAG O . 1.84 25.52 38.32
C1 NAG P . -31.40 -10.68 35.61
C2 NAG P . -32.92 -10.76 35.66
C3 NAG P . -33.29 -12.23 35.42
C4 NAG P . -32.80 -12.69 34.05
C5 NAG P . -31.28 -12.47 33.94
C6 NAG P . -30.77 -12.65 32.53
C7 NAG P . -33.93 -9.03 37.10
C8 NAG P . -34.66 -8.78 38.39
N2 NAG P . -33.48 -10.28 36.91
O3 NAG P . -34.70 -12.41 35.50
O4 NAG P . -33.12 -14.06 33.85
O5 NAG P . -30.96 -11.11 34.31
O6 NAG P . -29.45 -12.11 32.36
O7 NAG P . -33.76 -8.14 36.27
C1 EDO Q . -43.09 25.71 -18.58
O1 EDO Q . -42.48 25.22 -19.74
C2 EDO Q . -42.00 25.80 -17.48
O2 EDO Q . -40.99 26.71 -17.88
#